data_2X6M
# 
_entry.id   2X6M 
# 
_audit_conform.dict_name       mmcif_pdbx.dic 
_audit_conform.dict_version    5.398 
_audit_conform.dict_location   http://mmcif.pdb.org/dictionaries/ascii/mmcif_pdbx.dic 
# 
loop_
_database_2.database_id 
_database_2.database_code 
_database_2.pdbx_database_accession 
_database_2.pdbx_DOI 
PDB   2X6M         pdb_00002x6m 10.2210/pdb2x6m/pdb 
PDBE  EBI-42971    ?            ?                   
WWPDB D_1290042971 ?            ?                   
# 
loop_
_pdbx_audit_revision_history.ordinal 
_pdbx_audit_revision_history.data_content_type 
_pdbx_audit_revision_history.major_revision 
_pdbx_audit_revision_history.minor_revision 
_pdbx_audit_revision_history.revision_date 
1 'Structure model' 1 0 2010-06-23 
2 'Structure model' 1 1 2011-08-24 
3 'Structure model' 1 2 2017-03-29 
4 'Structure model' 1 3 2019-07-24 
5 'Structure model' 1 4 2023-12-20 
6 'Structure model' 1 5 2024-11-13 
# 
_pdbx_audit_revision_details.ordinal             1 
_pdbx_audit_revision_details.revision_ordinal    1 
_pdbx_audit_revision_details.data_content_type   'Structure model' 
_pdbx_audit_revision_details.provider            repository 
_pdbx_audit_revision_details.type                'Initial release' 
_pdbx_audit_revision_details.description         ? 
_pdbx_audit_revision_details.details             ? 
# 
loop_
_pdbx_audit_revision_group.ordinal 
_pdbx_audit_revision_group.revision_ordinal 
_pdbx_audit_revision_group.data_content_type 
_pdbx_audit_revision_group.group 
1  2 'Structure model' 'Database references'       
2  2 'Structure model' 'Structure summary'         
3  2 'Structure model' 'Version format compliance' 
4  3 'Structure model' Other                       
5  4 'Structure model' 'Data collection'           
6  5 'Structure model' 'Data collection'           
7  5 'Structure model' 'Database references'       
8  5 'Structure model' Other                       
9  5 'Structure model' 'Refinement description'    
10 6 'Structure model' 'Structure summary'         
# 
loop_
_pdbx_audit_revision_category.ordinal 
_pdbx_audit_revision_category.revision_ordinal 
_pdbx_audit_revision_category.data_content_type 
_pdbx_audit_revision_category.category 
1 4 'Structure model' diffrn_source                 
2 5 'Structure model' chem_comp_atom                
3 5 'Structure model' chem_comp_bond                
4 5 'Structure model' database_2                    
5 5 'Structure model' pdbx_database_status          
6 5 'Structure model' pdbx_initial_refinement_model 
7 6 'Structure model' pdbx_entry_details            
8 6 'Structure model' pdbx_modification_feature     
# 
loop_
_pdbx_audit_revision_item.ordinal 
_pdbx_audit_revision_item.revision_ordinal 
_pdbx_audit_revision_item.data_content_type 
_pdbx_audit_revision_item.item 
1 4 'Structure model' '_diffrn_source.pdbx_synchrotron_site' 
2 5 'Structure model' '_database_2.pdbx_DOI'                 
3 5 'Structure model' '_database_2.pdbx_database_accession'  
4 5 'Structure model' '_pdbx_database_status.status_code_sf' 
# 
_pdbx_database_status.status_code                     REL 
_pdbx_database_status.entry_id                        2X6M 
_pdbx_database_status.deposit_site                    PDBE 
_pdbx_database_status.process_site                    PDBE 
_pdbx_database_status.SG_entry                        . 
_pdbx_database_status.recvd_initial_deposition_date   2010-02-18 
_pdbx_database_status.pdb_format_compatible           Y 
_pdbx_database_status.status_code_sf                  REL 
_pdbx_database_status.status_code_mr                  ? 
_pdbx_database_status.status_code_cs                  ? 
_pdbx_database_status.methods_development_category    ? 
_pdbx_database_status.status_code_nmr_data            ? 
# 
_pdbx_database_related.db_name        PDB 
_pdbx_database_related.db_id          1XQ8 
_pdbx_database_related.content_type   unspecified 
_pdbx_database_related.details        'HUMAN MICELLE-BOUND ALPHA-SYNUCLEIN' 
# 
loop_
_audit_author.name 
_audit_author.pdbx_ordinal 
'DeGenst, E.'         1  
'Guilliams, T.'       2  
'Wellens, J.'         3  
;O'Day, E.M.
;
4  
'Waudby, C.A.'        5  
'Meehan, S.'          6  
'Dumoulin, M.'        7  
'Hsu, S.-T.D.'        8  
'Cremades, N.'        9  
'Verschueren, K.H.G.' 10 
'Pardon, E.'          11 
'Wyns, L.'            12 
'Steyaert, J.'        13 
'Christodoulou, J.'   14 
'Dobson, C.M.'        15 
# 
_citation.id                        primary 
_citation.title                     
'Structure and Properties of a Complex of Alpha-Synuclein and a Single-Domain Camelid Antibody.' 
_citation.journal_abbrev            J.Mol.Biol. 
_citation.journal_volume            402 
_citation.page_first                326 
_citation.page_last                 ? 
_citation.year                      2010 
_citation.journal_id_ASTM           JMOBAK 
_citation.country                   UK 
_citation.journal_id_ISSN           0022-2836 
_citation.journal_id_CSD            0070 
_citation.book_publisher            ? 
_citation.pdbx_database_id_PubMed   20620148 
_citation.pdbx_database_id_DOI      10.1016/J.JMB.2010.07.001 
# 
loop_
_citation_author.citation_id 
_citation_author.name 
_citation_author.ordinal 
_citation_author.identifier_ORCID 
primary 'De Genst, E.J.'      1  ? 
primary 'Guilliams, T.'       2  ? 
primary 'Wellens, J.'         3  ? 
primary 
;O'Day, E.M.
;
4  ? 
primary 'Waudby, C.A.'        5  ? 
primary 'Meehan, S.'          6  ? 
primary 'Dumoulin, M.'        7  ? 
primary 'Hsu, S.-T.D.'        8  ? 
primary 'Cremades, N.'        9  ? 
primary 'Verschueren, K.H.G.' 10 ? 
primary 'Pardon, E.'          11 ? 
primary 'Wyns, L.'            12 ? 
primary 'Steyaert, J.'        13 ? 
primary 'Christodoulou, J.'   14 ? 
primary 'Dobson, C.M.'        15 ? 
# 
loop_
_entity.id 
_entity.type 
_entity.src_method 
_entity.pdbx_description 
_entity.formula_weight 
_entity.pdbx_number_of_molecules 
_entity.pdbx_ec 
_entity.pdbx_mutation 
_entity.pdbx_fragment 
_entity.details 
1 polymer man 'HEAVY CHAIN VARIABLE DOMAIN FROM DROMEDARY' 13437.815 1   ? ? ? 'ENGINEERED FROM IMMUNISED DROMEDARY' 
2 polymer syn 'ALPHA-SYNUCLEIN PEPTIDE'                    1071.052  1   ? ? 
'C-TERMINAL FRAGMENT OF ALPHA-SYNUCLEIN, RESIDUES 132-140' ?                                     
3 water   nat water                                        18.015    208 ? ? ? ?                                     
# 
loop_
_entity_poly.entity_id 
_entity_poly.type 
_entity_poly.nstd_linkage 
_entity_poly.nstd_monomer 
_entity_poly.pdbx_seq_one_letter_code 
_entity_poly.pdbx_seq_one_letter_code_can 
_entity_poly.pdbx_strand_id 
_entity_poly.pdbx_target_identifier 
1 'polypeptide(L)' no no 
;GQLVESGGGSVQAGGSLRLSCAASGIDSSSYCMGWFRQRPGKEREGVARINGLGGVKTAYADSVKDRFTISRDNAENTVY
LQMNSLKPEDTAIYYCAAKFSPGYCGGSWSNFGYWGQGTQVTVSSH
;
;GQLVESGGGSVQAGGSLRLSCAASGIDSSSYCMGWFRQRPGKEREGVARINGLGGVKTAYADSVKDRFTISRDNAENTVY
LQMNSLKPEDTAIYYCAAKFSPGYCGGSWSNFGYWGQGTQVTVSSH
;
A ? 
2 'polypeptide(L)' no no GYQDYEPEA GYQDYEPEA B ? 
# 
_pdbx_entity_nonpoly.entity_id   3 
_pdbx_entity_nonpoly.name        water 
_pdbx_entity_nonpoly.comp_id     HOH 
# 
loop_
_entity_poly_seq.entity_id 
_entity_poly_seq.num 
_entity_poly_seq.mon_id 
_entity_poly_seq.hetero 
1 1   GLY n 
1 2   GLN n 
1 3   LEU n 
1 4   VAL n 
1 5   GLU n 
1 6   SER n 
1 7   GLY n 
1 8   GLY n 
1 9   GLY n 
1 10  SER n 
1 11  VAL n 
1 12  GLN n 
1 13  ALA n 
1 14  GLY n 
1 15  GLY n 
1 16  SER n 
1 17  LEU n 
1 18  ARG n 
1 19  LEU n 
1 20  SER n 
1 21  CYS n 
1 22  ALA n 
1 23  ALA n 
1 24  SER n 
1 25  GLY n 
1 26  ILE n 
1 27  ASP n 
1 28  SER n 
1 29  SER n 
1 30  SER n 
1 31  TYR n 
1 32  CYS n 
1 33  MET n 
1 34  GLY n 
1 35  TRP n 
1 36  PHE n 
1 37  ARG n 
1 38  GLN n 
1 39  ARG n 
1 40  PRO n 
1 41  GLY n 
1 42  LYS n 
1 43  GLU n 
1 44  ARG n 
1 45  GLU n 
1 46  GLY n 
1 47  VAL n 
1 48  ALA n 
1 49  ARG n 
1 50  ILE n 
1 51  ASN n 
1 52  GLY n 
1 53  LEU n 
1 54  GLY n 
1 55  GLY n 
1 56  VAL n 
1 57  LYS n 
1 58  THR n 
1 59  ALA n 
1 60  TYR n 
1 61  ALA n 
1 62  ASP n 
1 63  SER n 
1 64  VAL n 
1 65  LYS n 
1 66  ASP n 
1 67  ARG n 
1 68  PHE n 
1 69  THR n 
1 70  ILE n 
1 71  SER n 
1 72  ARG n 
1 73  ASP n 
1 74  ASN n 
1 75  ALA n 
1 76  GLU n 
1 77  ASN n 
1 78  THR n 
1 79  VAL n 
1 80  TYR n 
1 81  LEU n 
1 82  GLN n 
1 83  MET n 
1 84  ASN n 
1 85  SER n 
1 86  LEU n 
1 87  LYS n 
1 88  PRO n 
1 89  GLU n 
1 90  ASP n 
1 91  THR n 
1 92  ALA n 
1 93  ILE n 
1 94  TYR n 
1 95  TYR n 
1 96  CYS n 
1 97  ALA n 
1 98  ALA n 
1 99  LYS n 
1 100 PHE n 
1 101 SER n 
1 102 PRO n 
1 103 GLY n 
1 104 TYR n 
1 105 CYS n 
1 106 GLY n 
1 107 GLY n 
1 108 SER n 
1 109 TRP n 
1 110 SER n 
1 111 ASN n 
1 112 PHE n 
1 113 GLY n 
1 114 TYR n 
1 115 TRP n 
1 116 GLY n 
1 117 GLN n 
1 118 GLY n 
1 119 THR n 
1 120 GLN n 
1 121 VAL n 
1 122 THR n 
1 123 VAL n 
1 124 SER n 
1 125 SER n 
1 126 HIS n 
2 1   GLY n 
2 2   TYR n 
2 3   GLN n 
2 4   ASP n 
2 5   TYR n 
2 6   GLU n 
2 7   PRO n 
2 8   GLU n 
2 9   ALA n 
# 
_entity_src_gen.entity_id                          1 
_entity_src_gen.pdbx_src_id                        1 
_entity_src_gen.pdbx_alt_source_flag               sample 
_entity_src_gen.pdbx_seq_type                      ? 
_entity_src_gen.pdbx_beg_seq_num                   ? 
_entity_src_gen.pdbx_end_seq_num                   ? 
_entity_src_gen.gene_src_common_name               DROMEDARY 
_entity_src_gen.gene_src_genus                     ? 
_entity_src_gen.pdbx_gene_src_gene                 ? 
_entity_src_gen.gene_src_species                   ? 
_entity_src_gen.gene_src_strain                    ? 
_entity_src_gen.gene_src_tissue                    BLOOD 
_entity_src_gen.gene_src_tissue_fraction           ? 
_entity_src_gen.gene_src_details                   ? 
_entity_src_gen.pdbx_gene_src_fragment             ? 
_entity_src_gen.pdbx_gene_src_scientific_name      'CAMELUS DROMEDARIUS' 
_entity_src_gen.pdbx_gene_src_ncbi_taxonomy_id     9838 
_entity_src_gen.pdbx_gene_src_variant              ? 
_entity_src_gen.pdbx_gene_src_cell_line            ? 
_entity_src_gen.pdbx_gene_src_atcc                 ? 
_entity_src_gen.pdbx_gene_src_organ                ? 
_entity_src_gen.pdbx_gene_src_organelle            ? 
_entity_src_gen.pdbx_gene_src_cell                 LYMPHOCYTE 
_entity_src_gen.pdbx_gene_src_cellular_location    ? 
_entity_src_gen.host_org_common_name               ? 
_entity_src_gen.pdbx_host_org_scientific_name      'ESCHERICHIA COLI' 
_entity_src_gen.pdbx_host_org_ncbi_taxonomy_id     562 
_entity_src_gen.host_org_genus                     ? 
_entity_src_gen.pdbx_host_org_gene                 ? 
_entity_src_gen.pdbx_host_org_organ                ? 
_entity_src_gen.host_org_species                   ? 
_entity_src_gen.pdbx_host_org_tissue               ? 
_entity_src_gen.pdbx_host_org_tissue_fraction      ? 
_entity_src_gen.pdbx_host_org_strain               WK6 
_entity_src_gen.pdbx_host_org_variant              ? 
_entity_src_gen.pdbx_host_org_cell_line            ? 
_entity_src_gen.pdbx_host_org_atcc                 ? 
_entity_src_gen.pdbx_host_org_culture_collection   ? 
_entity_src_gen.pdbx_host_org_cell                 ? 
_entity_src_gen.pdbx_host_org_organelle            ? 
_entity_src_gen.pdbx_host_org_cellular_location    ? 
_entity_src_gen.pdbx_host_org_vector_type          ? 
_entity_src_gen.pdbx_host_org_vector               PHEN6 
_entity_src_gen.host_org_details                   ? 
_entity_src_gen.expression_system_id               ? 
_entity_src_gen.plasmid_name                       ? 
_entity_src_gen.plasmid_details                    ? 
_entity_src_gen.pdbx_description                   ? 
# 
_pdbx_entity_src_syn.entity_id              2 
_pdbx_entity_src_syn.pdbx_src_id            1 
_pdbx_entity_src_syn.pdbx_alt_source_flag   sample 
_pdbx_entity_src_syn.pdbx_beg_seq_num       ? 
_pdbx_entity_src_syn.pdbx_end_seq_num       ? 
_pdbx_entity_src_syn.organism_scientific    'HOMO SAPIENS' 
_pdbx_entity_src_syn.organism_common_name   HUMAN 
_pdbx_entity_src_syn.ncbi_taxonomy_id       9606 
_pdbx_entity_src_syn.details                ? 
# 
loop_
_chem_comp.id 
_chem_comp.type 
_chem_comp.mon_nstd_flag 
_chem_comp.name 
_chem_comp.pdbx_synonyms 
_chem_comp.formula 
_chem_comp.formula_weight 
ALA 'L-peptide linking' y ALANINE         ? 'C3 H7 N O2'     89.093  
ARG 'L-peptide linking' y ARGININE        ? 'C6 H15 N4 O2 1' 175.209 
ASN 'L-peptide linking' y ASPARAGINE      ? 'C4 H8 N2 O3'    132.118 
ASP 'L-peptide linking' y 'ASPARTIC ACID' ? 'C4 H7 N O4'     133.103 
CYS 'L-peptide linking' y CYSTEINE        ? 'C3 H7 N O2 S'   121.158 
GLN 'L-peptide linking' y GLUTAMINE       ? 'C5 H10 N2 O3'   146.144 
GLU 'L-peptide linking' y 'GLUTAMIC ACID' ? 'C5 H9 N O4'     147.129 
GLY 'peptide linking'   y GLYCINE         ? 'C2 H5 N O2'     75.067  
HIS 'L-peptide linking' y HISTIDINE       ? 'C6 H10 N3 O2 1' 156.162 
HOH non-polymer         . WATER           ? 'H2 O'           18.015  
ILE 'L-peptide linking' y ISOLEUCINE      ? 'C6 H13 N O2'    131.173 
LEU 'L-peptide linking' y LEUCINE         ? 'C6 H13 N O2'    131.173 
LYS 'L-peptide linking' y LYSINE          ? 'C6 H15 N2 O2 1' 147.195 
MET 'L-peptide linking' y METHIONINE      ? 'C5 H11 N O2 S'  149.211 
PHE 'L-peptide linking' y PHENYLALANINE   ? 'C9 H11 N O2'    165.189 
PRO 'L-peptide linking' y PROLINE         ? 'C5 H9 N O2'     115.130 
SER 'L-peptide linking' y SERINE          ? 'C3 H7 N O3'     105.093 
THR 'L-peptide linking' y THREONINE       ? 'C4 H9 N O3'     119.119 
TRP 'L-peptide linking' y TRYPTOPHAN      ? 'C11 H12 N2 O2'  204.225 
TYR 'L-peptide linking' y TYROSINE        ? 'C9 H11 N O3'    181.189 
VAL 'L-peptide linking' y VALINE          ? 'C5 H11 N O2'    117.146 
# 
loop_
_pdbx_poly_seq_scheme.asym_id 
_pdbx_poly_seq_scheme.entity_id 
_pdbx_poly_seq_scheme.seq_id 
_pdbx_poly_seq_scheme.mon_id 
_pdbx_poly_seq_scheme.ndb_seq_num 
_pdbx_poly_seq_scheme.pdb_seq_num 
_pdbx_poly_seq_scheme.auth_seq_num 
_pdbx_poly_seq_scheme.pdb_mon_id 
_pdbx_poly_seq_scheme.auth_mon_id 
_pdbx_poly_seq_scheme.pdb_strand_id 
_pdbx_poly_seq_scheme.pdb_ins_code 
_pdbx_poly_seq_scheme.hetero 
A 1 1   GLY 1   2   2   GLY GLY A . n 
A 1 2   GLN 2   3   3   GLN GLN A . n 
A 1 3   LEU 3   4   4   LEU LEU A . n 
A 1 4   VAL 4   5   5   VAL VAL A . n 
A 1 5   GLU 5   6   6   GLU GLU A . n 
A 1 6   SER 6   7   7   SER SER A . n 
A 1 7   GLY 7   8   8   GLY GLY A . n 
A 1 8   GLY 8   9   9   GLY GLY A . n 
A 1 9   GLY 9   10  10  GLY GLY A . n 
A 1 10  SER 10  11  11  SER SER A . n 
A 1 11  VAL 11  12  12  VAL VAL A . n 
A 1 12  GLN 12  13  13  GLN GLN A . n 
A 1 13  ALA 13  14  14  ALA ALA A . n 
A 1 14  GLY 14  15  15  GLY GLY A . n 
A 1 15  GLY 15  16  16  GLY GLY A . n 
A 1 16  SER 16  17  17  SER SER A . n 
A 1 17  LEU 17  18  18  LEU LEU A . n 
A 1 18  ARG 18  19  19  ARG ARG A . n 
A 1 19  LEU 19  20  20  LEU LEU A . n 
A 1 20  SER 20  21  21  SER SER A . n 
A 1 21  CYS 21  22  22  CYS CYS A . n 
A 1 22  ALA 22  23  23  ALA ALA A . n 
A 1 23  ALA 23  24  24  ALA ALA A . n 
A 1 24  SER 24  25  25  SER SER A . n 
A 1 25  GLY 25  26  26  GLY GLY A . n 
A 1 26  ILE 26  27  27  ILE ILE A . n 
A 1 27  ASP 27  28  28  ASP ASP A . n 
A 1 28  SER 28  29  29  SER SER A . n 
A 1 29  SER 29  30  30  SER SER A . n 
A 1 30  SER 30  31  31  SER SER A . n 
A 1 31  TYR 31  32  32  TYR TYR A . n 
A 1 32  CYS 32  33  33  CYS CYS A . n 
A 1 33  MET 33  34  34  MET MET A . n 
A 1 34  GLY 34  35  35  GLY GLY A . n 
A 1 35  TRP 35  36  36  TRP TRP A . n 
A 1 36  PHE 36  37  37  PHE PHE A . n 
A 1 37  ARG 37  38  38  ARG ARG A . n 
A 1 38  GLN 38  39  39  GLN GLN A . n 
A 1 39  ARG 39  40  40  ARG ARG A . n 
A 1 40  PRO 40  41  41  PRO PRO A . n 
A 1 41  GLY 41  42  42  GLY GLY A . n 
A 1 42  LYS 42  43  43  LYS LYS A . n 
A 1 43  GLU 43  44  44  GLU GLU A . n 
A 1 44  ARG 44  45  45  ARG ARG A . n 
A 1 45  GLU 45  46  46  GLU GLU A . n 
A 1 46  GLY 46  47  47  GLY GLY A . n 
A 1 47  VAL 47  48  48  VAL VAL A . n 
A 1 48  ALA 48  49  49  ALA ALA A . n 
A 1 49  ARG 49  50  50  ARG ARG A . n 
A 1 50  ILE 50  51  51  ILE ILE A . n 
A 1 51  ASN 51  52  52  ASN ASN A . n 
A 1 52  GLY 52  53  53  GLY GLY A . n 
A 1 53  LEU 53  54  54  LEU LEU A . n 
A 1 54  GLY 54  55  55  GLY GLY A . n 
A 1 55  GLY 55  56  56  GLY GLY A . n 
A 1 56  VAL 56  57  57  VAL VAL A . n 
A 1 57  LYS 57  58  58  LYS LYS A . n 
A 1 58  THR 58  59  59  THR THR A . n 
A 1 59  ALA 59  60  60  ALA ALA A . n 
A 1 60  TYR 60  61  61  TYR TYR A . n 
A 1 61  ALA 61  62  62  ALA ALA A . n 
A 1 62  ASP 62  63  63  ASP ASP A . n 
A 1 63  SER 63  64  64  SER SER A . n 
A 1 64  VAL 64  65  65  VAL VAL A . n 
A 1 65  LYS 65  66  66  LYS LYS A . n 
A 1 66  ASP 66  67  67  ASP ASP A . n 
A 1 67  ARG 67  68  68  ARG ARG A . n 
A 1 68  PHE 68  69  69  PHE PHE A . n 
A 1 69  THR 69  70  70  THR THR A . n 
A 1 70  ILE 70  71  71  ILE ILE A . n 
A 1 71  SER 71  72  72  SER SER A . n 
A 1 72  ARG 72  73  73  ARG ARG A . n 
A 1 73  ASP 73  74  74  ASP ASP A . n 
A 1 74  ASN 74  75  75  ASN ASN A . n 
A 1 75  ALA 75  76  76  ALA ALA A . n 
A 1 76  GLU 76  77  77  GLU GLU A . n 
A 1 77  ASN 77  78  78  ASN ASN A . n 
A 1 78  THR 78  79  79  THR THR A . n 
A 1 79  VAL 79  80  80  VAL VAL A . n 
A 1 80  TYR 80  81  81  TYR TYR A . n 
A 1 81  LEU 81  82  82  LEU LEU A . n 
A 1 82  GLN 82  83  83  GLN GLN A . n 
A 1 83  MET 83  84  84  MET MET A . n 
A 1 84  ASN 84  85  85  ASN ASN A . n 
A 1 85  SER 85  86  86  SER SER A . n 
A 1 86  LEU 86  87  87  LEU LEU A . n 
A 1 87  LYS 87  88  88  LYS LYS A . n 
A 1 88  PRO 88  89  89  PRO PRO A . n 
A 1 89  GLU 89  90  90  GLU GLU A . n 
A 1 90  ASP 90  91  91  ASP ASP A . n 
A 1 91  THR 91  92  92  THR THR A . n 
A 1 92  ALA 92  93  93  ALA ALA A . n 
A 1 93  ILE 93  94  94  ILE ILE A . n 
A 1 94  TYR 94  95  95  TYR TYR A . n 
A 1 95  TYR 95  96  96  TYR TYR A . n 
A 1 96  CYS 96  97  97  CYS CYS A . n 
A 1 97  ALA 97  98  98  ALA ALA A . n 
A 1 98  ALA 98  99  99  ALA ALA A . n 
A 1 99  LYS 99  100 100 LYS LYS A . n 
A 1 100 PHE 100 101 101 PHE PHE A . n 
A 1 101 SER 101 102 102 SER SER A . n 
A 1 102 PRO 102 103 103 PRO PRO A . n 
A 1 103 GLY 103 104 104 GLY GLY A . n 
A 1 104 TYR 104 105 105 TYR TYR A . n 
A 1 105 CYS 105 106 106 CYS CYS A . n 
A 1 106 GLY 106 107 107 GLY GLY A . n 
A 1 107 GLY 107 108 108 GLY GLY A . n 
A 1 108 SER 108 109 109 SER SER A . n 
A 1 109 TRP 109 110 110 TRP TRP A . n 
A 1 110 SER 110 111 111 SER SER A . n 
A 1 111 ASN 111 112 112 ASN ASN A . n 
A 1 112 PHE 112 113 113 PHE PHE A . n 
A 1 113 GLY 113 114 114 GLY GLY A . n 
A 1 114 TYR 114 115 115 TYR TYR A . n 
A 1 115 TRP 115 116 116 TRP TRP A . n 
A 1 116 GLY 116 117 117 GLY GLY A . n 
A 1 117 GLN 117 118 118 GLN GLN A . n 
A 1 118 GLY 118 119 119 GLY GLY A . n 
A 1 119 THR 119 120 120 THR THR A . n 
A 1 120 GLN 120 121 121 GLN GLN A . n 
A 1 121 VAL 121 122 122 VAL VAL A . n 
A 1 122 THR 122 123 123 THR THR A . n 
A 1 123 VAL 123 124 124 VAL VAL A . n 
A 1 124 SER 124 125 125 SER SER A . n 
A 1 125 SER 125 126 126 SER SER A . n 
A 1 126 HIS 126 127 127 HIS HIS A . n 
B 2 1   GLY 1   132 ?   ?   ?   B . n 
B 2 2   TYR 2   133 ?   ?   ?   B . n 
B 2 3   GLN 3   134 ?   ?   ?   B . n 
B 2 4   ASP 4   135 135 ASP ASP B . n 
B 2 5   TYR 5   136 136 TYR TYR B . n 
B 2 6   GLU 6   137 137 GLU GLU B . n 
B 2 7   PRO 7   138 138 PRO PRO B . n 
B 2 8   GLU 8   139 139 GLU GLU B . n 
B 2 9   ALA 9   140 140 ALA ALA B . n 
# 
loop_
_pdbx_nonpoly_scheme.asym_id 
_pdbx_nonpoly_scheme.entity_id 
_pdbx_nonpoly_scheme.mon_id 
_pdbx_nonpoly_scheme.ndb_seq_num 
_pdbx_nonpoly_scheme.pdb_seq_num 
_pdbx_nonpoly_scheme.auth_seq_num 
_pdbx_nonpoly_scheme.pdb_mon_id 
_pdbx_nonpoly_scheme.auth_mon_id 
_pdbx_nonpoly_scheme.pdb_strand_id 
_pdbx_nonpoly_scheme.pdb_ins_code 
C 3 HOH 1   2001 2001 HOH HOH A . 
C 3 HOH 2   2002 2002 HOH HOH A . 
C 3 HOH 3   2003 2003 HOH HOH A . 
C 3 HOH 4   2004 2004 HOH HOH A . 
C 3 HOH 5   2005 2005 HOH HOH A . 
C 3 HOH 6   2006 2006 HOH HOH A . 
C 3 HOH 7   2007 2007 HOH HOH A . 
C 3 HOH 8   2008 2008 HOH HOH A . 
C 3 HOH 9   2009 2009 HOH HOH A . 
C 3 HOH 10  2010 2010 HOH HOH A . 
C 3 HOH 11  2011 2011 HOH HOH A . 
C 3 HOH 12  2012 2012 HOH HOH A . 
C 3 HOH 13  2013 2013 HOH HOH A . 
C 3 HOH 14  2014 2014 HOH HOH A . 
C 3 HOH 15  2015 2015 HOH HOH A . 
C 3 HOH 16  2016 2016 HOH HOH A . 
C 3 HOH 17  2017 2017 HOH HOH A . 
C 3 HOH 18  2018 2018 HOH HOH A . 
C 3 HOH 19  2019 2019 HOH HOH A . 
C 3 HOH 20  2020 2020 HOH HOH A . 
C 3 HOH 21  2021 2021 HOH HOH A . 
C 3 HOH 22  2022 2022 HOH HOH A . 
C 3 HOH 23  2023 2023 HOH HOH A . 
C 3 HOH 24  2024 2024 HOH HOH A . 
C 3 HOH 25  2025 2025 HOH HOH A . 
C 3 HOH 26  2026 2026 HOH HOH A . 
C 3 HOH 27  2027 2027 HOH HOH A . 
C 3 HOH 28  2028 2028 HOH HOH A . 
C 3 HOH 29  2029 2029 HOH HOH A . 
C 3 HOH 30  2030 2030 HOH HOH A . 
C 3 HOH 31  2031 2031 HOH HOH A . 
C 3 HOH 32  2032 2032 HOH HOH A . 
C 3 HOH 33  2033 2033 HOH HOH A . 
C 3 HOH 34  2034 2034 HOH HOH A . 
C 3 HOH 35  2035 2035 HOH HOH A . 
C 3 HOH 36  2036 2036 HOH HOH A . 
C 3 HOH 37  2037 2037 HOH HOH A . 
C 3 HOH 38  2038 2038 HOH HOH A . 
C 3 HOH 39  2039 2039 HOH HOH A . 
C 3 HOH 40  2040 2040 HOH HOH A . 
C 3 HOH 41  2041 2041 HOH HOH A . 
C 3 HOH 42  2042 2042 HOH HOH A . 
C 3 HOH 43  2043 2043 HOH HOH A . 
C 3 HOH 44  2044 2044 HOH HOH A . 
C 3 HOH 45  2045 2045 HOH HOH A . 
C 3 HOH 46  2046 2046 HOH HOH A . 
C 3 HOH 47  2047 2047 HOH HOH A . 
C 3 HOH 48  2048 2048 HOH HOH A . 
C 3 HOH 49  2049 2049 HOH HOH A . 
C 3 HOH 50  2050 2050 HOH HOH A . 
C 3 HOH 51  2051 2051 HOH HOH A . 
C 3 HOH 52  2052 2052 HOH HOH A . 
C 3 HOH 53  2053 2053 HOH HOH A . 
C 3 HOH 54  2054 2054 HOH HOH A . 
C 3 HOH 55  2055 2055 HOH HOH A . 
C 3 HOH 56  2056 2056 HOH HOH A . 
C 3 HOH 57  2057 2057 HOH HOH A . 
C 3 HOH 58  2058 2058 HOH HOH A . 
C 3 HOH 59  2059 2059 HOH HOH A . 
C 3 HOH 60  2060 2060 HOH HOH A . 
C 3 HOH 61  2061 2061 HOH HOH A . 
C 3 HOH 62  2062 2062 HOH HOH A . 
C 3 HOH 63  2063 2063 HOH HOH A . 
C 3 HOH 64  2064 2064 HOH HOH A . 
C 3 HOH 65  2065 2065 HOH HOH A . 
C 3 HOH 66  2066 2066 HOH HOH A . 
C 3 HOH 67  2067 2067 HOH HOH A . 
C 3 HOH 68  2068 2068 HOH HOH A . 
C 3 HOH 69  2069 2069 HOH HOH A . 
C 3 HOH 70  2070 2070 HOH HOH A . 
C 3 HOH 71  2071 2071 HOH HOH A . 
C 3 HOH 72  2072 2072 HOH HOH A . 
C 3 HOH 73  2073 2073 HOH HOH A . 
C 3 HOH 74  2074 2074 HOH HOH A . 
C 3 HOH 75  2075 2075 HOH HOH A . 
C 3 HOH 76  2076 2076 HOH HOH A . 
C 3 HOH 77  2077 2077 HOH HOH A . 
C 3 HOH 78  2078 2078 HOH HOH A . 
C 3 HOH 79  2079 2079 HOH HOH A . 
C 3 HOH 80  2080 2080 HOH HOH A . 
C 3 HOH 81  2081 2081 HOH HOH A . 
C 3 HOH 82  2082 2082 HOH HOH A . 
C 3 HOH 83  2083 2083 HOH HOH A . 
C 3 HOH 84  2084 2084 HOH HOH A . 
C 3 HOH 85  2085 2085 HOH HOH A . 
C 3 HOH 86  2086 2086 HOH HOH A . 
C 3 HOH 87  2087 2087 HOH HOH A . 
C 3 HOH 88  2088 2088 HOH HOH A . 
C 3 HOH 89  2089 2089 HOH HOH A . 
C 3 HOH 90  2090 2090 HOH HOH A . 
C 3 HOH 91  2091 2091 HOH HOH A . 
C 3 HOH 92  2092 2092 HOH HOH A . 
C 3 HOH 93  2093 2093 HOH HOH A . 
C 3 HOH 94  2094 2094 HOH HOH A . 
C 3 HOH 95  2095 2095 HOH HOH A . 
C 3 HOH 96  2096 2096 HOH HOH A . 
C 3 HOH 97  2097 2097 HOH HOH A . 
C 3 HOH 98  2098 2098 HOH HOH A . 
C 3 HOH 99  2099 2099 HOH HOH A . 
C 3 HOH 100 2100 2100 HOH HOH A . 
C 3 HOH 101 2101 2101 HOH HOH A . 
C 3 HOH 102 2102 2102 HOH HOH A . 
C 3 HOH 103 2103 2103 HOH HOH A . 
C 3 HOH 104 2104 2104 HOH HOH A . 
C 3 HOH 105 2105 2105 HOH HOH A . 
C 3 HOH 106 2106 2106 HOH HOH A . 
C 3 HOH 107 2107 2107 HOH HOH A . 
C 3 HOH 108 2108 2108 HOH HOH A . 
C 3 HOH 109 2109 2109 HOH HOH A . 
C 3 HOH 110 2110 2110 HOH HOH A . 
C 3 HOH 111 2111 2111 HOH HOH A . 
C 3 HOH 112 2112 2112 HOH HOH A . 
C 3 HOH 113 2113 2113 HOH HOH A . 
C 3 HOH 114 2114 2114 HOH HOH A . 
C 3 HOH 115 2115 2115 HOH HOH A . 
C 3 HOH 116 2116 2116 HOH HOH A . 
C 3 HOH 117 2117 2117 HOH HOH A . 
C 3 HOH 118 2118 2118 HOH HOH A . 
C 3 HOH 119 2119 2119 HOH HOH A . 
C 3 HOH 120 2120 2120 HOH HOH A . 
C 3 HOH 121 2121 2121 HOH HOH A . 
C 3 HOH 122 2122 2122 HOH HOH A . 
C 3 HOH 123 2123 2123 HOH HOH A . 
C 3 HOH 124 2124 2124 HOH HOH A . 
C 3 HOH 125 2125 2125 HOH HOH A . 
C 3 HOH 126 2126 2126 HOH HOH A . 
C 3 HOH 127 2127 2127 HOH HOH A . 
C 3 HOH 128 2128 2128 HOH HOH A . 
C 3 HOH 129 2129 2129 HOH HOH A . 
C 3 HOH 130 2130 2130 HOH HOH A . 
C 3 HOH 131 2131 2131 HOH HOH A . 
C 3 HOH 132 2132 2132 HOH HOH A . 
C 3 HOH 133 2133 2133 HOH HOH A . 
C 3 HOH 134 2134 2134 HOH HOH A . 
C 3 HOH 135 2135 2135 HOH HOH A . 
C 3 HOH 136 2136 2136 HOH HOH A . 
C 3 HOH 137 2137 2137 HOH HOH A . 
C 3 HOH 138 2138 2138 HOH HOH A . 
C 3 HOH 139 2139 2139 HOH HOH A . 
C 3 HOH 140 2140 2140 HOH HOH A . 
C 3 HOH 141 2141 2141 HOH HOH A . 
C 3 HOH 142 2142 2142 HOH HOH A . 
C 3 HOH 143 2143 2143 HOH HOH A . 
C 3 HOH 144 2144 2144 HOH HOH A . 
C 3 HOH 145 2145 2145 HOH HOH A . 
C 3 HOH 146 2146 2146 HOH HOH A . 
C 3 HOH 147 2147 2147 HOH HOH A . 
C 3 HOH 148 2148 2148 HOH HOH A . 
C 3 HOH 149 2149 2149 HOH HOH A . 
C 3 HOH 150 2150 2150 HOH HOH A . 
C 3 HOH 151 2151 2151 HOH HOH A . 
C 3 HOH 152 2152 2152 HOH HOH A . 
C 3 HOH 153 2153 2153 HOH HOH A . 
C 3 HOH 154 2154 2154 HOH HOH A . 
C 3 HOH 155 2155 2155 HOH HOH A . 
C 3 HOH 156 2156 2156 HOH HOH A . 
C 3 HOH 157 2157 2157 HOH HOH A . 
C 3 HOH 158 2158 2158 HOH HOH A . 
C 3 HOH 159 2159 2159 HOH HOH A . 
C 3 HOH 160 2160 2160 HOH HOH A . 
C 3 HOH 161 2161 2161 HOH HOH A . 
C 3 HOH 162 2162 2162 HOH HOH A . 
C 3 HOH 163 2163 2163 HOH HOH A . 
C 3 HOH 164 2164 2164 HOH HOH A . 
C 3 HOH 165 2165 2165 HOH HOH A . 
C 3 HOH 166 2166 2166 HOH HOH A . 
C 3 HOH 167 2167 2167 HOH HOH A . 
C 3 HOH 168 2168 2168 HOH HOH A . 
C 3 HOH 169 2169 2169 HOH HOH A . 
C 3 HOH 170 2170 2170 HOH HOH A . 
C 3 HOH 171 2171 2171 HOH HOH A . 
C 3 HOH 172 2172 2172 HOH HOH A . 
C 3 HOH 173 2173 2173 HOH HOH A . 
C 3 HOH 174 2174 2174 HOH HOH A . 
C 3 HOH 175 2175 2175 HOH HOH A . 
C 3 HOH 176 2176 2176 HOH HOH A . 
C 3 HOH 177 2177 2177 HOH HOH A . 
C 3 HOH 178 2178 2178 HOH HOH A . 
C 3 HOH 179 2179 2179 HOH HOH A . 
C 3 HOH 180 2180 2180 HOH HOH A . 
C 3 HOH 181 2181 2181 HOH HOH A . 
C 3 HOH 182 2182 2182 HOH HOH A . 
C 3 HOH 183 2183 2183 HOH HOH A . 
C 3 HOH 184 2184 2184 HOH HOH A . 
C 3 HOH 185 2185 2185 HOH HOH A . 
C 3 HOH 186 2186 2186 HOH HOH A . 
C 3 HOH 187 2187 2187 HOH HOH A . 
C 3 HOH 188 2188 2188 HOH HOH A . 
C 3 HOH 189 2189 2189 HOH HOH A . 
C 3 HOH 190 2190 2190 HOH HOH A . 
C 3 HOH 191 2191 2191 HOH HOH A . 
C 3 HOH 192 2192 2192 HOH HOH A . 
C 3 HOH 193 2193 2193 HOH HOH A . 
C 3 HOH 194 2194 2194 HOH HOH A . 
D 3 HOH 1   2001 2001 HOH HOH B . 
D 3 HOH 2   2002 2002 HOH HOH B . 
D 3 HOH 3   2003 2003 HOH HOH B . 
D 3 HOH 4   2004 2004 HOH HOH B . 
D 3 HOH 5   2005 2005 HOH HOH B . 
D 3 HOH 6   2006 2006 HOH HOH B . 
D 3 HOH 7   2007 2007 HOH HOH B . 
D 3 HOH 8   2008 2008 HOH HOH B . 
D 3 HOH 9   2009 2009 HOH HOH B . 
D 3 HOH 10  2010 2010 HOH HOH B . 
D 3 HOH 11  2011 2011 HOH HOH B . 
D 3 HOH 12  2012 2012 HOH HOH B . 
D 3 HOH 13  2013 2013 HOH HOH B . 
D 3 HOH 14  2014 2014 HOH HOH B . 
# 
loop_
_software.name 
_software.classification 
_software.version 
_software.citation_id 
_software.pdbx_ordinal 
_software.date 
_software.type 
_software.location 
_software.language 
REFMAC refinement       5.5.0102 ? 1 ? ? ? ? 
MOSFLM 'data reduction' .        ? 2 ? ? ? ? 
SCALA  'data scaling'   .        ? 3 ? ? ? ? 
PHASER phasing          .        ? 4 ? ? ? ? 
# 
_cell.entry_id           2X6M 
_cell.length_a           60.170 
_cell.length_b           63.120 
_cell.length_c           62.870 
_cell.angle_alpha        90.00 
_cell.angle_beta         90.00 
_cell.angle_gamma        90.00 
_cell.Z_PDB              8 
_cell.pdbx_unique_axis   ? 
# 
_symmetry.entry_id                         2X6M 
_symmetry.space_group_name_H-M             'C 2 2 21' 
_symmetry.pdbx_full_space_group_name_H-M   ? 
_symmetry.cell_setting                     ? 
_symmetry.Int_Tables_number                20 
# 
_exptl.entry_id          2X6M 
_exptl.method            'X-RAY DIFFRACTION' 
_exptl.crystals_number   1 
# 
_exptl_crystal.id                    1 
_exptl_crystal.density_meas          ? 
_exptl_crystal.density_Matthews      2.01 
_exptl_crystal.density_percent_sol   38.84 
_exptl_crystal.description           NONE 
_exptl_crystal.preparation           ? 
# 
_exptl_crystal_grow.crystal_id      1 
_exptl_crystal_grow.method          ? 
_exptl_crystal_grow.temp            ? 
_exptl_crystal_grow.temp_details    ? 
_exptl_crystal_grow.pH              7.5 
_exptl_crystal_grow.pdbx_pH_range   ? 
_exptl_crystal_grow.pdbx_details    '25% PEG6000, 100 MM HEPES PH 7.5, 100 MM LICL' 
# 
_diffrn.id                     1 
_diffrn.ambient_temp           173 
_diffrn.ambient_temp_details   ? 
_diffrn.crystal_id             1 
# 
_diffrn_detector.diffrn_id              1 
_diffrn_detector.detector               'IMAGE PLATE' 
_diffrn_detector.type                   'MAR555 FLAT PANEL' 
_diffrn_detector.pdbx_collection_date   ? 
_diffrn_detector.details                ? 
# 
_diffrn_radiation.diffrn_id                        1 
_diffrn_radiation.wavelength_id                    1 
_diffrn_radiation.pdbx_monochromatic_or_laue_m_l   M 
_diffrn_radiation.monochromator                    'SI(111)' 
_diffrn_radiation.pdbx_diffrn_protocol             'SINGLE WAVELENGTH' 
_diffrn_radiation.pdbx_scattering_type             x-ray 
# 
_diffrn_radiation_wavelength.id           1 
_diffrn_radiation_wavelength.wavelength   0.8150 
_diffrn_radiation_wavelength.wt           1.0 
# 
_diffrn_source.diffrn_id                   1 
_diffrn_source.source                      SYNCHROTRON 
_diffrn_source.type                        'EMBL/DESY, HAMBURG BEAMLINE X11' 
_diffrn_source.pdbx_synchrotron_site       'EMBL/DESY, HAMBURG' 
_diffrn_source.pdbx_synchrotron_beamline   X11 
_diffrn_source.pdbx_wavelength             0.8150 
_diffrn_source.pdbx_wavelength_list        ? 
# 
_reflns.pdbx_diffrn_id               1 
_reflns.pdbx_ordinal                 1 
_reflns.entry_id                     2X6M 
_reflns.observed_criterion_sigma_I   0.0 
_reflns.observed_criterion_sigma_F   ? 
_reflns.d_resolution_low             30.00 
_reflns.d_resolution_high            1.62 
_reflns.number_obs                   15482 
_reflns.number_all                   ? 
_reflns.percent_possible_obs         99.9 
_reflns.pdbx_Rmerge_I_obs            0.12 
_reflns.pdbx_Rsym_value              ? 
_reflns.pdbx_netI_over_sigmaI        23.30 
_reflns.B_iso_Wilson_estimate        18.126 
_reflns.pdbx_redundancy              14.3 
# 
_reflns_shell.pdbx_diffrn_id         1 
_reflns_shell.pdbx_ordinal           1 
_reflns_shell.d_res_high             1.62 
_reflns_shell.d_res_low              1.71 
_reflns_shell.percent_possible_all   99.9 
_reflns_shell.Rmerge_I_obs           0.54 
_reflns_shell.pdbx_Rsym_value        ? 
_reflns_shell.meanI_over_sigI_obs    4.30 
_reflns_shell.pdbx_redundancy        14.2 
# 
_refine.pdbx_refine_id                           'X-RAY DIFFRACTION' 
_refine.entry_id                                 2X6M 
_refine.pdbx_diffrn_id                           1 
_refine.pdbx_TLS_residual_ADP_flag               ? 
_refine.ls_number_reflns_obs                     14361 
_refine.ls_number_reflns_all                     ? 
_refine.pdbx_ls_sigma_I                          ? 
_refine.pdbx_ls_sigma_F                          . 
_refine.pdbx_data_cutoff_high_absF               ? 
_refine.pdbx_data_cutoff_low_absF                ? 
_refine.pdbx_data_cutoff_high_rms_absF           ? 
_refine.ls_d_res_low                             43.56 
_refine.ls_d_res_high                            1.62 
_refine.ls_percent_reflns_obs                    99.93 
_refine.ls_R_factor_obs                          0.15960 
_refine.ls_R_factor_all                          ? 
_refine.ls_R_factor_R_work                       0.15634 
_refine.ls_R_factor_R_free                       0.20258 
_refine.ls_R_factor_R_free_error                 ? 
_refine.ls_R_factor_R_free_error_details         ? 
_refine.ls_percent_reflns_R_free                 7.1 
_refine.ls_number_reflns_R_free                  1101 
_refine.ls_number_parameters                     ? 
_refine.ls_number_restraints                     ? 
_refine.occupancy_min                            ? 
_refine.occupancy_max                            ? 
_refine.correlation_coeff_Fo_to_Fc               0.970 
_refine.correlation_coeff_Fo_to_Fc_free          0.950 
_refine.B_iso_mean                               17.910 
_refine.aniso_B[1][1]                            -0.47 
_refine.aniso_B[2][2]                            -0.19 
_refine.aniso_B[3][3]                            0.66 
_refine.aniso_B[1][2]                            0.00 
_refine.aniso_B[1][3]                            0.00 
_refine.aniso_B[2][3]                            0.00 
_refine.solvent_model_details                    'BABINET MODEL WITH MASK' 
_refine.solvent_model_param_ksol                 ? 
_refine.solvent_model_param_bsol                 ? 
_refine.pdbx_solvent_vdw_probe_radii             1.40 
_refine.pdbx_solvent_ion_probe_radii             0.80 
_refine.pdbx_solvent_shrinkage_radii             0.80 
_refine.pdbx_ls_cross_valid_method               THROUGHOUT 
_refine.details                                  
;HYDROGENS HAVE BEEN ADDED IN THE RIDING POSITIONS.U VALUES RESIDUAL ONLY. ATOM RECORD CONTAINS SUM OF TLS AND RESIDUAL B FACTORS.ANISOU RECORD CONTAINS SUM OF TLS AND RESIDUAL U FACTORS.
;
_refine.pdbx_starting_model                      'PDB ENTRY 1HCV' 
_refine.pdbx_method_to_determine_struct          'MOLECULAR REPLACEMENT' 
_refine.pdbx_isotropic_thermal_model             ? 
_refine.pdbx_stereochemistry_target_values       'MAXIMUM LIKELIHOOD' 
_refine.pdbx_stereochem_target_val_spec_case     ? 
_refine.pdbx_R_Free_selection_details            RANDOM 
_refine.pdbx_overall_ESU_R                       0.094 
_refine.pdbx_overall_ESU_R_Free                  0.099 
_refine.overall_SU_ML                            0.056 
_refine.pdbx_overall_phase_error                 ? 
_refine.overall_SU_B                             3.577 
_refine.overall_SU_R_Cruickshank_DPI             ? 
_refine.pdbx_overall_SU_R_free_Cruickshank_DPI   ? 
_refine.pdbx_overall_SU_R_Blow_DPI               ? 
_refine.pdbx_overall_SU_R_free_Blow_DPI          ? 
# 
_refine_hist.pdbx_refine_id                   'X-RAY DIFFRACTION' 
_refine_hist.cycle_id                         LAST 
_refine_hist.pdbx_number_atoms_protein        993 
_refine_hist.pdbx_number_atoms_nucleic_acid   0 
_refine_hist.pdbx_number_atoms_ligand         0 
_refine_hist.number_atoms_solvent             208 
_refine_hist.number_atoms_total               1201 
_refine_hist.d_res_high                       1.62 
_refine_hist.d_res_low                        43.56 
# 
loop_
_refine_ls_restr.type 
_refine_ls_restr.dev_ideal 
_refine_ls_restr.dev_ideal_target 
_refine_ls_restr.weight 
_refine_ls_restr.number 
_refine_ls_restr.pdbx_refine_id 
_refine_ls_restr.pdbx_restraint_function 
r_bond_refined_d             0.018  0.021  ? 1060 'X-RAY DIFFRACTION' ? 
r_bond_other_d               ?      ?      ? ?    'X-RAY DIFFRACTION' ? 
r_angle_refined_deg          1.693  1.938  ? 1446 'X-RAY DIFFRACTION' ? 
r_angle_other_deg            ?      ?      ? ?    'X-RAY DIFFRACTION' ? 
r_dihedral_angle_1_deg       7.031  5.000  ? 147  'X-RAY DIFFRACTION' ? 
r_dihedral_angle_2_deg       33.154 23.878 ? 49   'X-RAY DIFFRACTION' ? 
r_dihedral_angle_3_deg       12.931 15.000 ? 166  'X-RAY DIFFRACTION' ? 
r_dihedral_angle_4_deg       24.031 15.000 ? 7    'X-RAY DIFFRACTION' ? 
r_chiral_restr               0.147  0.200  ? 146  'X-RAY DIFFRACTION' ? 
r_gen_planes_refined         0.015  0.021  ? 843  'X-RAY DIFFRACTION' ? 
r_gen_planes_other           ?      ?      ? ?    'X-RAY DIFFRACTION' ? 
r_nbd_refined                ?      ?      ? ?    'X-RAY DIFFRACTION' ? 
r_nbd_other                  ?      ?      ? ?    'X-RAY DIFFRACTION' ? 
r_nbtor_refined              ?      ?      ? ?    'X-RAY DIFFRACTION' ? 
r_nbtor_other                ?      ?      ? ?    'X-RAY DIFFRACTION' ? 
r_xyhbond_nbd_refined        ?      ?      ? ?    'X-RAY DIFFRACTION' ? 
r_xyhbond_nbd_other          ?      ?      ? ?    'X-RAY DIFFRACTION' ? 
r_metal_ion_refined          ?      ?      ? ?    'X-RAY DIFFRACTION' ? 
r_metal_ion_other            ?      ?      ? ?    'X-RAY DIFFRACTION' ? 
r_symmetry_vdw_refined       ?      ?      ? ?    'X-RAY DIFFRACTION' ? 
r_symmetry_vdw_other         ?      ?      ? ?    'X-RAY DIFFRACTION' ? 
r_symmetry_hbond_refined     ?      ?      ? ?    'X-RAY DIFFRACTION' ? 
r_symmetry_hbond_other       ?      ?      ? ?    'X-RAY DIFFRACTION' ? 
r_symmetry_metal_ion_refined ?      ?      ? ?    'X-RAY DIFFRACTION' ? 
r_symmetry_metal_ion_other   ?      ?      ? ?    'X-RAY DIFFRACTION' ? 
r_mcbond_it                  1.531  1.500  ? 671  'X-RAY DIFFRACTION' ? 
r_mcbond_other               ?      ?      ? ?    'X-RAY DIFFRACTION' ? 
r_mcangle_it                 2.481  2.000  ? 1068 'X-RAY DIFFRACTION' ? 
r_mcangle_other              ?      ?      ? ?    'X-RAY DIFFRACTION' ? 
r_scbond_it                  3.561  3.000  ? 389  'X-RAY DIFFRACTION' ? 
r_scbond_other               ?      ?      ? ?    'X-RAY DIFFRACTION' ? 
r_scangle_it                 5.539  4.500  ? 369  'X-RAY DIFFRACTION' ? 
r_scangle_other              ?      ?      ? ?    'X-RAY DIFFRACTION' ? 
r_long_range_B_refined       ?      ?      ? ?    'X-RAY DIFFRACTION' ? 
r_long_range_B_other         ?      ?      ? ?    'X-RAY DIFFRACTION' ? 
r_rigid_bond_restr           ?      ?      ? ?    'X-RAY DIFFRACTION' ? 
r_sphericity_free            ?      ?      ? ?    'X-RAY DIFFRACTION' ? 
r_sphericity_bonded          ?      ?      ? ?    'X-RAY DIFFRACTION' ? 
# 
_refine_ls_shell.pdbx_refine_id                   'X-RAY DIFFRACTION' 
_refine_ls_shell.pdbx_total_number_of_bins_used   20 
_refine_ls_shell.d_res_high                       1.623 
_refine_ls_shell.d_res_low                        1.665 
_refine_ls_shell.number_reflns_R_work             1032 
_refine_ls_shell.R_factor_R_work                  0.318 
_refine_ls_shell.percent_reflns_obs               99.73 
_refine_ls_shell.R_factor_R_free                  0.458 
_refine_ls_shell.R_factor_R_free_error            ? 
_refine_ls_shell.percent_reflns_R_free            ? 
_refine_ls_shell.number_reflns_R_free             87 
_refine_ls_shell.number_reflns_all                ? 
_refine_ls_shell.R_factor_all                     ? 
# 
_struct.entry_id                  2X6M 
_struct.title                     
'Structure of a single domain camelid antibody fragment in complex with a C-terminal peptide of alpha-synuclein' 
_struct.pdbx_model_details        ? 
_struct.pdbx_CASP_flag            ? 
_struct.pdbx_model_type_details   ? 
# 
_struct_keywords.entry_id        2X6M 
_struct_keywords.pdbx_keywords   'IMMUNE SYSTEM' 
_struct_keywords.text            
;IMMUNE SYSTEM, PARKINSON'S DISEASE, ALZHEIMER DISEASE AMYLOID, NANOBODY, AFFINITY TAG
;
# 
loop_
_struct_asym.id 
_struct_asym.pdbx_blank_PDB_chainid_flag 
_struct_asym.pdbx_modified 
_struct_asym.entity_id 
_struct_asym.details 
A N N 1 ? 
B N N 2 ? 
C N N 3 ? 
D N N 3 ? 
# 
loop_
_struct_ref.id 
_struct_ref.db_name 
_struct_ref.db_code 
_struct_ref.entity_id 
_struct_ref.pdbx_seq_one_letter_code 
_struct_ref.pdbx_align_begin 
_struct_ref.pdbx_db_accession 
_struct_ref.pdbx_db_isoform 
1 PDB 2X6M       1 ? ? 2X6M   ? 
2 UNP SYUA_HUMAN 2 ? ? P37840 ? 
# 
loop_
_struct_ref_seq.align_id 
_struct_ref_seq.ref_id 
_struct_ref_seq.pdbx_PDB_id_code 
_struct_ref_seq.pdbx_strand_id 
_struct_ref_seq.seq_align_beg 
_struct_ref_seq.pdbx_seq_align_beg_ins_code 
_struct_ref_seq.seq_align_end 
_struct_ref_seq.pdbx_seq_align_end_ins_code 
_struct_ref_seq.pdbx_db_accession 
_struct_ref_seq.db_align_beg 
_struct_ref_seq.pdbx_db_align_beg_ins_code 
_struct_ref_seq.db_align_end 
_struct_ref_seq.pdbx_db_align_end_ins_code 
_struct_ref_seq.pdbx_auth_seq_align_beg 
_struct_ref_seq.pdbx_auth_seq_align_end 
1 1 2X6M A 1 ? 126 ? 2X6M   2   ? 127 ? 2   127 
2 2 2X6M B 1 ? 9   ? P37840 132 ? 140 ? 132 140 
# 
_pdbx_struct_assembly.id                   1 
_pdbx_struct_assembly.details              author_and_software_defined_assembly 
_pdbx_struct_assembly.method_details       PISA 
_pdbx_struct_assembly.oligomeric_details   dimeric 
_pdbx_struct_assembly.oligomeric_count     2 
# 
loop_
_pdbx_struct_assembly_prop.biol_id 
_pdbx_struct_assembly_prop.type 
_pdbx_struct_assembly_prop.value 
_pdbx_struct_assembly_prop.details 
1 'ABSA (A^2)' 620  ? 
1 MORE         -0.8 ? 
1 'SSA (A^2)'  6540 ? 
# 
_pdbx_struct_assembly_gen.assembly_id       1 
_pdbx_struct_assembly_gen.oper_expression   1 
_pdbx_struct_assembly_gen.asym_id_list      A,B,C,D 
# 
_pdbx_struct_oper_list.id                   1 
_pdbx_struct_oper_list.type                 'identity operation' 
_pdbx_struct_oper_list.name                 1_555 
_pdbx_struct_oper_list.symmetry_operation   x,y,z 
_pdbx_struct_oper_list.matrix[1][1]         1.0000000000 
_pdbx_struct_oper_list.matrix[1][2]         0.0000000000 
_pdbx_struct_oper_list.matrix[1][3]         0.0000000000 
_pdbx_struct_oper_list.vector[1]            0.0000000000 
_pdbx_struct_oper_list.matrix[2][1]         0.0000000000 
_pdbx_struct_oper_list.matrix[2][2]         1.0000000000 
_pdbx_struct_oper_list.matrix[2][3]         0.0000000000 
_pdbx_struct_oper_list.vector[2]            0.0000000000 
_pdbx_struct_oper_list.matrix[3][1]         0.0000000000 
_pdbx_struct_oper_list.matrix[3][2]         0.0000000000 
_pdbx_struct_oper_list.matrix[3][3]         1.0000000000 
_pdbx_struct_oper_list.vector[3]            0.0000000000 
# 
loop_
_struct_conf.conf_type_id 
_struct_conf.id 
_struct_conf.pdbx_PDB_helix_id 
_struct_conf.beg_label_comp_id 
_struct_conf.beg_label_asym_id 
_struct_conf.beg_label_seq_id 
_struct_conf.pdbx_beg_PDB_ins_code 
_struct_conf.end_label_comp_id 
_struct_conf.end_label_asym_id 
_struct_conf.end_label_seq_id 
_struct_conf.pdbx_end_PDB_ins_code 
_struct_conf.beg_auth_comp_id 
_struct_conf.beg_auth_asym_id 
_struct_conf.beg_auth_seq_id 
_struct_conf.end_auth_comp_id 
_struct_conf.end_auth_asym_id 
_struct_conf.end_auth_seq_id 
_struct_conf.pdbx_PDB_helix_class 
_struct_conf.details 
_struct_conf.pdbx_PDB_helix_length 
HELX_P HELX_P1 1 ASP A 27 ? TYR A 31 ? ASP A 28 TYR A 32 5 ? 5 
HELX_P HELX_P2 2 ASP A 62 ? LYS A 65 ? ASP A 63 LYS A 66 5 ? 4 
HELX_P HELX_P3 3 ASN A 74 ? GLU A 76 ? ASN A 75 GLU A 77 5 ? 3 
HELX_P HELX_P4 4 LYS A 87 ? THR A 91 ? LYS A 88 THR A 92 5 ? 5 
# 
_struct_conf_type.id          HELX_P 
_struct_conf_type.criteria    ? 
_struct_conf_type.reference   ? 
# 
loop_
_struct_conn.id 
_struct_conn.conn_type_id 
_struct_conn.pdbx_leaving_atom_flag 
_struct_conn.pdbx_PDB_id 
_struct_conn.ptnr1_label_asym_id 
_struct_conn.ptnr1_label_comp_id 
_struct_conn.ptnr1_label_seq_id 
_struct_conn.ptnr1_label_atom_id 
_struct_conn.pdbx_ptnr1_label_alt_id 
_struct_conn.pdbx_ptnr1_PDB_ins_code 
_struct_conn.pdbx_ptnr1_standard_comp_id 
_struct_conn.ptnr1_symmetry 
_struct_conn.ptnr2_label_asym_id 
_struct_conn.ptnr2_label_comp_id 
_struct_conn.ptnr2_label_seq_id 
_struct_conn.ptnr2_label_atom_id 
_struct_conn.pdbx_ptnr2_label_alt_id 
_struct_conn.pdbx_ptnr2_PDB_ins_code 
_struct_conn.ptnr1_auth_asym_id 
_struct_conn.ptnr1_auth_comp_id 
_struct_conn.ptnr1_auth_seq_id 
_struct_conn.ptnr2_auth_asym_id 
_struct_conn.ptnr2_auth_comp_id 
_struct_conn.ptnr2_auth_seq_id 
_struct_conn.ptnr2_symmetry 
_struct_conn.pdbx_ptnr3_label_atom_id 
_struct_conn.pdbx_ptnr3_label_seq_id 
_struct_conn.pdbx_ptnr3_label_comp_id 
_struct_conn.pdbx_ptnr3_label_asym_id 
_struct_conn.pdbx_ptnr3_label_alt_id 
_struct_conn.pdbx_ptnr3_PDB_ins_code 
_struct_conn.details 
_struct_conn.pdbx_dist_value 
_struct_conn.pdbx_value_order 
_struct_conn.pdbx_role 
disulf1 disulf ? ? A CYS 21 SG A ? ? 1_555 A CYS 96  SG A ? A CYS 22 A CYS 97  1_555 ? ? ? ? ? ? ? 1.934 ? ? 
disulf2 disulf ? ? A CYS 21 SG B ? ? 1_555 A CYS 96  SG B ? A CYS 22 A CYS 97  1_555 ? ? ? ? ? ? ? 2.070 ? ? 
disulf3 disulf ? ? A CYS 32 SG ? ? ? 1_555 A CYS 105 SG ? ? A CYS 33 A CYS 106 1_555 ? ? ? ? ? ? ? 2.091 ? ? 
# 
_struct_conn_type.id          disulf 
_struct_conn_type.criteria    ? 
_struct_conn_type.reference   ? 
# 
loop_
_pdbx_modification_feature.ordinal 
_pdbx_modification_feature.label_comp_id 
_pdbx_modification_feature.label_asym_id 
_pdbx_modification_feature.label_seq_id 
_pdbx_modification_feature.label_alt_id 
_pdbx_modification_feature.modified_residue_label_comp_id 
_pdbx_modification_feature.modified_residue_label_asym_id 
_pdbx_modification_feature.modified_residue_label_seq_id 
_pdbx_modification_feature.modified_residue_label_alt_id 
_pdbx_modification_feature.auth_comp_id 
_pdbx_modification_feature.auth_asym_id 
_pdbx_modification_feature.auth_seq_id 
_pdbx_modification_feature.PDB_ins_code 
_pdbx_modification_feature.symmetry 
_pdbx_modification_feature.modified_residue_auth_comp_id 
_pdbx_modification_feature.modified_residue_auth_asym_id 
_pdbx_modification_feature.modified_residue_auth_seq_id 
_pdbx_modification_feature.modified_residue_PDB_ins_code 
_pdbx_modification_feature.modified_residue_symmetry 
_pdbx_modification_feature.comp_id_linking_atom 
_pdbx_modification_feature.modified_residue_id_linking_atom 
_pdbx_modification_feature.modified_residue_id 
_pdbx_modification_feature.ref_pcm_id 
_pdbx_modification_feature.ref_comp_id 
_pdbx_modification_feature.type 
_pdbx_modification_feature.category 
1 CYS A 21 A CYS A 96  A CYS A 22 ? 1_555 CYS A 97  ? 1_555 SG SG . . . None 'Disulfide bridge' 
2 CYS A 21 B CYS A 96  B CYS A 22 ? 1_555 CYS A 97  ? 1_555 SG SG . . . None 'Disulfide bridge' 
3 CYS A 32 ? CYS A 105 ? CYS A 33 ? 1_555 CYS A 106 ? 1_555 SG SG . . . None 'Disulfide bridge' 
# 
loop_
_struct_sheet.id 
_struct_sheet.type 
_struct_sheet.number_strands 
_struct_sheet.details 
AA ? 4 ? 
AB ? 4 ? 
AC ? 6 ? 
AD ? 2 ? 
# 
loop_
_struct_sheet_order.sheet_id 
_struct_sheet_order.range_id_1 
_struct_sheet_order.range_id_2 
_struct_sheet_order.offset 
_struct_sheet_order.sense 
AA 1 2 ? anti-parallel 
AA 2 3 ? anti-parallel 
AA 3 4 ? anti-parallel 
AB 1 2 ? parallel      
AB 2 3 ? anti-parallel 
AB 3 4 ? anti-parallel 
AC 1 2 ? parallel      
AC 2 3 ? anti-parallel 
AC 3 4 ? anti-parallel 
AC 4 5 ? anti-parallel 
AC 5 6 ? anti-parallel 
AD 1 2 ? anti-parallel 
# 
loop_
_struct_sheet_range.sheet_id 
_struct_sheet_range.id 
_struct_sheet_range.beg_label_comp_id 
_struct_sheet_range.beg_label_asym_id 
_struct_sheet_range.beg_label_seq_id 
_struct_sheet_range.pdbx_beg_PDB_ins_code 
_struct_sheet_range.end_label_comp_id 
_struct_sheet_range.end_label_asym_id 
_struct_sheet_range.end_label_seq_id 
_struct_sheet_range.pdbx_end_PDB_ins_code 
_struct_sheet_range.beg_auth_comp_id 
_struct_sheet_range.beg_auth_asym_id 
_struct_sheet_range.beg_auth_seq_id 
_struct_sheet_range.end_auth_comp_id 
_struct_sheet_range.end_auth_asym_id 
_struct_sheet_range.end_auth_seq_id 
AA 1 GLN A 2   ? SER A 6   ? GLN A 3   SER A 7   
AA 2 LEU A 17  ? SER A 24  ? LEU A 18  SER A 25  
AA 3 THR A 78  ? MET A 83  ? THR A 79  MET A 84  
AA 4 PHE A 68  ? ASP A 73  ? PHE A 69  ASP A 74  
AB 1 GLY A 9   ? GLN A 12  ? GLY A 10  GLN A 13  
AB 2 THR A 119 ? SER A 124 ? THR A 120 SER A 125 
AB 3 ALA A 92  ? LYS A 99  ? ALA A 93  LYS A 100 
AB 4 PHE A 112 ? TRP A 115 ? PHE A 113 TRP A 116 
AC 1 GLY A 9   ? GLN A 12  ? GLY A 10  GLN A 13  
AC 2 THR A 119 ? SER A 124 ? THR A 120 SER A 125 
AC 3 ALA A 92  ? LYS A 99  ? ALA A 93  LYS A 100 
AC 4 MET A 33  ? GLN A 38  ? MET A 34  GLN A 39  
AC 5 GLU A 45  ? ILE A 50  ? GLU A 46  ILE A 51  
AC 6 THR A 58  ? TYR A 60  ? THR A 59  TYR A 61  
AD 1 PHE A 112 ? TRP A 115 ? PHE A 113 TRP A 116 
AD 2 ALA A 92  ? LYS A 99  ? ALA A 93  LYS A 100 
# 
loop_
_pdbx_struct_sheet_hbond.sheet_id 
_pdbx_struct_sheet_hbond.range_id_1 
_pdbx_struct_sheet_hbond.range_id_2 
_pdbx_struct_sheet_hbond.range_1_label_atom_id 
_pdbx_struct_sheet_hbond.range_1_label_comp_id 
_pdbx_struct_sheet_hbond.range_1_label_asym_id 
_pdbx_struct_sheet_hbond.range_1_label_seq_id 
_pdbx_struct_sheet_hbond.range_1_PDB_ins_code 
_pdbx_struct_sheet_hbond.range_1_auth_atom_id 
_pdbx_struct_sheet_hbond.range_1_auth_comp_id 
_pdbx_struct_sheet_hbond.range_1_auth_asym_id 
_pdbx_struct_sheet_hbond.range_1_auth_seq_id 
_pdbx_struct_sheet_hbond.range_2_label_atom_id 
_pdbx_struct_sheet_hbond.range_2_label_comp_id 
_pdbx_struct_sheet_hbond.range_2_label_asym_id 
_pdbx_struct_sheet_hbond.range_2_label_seq_id 
_pdbx_struct_sheet_hbond.range_2_PDB_ins_code 
_pdbx_struct_sheet_hbond.range_2_auth_atom_id 
_pdbx_struct_sheet_hbond.range_2_auth_comp_id 
_pdbx_struct_sheet_hbond.range_2_auth_asym_id 
_pdbx_struct_sheet_hbond.range_2_auth_seq_id 
AA 1 2 N SER A 6   ? N SER A 7   O SER A 20  ? O SER A 21  
AA 2 3 N CYS A 21  ? N CYS A 22  O VAL A 79  ? O VAL A 80  
AA 3 4 N GLN A 82  ? N GLN A 83  O THR A 69  ? O THR A 70  
AB 1 2 N GLY A 9   ? N GLY A 10  O GLN A 120 ? O GLN A 121 
AB 2 3 N VAL A 121 ? N VAL A 122 O ALA A 92  ? O ALA A 93  
AB 3 4 O ALA A 98  ? O ALA A 99  N GLY A 113 ? N GLY A 114 
AC 1 2 N GLY A 9   ? N GLY A 10  O GLN A 120 ? O GLN A 121 
AC 2 3 N VAL A 121 ? N VAL A 122 O ALA A 92  ? O ALA A 93  
AC 3 4 N ALA A 97  ? N ALA A 98  O GLY A 34  ? O GLY A 35  
AC 4 5 N ARG A 37  ? N ARG A 38  O GLU A 45  ? O GLU A 46  
AC 5 6 N ARG A 49  ? N ARG A 50  O ALA A 59  ? O ALA A 60  
AD 1 2 N GLY A 113 ? N GLY A 114 O ALA A 98  ? O ALA A 99  
# 
_pdbx_entry_details.entry_id                   2X6M 
_pdbx_entry_details.compound_details           ? 
_pdbx_entry_details.source_details             ? 
_pdbx_entry_details.nonpolymer_details         ? 
_pdbx_entry_details.sequence_details           ? 
_pdbx_entry_details.has_ligand_of_interest     ? 
_pdbx_entry_details.has_protein_modification   Y 
# 
loop_
_pdbx_validate_close_contact.id 
_pdbx_validate_close_contact.PDB_model_num 
_pdbx_validate_close_contact.auth_atom_id_1 
_pdbx_validate_close_contact.auth_asym_id_1 
_pdbx_validate_close_contact.auth_comp_id_1 
_pdbx_validate_close_contact.auth_seq_id_1 
_pdbx_validate_close_contact.PDB_ins_code_1 
_pdbx_validate_close_contact.label_alt_id_1 
_pdbx_validate_close_contact.auth_atom_id_2 
_pdbx_validate_close_contact.auth_asym_id_2 
_pdbx_validate_close_contact.auth_comp_id_2 
_pdbx_validate_close_contact.auth_seq_id_2 
_pdbx_validate_close_contact.PDB_ins_code_2 
_pdbx_validate_close_contact.label_alt_id_2 
_pdbx_validate_close_contact.dist 
1 1 O A HOH 2158 ? ? O A HOH 2161 ? ? 1.47 
2 1 O A HOH 2088 ? ? O A HOH 2089 ? ? 1.80 
3 1 O A HOH 2185 ? ? O B HOH 2007 ? ? 1.97 
4 1 O A HOH 2002 ? ? O A HOH 2003 ? ? 2.19 
# 
_pdbx_validate_symm_contact.id                1 
_pdbx_validate_symm_contact.PDB_model_num     1 
_pdbx_validate_symm_contact.auth_atom_id_1    O 
_pdbx_validate_symm_contact.auth_asym_id_1    A 
_pdbx_validate_symm_contact.auth_comp_id_1    HOH 
_pdbx_validate_symm_contact.auth_seq_id_1     2073 
_pdbx_validate_symm_contact.PDB_ins_code_1    ? 
_pdbx_validate_symm_contact.label_alt_id_1    ? 
_pdbx_validate_symm_contact.site_symmetry_1   1_555 
_pdbx_validate_symm_contact.auth_atom_id_2    O 
_pdbx_validate_symm_contact.auth_asym_id_2    A 
_pdbx_validate_symm_contact.auth_comp_id_2    HOH 
_pdbx_validate_symm_contact.auth_seq_id_2     2161 
_pdbx_validate_symm_contact.PDB_ins_code_2    ? 
_pdbx_validate_symm_contact.label_alt_id_2    ? 
_pdbx_validate_symm_contact.site_symmetry_2   8_555 
_pdbx_validate_symm_contact.dist              1.45 
# 
loop_
_pdbx_validate_torsion.id 
_pdbx_validate_torsion.PDB_model_num 
_pdbx_validate_torsion.auth_comp_id 
_pdbx_validate_torsion.auth_asym_id 
_pdbx_validate_torsion.auth_seq_id 
_pdbx_validate_torsion.PDB_ins_code 
_pdbx_validate_torsion.label_alt_id 
_pdbx_validate_torsion.phi 
_pdbx_validate_torsion.psi 
1 1 VAL A 48 ? ? -122.85 -55.23 
2 1 ASP A 67 ? ? 74.04   -12.38 
# 
loop_
_pdbx_struct_special_symmetry.id 
_pdbx_struct_special_symmetry.PDB_model_num 
_pdbx_struct_special_symmetry.auth_asym_id 
_pdbx_struct_special_symmetry.auth_comp_id 
_pdbx_struct_special_symmetry.auth_seq_id 
_pdbx_struct_special_symmetry.PDB_ins_code 
_pdbx_struct_special_symmetry.label_asym_id 
_pdbx_struct_special_symmetry.label_comp_id 
_pdbx_struct_special_symmetry.label_seq_id 
1 1 A HOH 2020 ? C HOH . 
2 1 A HOH 2078 ? C HOH . 
# 
loop_
_pdbx_refine_tls.pdbx_refine_id 
_pdbx_refine_tls.id 
_pdbx_refine_tls.details 
_pdbx_refine_tls.method 
_pdbx_refine_tls.origin_x 
_pdbx_refine_tls.origin_y 
_pdbx_refine_tls.origin_z 
_pdbx_refine_tls.T[1][1] 
_pdbx_refine_tls.T[2][2] 
_pdbx_refine_tls.T[3][3] 
_pdbx_refine_tls.T[1][2] 
_pdbx_refine_tls.T[1][3] 
_pdbx_refine_tls.T[2][3] 
_pdbx_refine_tls.L[1][1] 
_pdbx_refine_tls.L[2][2] 
_pdbx_refine_tls.L[3][3] 
_pdbx_refine_tls.L[1][2] 
_pdbx_refine_tls.L[1][3] 
_pdbx_refine_tls.L[2][3] 
_pdbx_refine_tls.S[1][1] 
_pdbx_refine_tls.S[1][2] 
_pdbx_refine_tls.S[1][3] 
_pdbx_refine_tls.S[2][1] 
_pdbx_refine_tls.S[2][2] 
_pdbx_refine_tls.S[2][3] 
_pdbx_refine_tls.S[3][1] 
_pdbx_refine_tls.S[3][2] 
_pdbx_refine_tls.S[3][3] 
'X-RAY DIFFRACTION' 1 ? refined -0.2675 -0.1050 -0.8398 0.0152 0.0327 0.0323 -0.0021 0.0042  0.0024  0.9316  0.5983 0.5952 -0.2894 0.3760 -0.3226 0.0365  -0.0296 -0.0167 -0.0012 -0.0047 0.0000  -0.0090 0.0304 -0.0318 
'X-RAY DIFFRACTION' 2 ? refined 16.3358 3.7808  10.4106 0.0219 0.0668 0.0780 -0.0374 -0.0253 -0.0257 10.4565 0.3670 5.8244 2.6081  8.9070 2.8091  -0.1206 -0.0636 0.1971  -0.0798 0.0684  -0.0255 -0.2563 0.0151 0.0522 
# 
loop_
_pdbx_refine_tls_group.pdbx_refine_id 
_pdbx_refine_tls_group.id 
_pdbx_refine_tls_group.refine_tls_id 
_pdbx_refine_tls_group.beg_auth_asym_id 
_pdbx_refine_tls_group.beg_auth_seq_id 
_pdbx_refine_tls_group.beg_label_asym_id 
_pdbx_refine_tls_group.beg_label_seq_id 
_pdbx_refine_tls_group.end_auth_asym_id 
_pdbx_refine_tls_group.end_auth_seq_id 
_pdbx_refine_tls_group.end_label_asym_id 
_pdbx_refine_tls_group.end_label_seq_id 
_pdbx_refine_tls_group.selection 
_pdbx_refine_tls_group.selection_details 
'X-RAY DIFFRACTION' 1 1 A 2 ? ? A 127 ? ? ? ? 
'X-RAY DIFFRACTION' 2 2 B 4 ? ? B 9   ? ? ? ? 
# 
loop_
_pdbx_unobs_or_zero_occ_residues.id 
_pdbx_unobs_or_zero_occ_residues.PDB_model_num 
_pdbx_unobs_or_zero_occ_residues.polymer_flag 
_pdbx_unobs_or_zero_occ_residues.occupancy_flag 
_pdbx_unobs_or_zero_occ_residues.auth_asym_id 
_pdbx_unobs_or_zero_occ_residues.auth_comp_id 
_pdbx_unobs_or_zero_occ_residues.auth_seq_id 
_pdbx_unobs_or_zero_occ_residues.PDB_ins_code 
_pdbx_unobs_or_zero_occ_residues.label_asym_id 
_pdbx_unobs_or_zero_occ_residues.label_comp_id 
_pdbx_unobs_or_zero_occ_residues.label_seq_id 
1 1 Y 1 B GLY 132 ? B GLY 1 
2 1 Y 1 B TYR 133 ? B TYR 2 
3 1 Y 1 B GLN 134 ? B GLN 3 
# 
loop_
_chem_comp_atom.comp_id 
_chem_comp_atom.atom_id 
_chem_comp_atom.type_symbol 
_chem_comp_atom.pdbx_aromatic_flag 
_chem_comp_atom.pdbx_stereo_config 
_chem_comp_atom.pdbx_ordinal 
ALA N    N N N 1   
ALA CA   C N S 2   
ALA C    C N N 3   
ALA O    O N N 4   
ALA CB   C N N 5   
ALA OXT  O N N 6   
ALA H    H N N 7   
ALA H2   H N N 8   
ALA HA   H N N 9   
ALA HB1  H N N 10  
ALA HB2  H N N 11  
ALA HB3  H N N 12  
ALA HXT  H N N 13  
ARG N    N N N 14  
ARG CA   C N S 15  
ARG C    C N N 16  
ARG O    O N N 17  
ARG CB   C N N 18  
ARG CG   C N N 19  
ARG CD   C N N 20  
ARG NE   N N N 21  
ARG CZ   C N N 22  
ARG NH1  N N N 23  
ARG NH2  N N N 24  
ARG OXT  O N N 25  
ARG H    H N N 26  
ARG H2   H N N 27  
ARG HA   H N N 28  
ARG HB2  H N N 29  
ARG HB3  H N N 30  
ARG HG2  H N N 31  
ARG HG3  H N N 32  
ARG HD2  H N N 33  
ARG HD3  H N N 34  
ARG HE   H N N 35  
ARG HH11 H N N 36  
ARG HH12 H N N 37  
ARG HH21 H N N 38  
ARG HH22 H N N 39  
ARG HXT  H N N 40  
ASN N    N N N 41  
ASN CA   C N S 42  
ASN C    C N N 43  
ASN O    O N N 44  
ASN CB   C N N 45  
ASN CG   C N N 46  
ASN OD1  O N N 47  
ASN ND2  N N N 48  
ASN OXT  O N N 49  
ASN H    H N N 50  
ASN H2   H N N 51  
ASN HA   H N N 52  
ASN HB2  H N N 53  
ASN HB3  H N N 54  
ASN HD21 H N N 55  
ASN HD22 H N N 56  
ASN HXT  H N N 57  
ASP N    N N N 58  
ASP CA   C N S 59  
ASP C    C N N 60  
ASP O    O N N 61  
ASP CB   C N N 62  
ASP CG   C N N 63  
ASP OD1  O N N 64  
ASP OD2  O N N 65  
ASP OXT  O N N 66  
ASP H    H N N 67  
ASP H2   H N N 68  
ASP HA   H N N 69  
ASP HB2  H N N 70  
ASP HB3  H N N 71  
ASP HD2  H N N 72  
ASP HXT  H N N 73  
CYS N    N N N 74  
CYS CA   C N R 75  
CYS C    C N N 76  
CYS O    O N N 77  
CYS CB   C N N 78  
CYS SG   S N N 79  
CYS OXT  O N N 80  
CYS H    H N N 81  
CYS H2   H N N 82  
CYS HA   H N N 83  
CYS HB2  H N N 84  
CYS HB3  H N N 85  
CYS HG   H N N 86  
CYS HXT  H N N 87  
GLN N    N N N 88  
GLN CA   C N S 89  
GLN C    C N N 90  
GLN O    O N N 91  
GLN CB   C N N 92  
GLN CG   C N N 93  
GLN CD   C N N 94  
GLN OE1  O N N 95  
GLN NE2  N N N 96  
GLN OXT  O N N 97  
GLN H    H N N 98  
GLN H2   H N N 99  
GLN HA   H N N 100 
GLN HB2  H N N 101 
GLN HB3  H N N 102 
GLN HG2  H N N 103 
GLN HG3  H N N 104 
GLN HE21 H N N 105 
GLN HE22 H N N 106 
GLN HXT  H N N 107 
GLU N    N N N 108 
GLU CA   C N S 109 
GLU C    C N N 110 
GLU O    O N N 111 
GLU CB   C N N 112 
GLU CG   C N N 113 
GLU CD   C N N 114 
GLU OE1  O N N 115 
GLU OE2  O N N 116 
GLU OXT  O N N 117 
GLU H    H N N 118 
GLU H2   H N N 119 
GLU HA   H N N 120 
GLU HB2  H N N 121 
GLU HB3  H N N 122 
GLU HG2  H N N 123 
GLU HG3  H N N 124 
GLU HE2  H N N 125 
GLU HXT  H N N 126 
GLY N    N N N 127 
GLY CA   C N N 128 
GLY C    C N N 129 
GLY O    O N N 130 
GLY OXT  O N N 131 
GLY H    H N N 132 
GLY H2   H N N 133 
GLY HA2  H N N 134 
GLY HA3  H N N 135 
GLY HXT  H N N 136 
HIS N    N N N 137 
HIS CA   C N S 138 
HIS C    C N N 139 
HIS O    O N N 140 
HIS CB   C N N 141 
HIS CG   C Y N 142 
HIS ND1  N Y N 143 
HIS CD2  C Y N 144 
HIS CE1  C Y N 145 
HIS NE2  N Y N 146 
HIS OXT  O N N 147 
HIS H    H N N 148 
HIS H2   H N N 149 
HIS HA   H N N 150 
HIS HB2  H N N 151 
HIS HB3  H N N 152 
HIS HD1  H N N 153 
HIS HD2  H N N 154 
HIS HE1  H N N 155 
HIS HE2  H N N 156 
HIS HXT  H N N 157 
HOH O    O N N 158 
HOH H1   H N N 159 
HOH H2   H N N 160 
ILE N    N N N 161 
ILE CA   C N S 162 
ILE C    C N N 163 
ILE O    O N N 164 
ILE CB   C N S 165 
ILE CG1  C N N 166 
ILE CG2  C N N 167 
ILE CD1  C N N 168 
ILE OXT  O N N 169 
ILE H    H N N 170 
ILE H2   H N N 171 
ILE HA   H N N 172 
ILE HB   H N N 173 
ILE HG12 H N N 174 
ILE HG13 H N N 175 
ILE HG21 H N N 176 
ILE HG22 H N N 177 
ILE HG23 H N N 178 
ILE HD11 H N N 179 
ILE HD12 H N N 180 
ILE HD13 H N N 181 
ILE HXT  H N N 182 
LEU N    N N N 183 
LEU CA   C N S 184 
LEU C    C N N 185 
LEU O    O N N 186 
LEU CB   C N N 187 
LEU CG   C N N 188 
LEU CD1  C N N 189 
LEU CD2  C N N 190 
LEU OXT  O N N 191 
LEU H    H N N 192 
LEU H2   H N N 193 
LEU HA   H N N 194 
LEU HB2  H N N 195 
LEU HB3  H N N 196 
LEU HG   H N N 197 
LEU HD11 H N N 198 
LEU HD12 H N N 199 
LEU HD13 H N N 200 
LEU HD21 H N N 201 
LEU HD22 H N N 202 
LEU HD23 H N N 203 
LEU HXT  H N N 204 
LYS N    N N N 205 
LYS CA   C N S 206 
LYS C    C N N 207 
LYS O    O N N 208 
LYS CB   C N N 209 
LYS CG   C N N 210 
LYS CD   C N N 211 
LYS CE   C N N 212 
LYS NZ   N N N 213 
LYS OXT  O N N 214 
LYS H    H N N 215 
LYS H2   H N N 216 
LYS HA   H N N 217 
LYS HB2  H N N 218 
LYS HB3  H N N 219 
LYS HG2  H N N 220 
LYS HG3  H N N 221 
LYS HD2  H N N 222 
LYS HD3  H N N 223 
LYS HE2  H N N 224 
LYS HE3  H N N 225 
LYS HZ1  H N N 226 
LYS HZ2  H N N 227 
LYS HZ3  H N N 228 
LYS HXT  H N N 229 
MET N    N N N 230 
MET CA   C N S 231 
MET C    C N N 232 
MET O    O N N 233 
MET CB   C N N 234 
MET CG   C N N 235 
MET SD   S N N 236 
MET CE   C N N 237 
MET OXT  O N N 238 
MET H    H N N 239 
MET H2   H N N 240 
MET HA   H N N 241 
MET HB2  H N N 242 
MET HB3  H N N 243 
MET HG2  H N N 244 
MET HG3  H N N 245 
MET HE1  H N N 246 
MET HE2  H N N 247 
MET HE3  H N N 248 
MET HXT  H N N 249 
PHE N    N N N 250 
PHE CA   C N S 251 
PHE C    C N N 252 
PHE O    O N N 253 
PHE CB   C N N 254 
PHE CG   C Y N 255 
PHE CD1  C Y N 256 
PHE CD2  C Y N 257 
PHE CE1  C Y N 258 
PHE CE2  C Y N 259 
PHE CZ   C Y N 260 
PHE OXT  O N N 261 
PHE H    H N N 262 
PHE H2   H N N 263 
PHE HA   H N N 264 
PHE HB2  H N N 265 
PHE HB3  H N N 266 
PHE HD1  H N N 267 
PHE HD2  H N N 268 
PHE HE1  H N N 269 
PHE HE2  H N N 270 
PHE HZ   H N N 271 
PHE HXT  H N N 272 
PRO N    N N N 273 
PRO CA   C N S 274 
PRO C    C N N 275 
PRO O    O N N 276 
PRO CB   C N N 277 
PRO CG   C N N 278 
PRO CD   C N N 279 
PRO OXT  O N N 280 
PRO H    H N N 281 
PRO HA   H N N 282 
PRO HB2  H N N 283 
PRO HB3  H N N 284 
PRO HG2  H N N 285 
PRO HG3  H N N 286 
PRO HD2  H N N 287 
PRO HD3  H N N 288 
PRO HXT  H N N 289 
SER N    N N N 290 
SER CA   C N S 291 
SER C    C N N 292 
SER O    O N N 293 
SER CB   C N N 294 
SER OG   O N N 295 
SER OXT  O N N 296 
SER H    H N N 297 
SER H2   H N N 298 
SER HA   H N N 299 
SER HB2  H N N 300 
SER HB3  H N N 301 
SER HG   H N N 302 
SER HXT  H N N 303 
THR N    N N N 304 
THR CA   C N S 305 
THR C    C N N 306 
THR O    O N N 307 
THR CB   C N R 308 
THR OG1  O N N 309 
THR CG2  C N N 310 
THR OXT  O N N 311 
THR H    H N N 312 
THR H2   H N N 313 
THR HA   H N N 314 
THR HB   H N N 315 
THR HG1  H N N 316 
THR HG21 H N N 317 
THR HG22 H N N 318 
THR HG23 H N N 319 
THR HXT  H N N 320 
TRP N    N N N 321 
TRP CA   C N S 322 
TRP C    C N N 323 
TRP O    O N N 324 
TRP CB   C N N 325 
TRP CG   C Y N 326 
TRP CD1  C Y N 327 
TRP CD2  C Y N 328 
TRP NE1  N Y N 329 
TRP CE2  C Y N 330 
TRP CE3  C Y N 331 
TRP CZ2  C Y N 332 
TRP CZ3  C Y N 333 
TRP CH2  C Y N 334 
TRP OXT  O N N 335 
TRP H    H N N 336 
TRP H2   H N N 337 
TRP HA   H N N 338 
TRP HB2  H N N 339 
TRP HB3  H N N 340 
TRP HD1  H N N 341 
TRP HE1  H N N 342 
TRP HE3  H N N 343 
TRP HZ2  H N N 344 
TRP HZ3  H N N 345 
TRP HH2  H N N 346 
TRP HXT  H N N 347 
TYR N    N N N 348 
TYR CA   C N S 349 
TYR C    C N N 350 
TYR O    O N N 351 
TYR CB   C N N 352 
TYR CG   C Y N 353 
TYR CD1  C Y N 354 
TYR CD2  C Y N 355 
TYR CE1  C Y N 356 
TYR CE2  C Y N 357 
TYR CZ   C Y N 358 
TYR OH   O N N 359 
TYR OXT  O N N 360 
TYR H    H N N 361 
TYR H2   H N N 362 
TYR HA   H N N 363 
TYR HB2  H N N 364 
TYR HB3  H N N 365 
TYR HD1  H N N 366 
TYR HD2  H N N 367 
TYR HE1  H N N 368 
TYR HE2  H N N 369 
TYR HH   H N N 370 
TYR HXT  H N N 371 
VAL N    N N N 372 
VAL CA   C N S 373 
VAL C    C N N 374 
VAL O    O N N 375 
VAL CB   C N N 376 
VAL CG1  C N N 377 
VAL CG2  C N N 378 
VAL OXT  O N N 379 
VAL H    H N N 380 
VAL H2   H N N 381 
VAL HA   H N N 382 
VAL HB   H N N 383 
VAL HG11 H N N 384 
VAL HG12 H N N 385 
VAL HG13 H N N 386 
VAL HG21 H N N 387 
VAL HG22 H N N 388 
VAL HG23 H N N 389 
VAL HXT  H N N 390 
# 
loop_
_chem_comp_bond.comp_id 
_chem_comp_bond.atom_id_1 
_chem_comp_bond.atom_id_2 
_chem_comp_bond.value_order 
_chem_comp_bond.pdbx_aromatic_flag 
_chem_comp_bond.pdbx_stereo_config 
_chem_comp_bond.pdbx_ordinal 
ALA N   CA   sing N N 1   
ALA N   H    sing N N 2   
ALA N   H2   sing N N 3   
ALA CA  C    sing N N 4   
ALA CA  CB   sing N N 5   
ALA CA  HA   sing N N 6   
ALA C   O    doub N N 7   
ALA C   OXT  sing N N 8   
ALA CB  HB1  sing N N 9   
ALA CB  HB2  sing N N 10  
ALA CB  HB3  sing N N 11  
ALA OXT HXT  sing N N 12  
ARG N   CA   sing N N 13  
ARG N   H    sing N N 14  
ARG N   H2   sing N N 15  
ARG CA  C    sing N N 16  
ARG CA  CB   sing N N 17  
ARG CA  HA   sing N N 18  
ARG C   O    doub N N 19  
ARG C   OXT  sing N N 20  
ARG CB  CG   sing N N 21  
ARG CB  HB2  sing N N 22  
ARG CB  HB3  sing N N 23  
ARG CG  CD   sing N N 24  
ARG CG  HG2  sing N N 25  
ARG CG  HG3  sing N N 26  
ARG CD  NE   sing N N 27  
ARG CD  HD2  sing N N 28  
ARG CD  HD3  sing N N 29  
ARG NE  CZ   sing N N 30  
ARG NE  HE   sing N N 31  
ARG CZ  NH1  sing N N 32  
ARG CZ  NH2  doub N N 33  
ARG NH1 HH11 sing N N 34  
ARG NH1 HH12 sing N N 35  
ARG NH2 HH21 sing N N 36  
ARG NH2 HH22 sing N N 37  
ARG OXT HXT  sing N N 38  
ASN N   CA   sing N N 39  
ASN N   H    sing N N 40  
ASN N   H2   sing N N 41  
ASN CA  C    sing N N 42  
ASN CA  CB   sing N N 43  
ASN CA  HA   sing N N 44  
ASN C   O    doub N N 45  
ASN C   OXT  sing N N 46  
ASN CB  CG   sing N N 47  
ASN CB  HB2  sing N N 48  
ASN CB  HB3  sing N N 49  
ASN CG  OD1  doub N N 50  
ASN CG  ND2  sing N N 51  
ASN ND2 HD21 sing N N 52  
ASN ND2 HD22 sing N N 53  
ASN OXT HXT  sing N N 54  
ASP N   CA   sing N N 55  
ASP N   H    sing N N 56  
ASP N   H2   sing N N 57  
ASP CA  C    sing N N 58  
ASP CA  CB   sing N N 59  
ASP CA  HA   sing N N 60  
ASP C   O    doub N N 61  
ASP C   OXT  sing N N 62  
ASP CB  CG   sing N N 63  
ASP CB  HB2  sing N N 64  
ASP CB  HB3  sing N N 65  
ASP CG  OD1  doub N N 66  
ASP CG  OD2  sing N N 67  
ASP OD2 HD2  sing N N 68  
ASP OXT HXT  sing N N 69  
CYS N   CA   sing N N 70  
CYS N   H    sing N N 71  
CYS N   H2   sing N N 72  
CYS CA  C    sing N N 73  
CYS CA  CB   sing N N 74  
CYS CA  HA   sing N N 75  
CYS C   O    doub N N 76  
CYS C   OXT  sing N N 77  
CYS CB  SG   sing N N 78  
CYS CB  HB2  sing N N 79  
CYS CB  HB3  sing N N 80  
CYS SG  HG   sing N N 81  
CYS OXT HXT  sing N N 82  
GLN N   CA   sing N N 83  
GLN N   H    sing N N 84  
GLN N   H2   sing N N 85  
GLN CA  C    sing N N 86  
GLN CA  CB   sing N N 87  
GLN CA  HA   sing N N 88  
GLN C   O    doub N N 89  
GLN C   OXT  sing N N 90  
GLN CB  CG   sing N N 91  
GLN CB  HB2  sing N N 92  
GLN CB  HB3  sing N N 93  
GLN CG  CD   sing N N 94  
GLN CG  HG2  sing N N 95  
GLN CG  HG3  sing N N 96  
GLN CD  OE1  doub N N 97  
GLN CD  NE2  sing N N 98  
GLN NE2 HE21 sing N N 99  
GLN NE2 HE22 sing N N 100 
GLN OXT HXT  sing N N 101 
GLU N   CA   sing N N 102 
GLU N   H    sing N N 103 
GLU N   H2   sing N N 104 
GLU CA  C    sing N N 105 
GLU CA  CB   sing N N 106 
GLU CA  HA   sing N N 107 
GLU C   O    doub N N 108 
GLU C   OXT  sing N N 109 
GLU CB  CG   sing N N 110 
GLU CB  HB2  sing N N 111 
GLU CB  HB3  sing N N 112 
GLU CG  CD   sing N N 113 
GLU CG  HG2  sing N N 114 
GLU CG  HG3  sing N N 115 
GLU CD  OE1  doub N N 116 
GLU CD  OE2  sing N N 117 
GLU OE2 HE2  sing N N 118 
GLU OXT HXT  sing N N 119 
GLY N   CA   sing N N 120 
GLY N   H    sing N N 121 
GLY N   H2   sing N N 122 
GLY CA  C    sing N N 123 
GLY CA  HA2  sing N N 124 
GLY CA  HA3  sing N N 125 
GLY C   O    doub N N 126 
GLY C   OXT  sing N N 127 
GLY OXT HXT  sing N N 128 
HIS N   CA   sing N N 129 
HIS N   H    sing N N 130 
HIS N   H2   sing N N 131 
HIS CA  C    sing N N 132 
HIS CA  CB   sing N N 133 
HIS CA  HA   sing N N 134 
HIS C   O    doub N N 135 
HIS C   OXT  sing N N 136 
HIS CB  CG   sing N N 137 
HIS CB  HB2  sing N N 138 
HIS CB  HB3  sing N N 139 
HIS CG  ND1  sing Y N 140 
HIS CG  CD2  doub Y N 141 
HIS ND1 CE1  doub Y N 142 
HIS ND1 HD1  sing N N 143 
HIS CD2 NE2  sing Y N 144 
HIS CD2 HD2  sing N N 145 
HIS CE1 NE2  sing Y N 146 
HIS CE1 HE1  sing N N 147 
HIS NE2 HE2  sing N N 148 
HIS OXT HXT  sing N N 149 
HOH O   H1   sing N N 150 
HOH O   H2   sing N N 151 
ILE N   CA   sing N N 152 
ILE N   H    sing N N 153 
ILE N   H2   sing N N 154 
ILE CA  C    sing N N 155 
ILE CA  CB   sing N N 156 
ILE CA  HA   sing N N 157 
ILE C   O    doub N N 158 
ILE C   OXT  sing N N 159 
ILE CB  CG1  sing N N 160 
ILE CB  CG2  sing N N 161 
ILE CB  HB   sing N N 162 
ILE CG1 CD1  sing N N 163 
ILE CG1 HG12 sing N N 164 
ILE CG1 HG13 sing N N 165 
ILE CG2 HG21 sing N N 166 
ILE CG2 HG22 sing N N 167 
ILE CG2 HG23 sing N N 168 
ILE CD1 HD11 sing N N 169 
ILE CD1 HD12 sing N N 170 
ILE CD1 HD13 sing N N 171 
ILE OXT HXT  sing N N 172 
LEU N   CA   sing N N 173 
LEU N   H    sing N N 174 
LEU N   H2   sing N N 175 
LEU CA  C    sing N N 176 
LEU CA  CB   sing N N 177 
LEU CA  HA   sing N N 178 
LEU C   O    doub N N 179 
LEU C   OXT  sing N N 180 
LEU CB  CG   sing N N 181 
LEU CB  HB2  sing N N 182 
LEU CB  HB3  sing N N 183 
LEU CG  CD1  sing N N 184 
LEU CG  CD2  sing N N 185 
LEU CG  HG   sing N N 186 
LEU CD1 HD11 sing N N 187 
LEU CD1 HD12 sing N N 188 
LEU CD1 HD13 sing N N 189 
LEU CD2 HD21 sing N N 190 
LEU CD2 HD22 sing N N 191 
LEU CD2 HD23 sing N N 192 
LEU OXT HXT  sing N N 193 
LYS N   CA   sing N N 194 
LYS N   H    sing N N 195 
LYS N   H2   sing N N 196 
LYS CA  C    sing N N 197 
LYS CA  CB   sing N N 198 
LYS CA  HA   sing N N 199 
LYS C   O    doub N N 200 
LYS C   OXT  sing N N 201 
LYS CB  CG   sing N N 202 
LYS CB  HB2  sing N N 203 
LYS CB  HB3  sing N N 204 
LYS CG  CD   sing N N 205 
LYS CG  HG2  sing N N 206 
LYS CG  HG3  sing N N 207 
LYS CD  CE   sing N N 208 
LYS CD  HD2  sing N N 209 
LYS CD  HD3  sing N N 210 
LYS CE  NZ   sing N N 211 
LYS CE  HE2  sing N N 212 
LYS CE  HE3  sing N N 213 
LYS NZ  HZ1  sing N N 214 
LYS NZ  HZ2  sing N N 215 
LYS NZ  HZ3  sing N N 216 
LYS OXT HXT  sing N N 217 
MET N   CA   sing N N 218 
MET N   H    sing N N 219 
MET N   H2   sing N N 220 
MET CA  C    sing N N 221 
MET CA  CB   sing N N 222 
MET CA  HA   sing N N 223 
MET C   O    doub N N 224 
MET C   OXT  sing N N 225 
MET CB  CG   sing N N 226 
MET CB  HB2  sing N N 227 
MET CB  HB3  sing N N 228 
MET CG  SD   sing N N 229 
MET CG  HG2  sing N N 230 
MET CG  HG3  sing N N 231 
MET SD  CE   sing N N 232 
MET CE  HE1  sing N N 233 
MET CE  HE2  sing N N 234 
MET CE  HE3  sing N N 235 
MET OXT HXT  sing N N 236 
PHE N   CA   sing N N 237 
PHE N   H    sing N N 238 
PHE N   H2   sing N N 239 
PHE CA  C    sing N N 240 
PHE CA  CB   sing N N 241 
PHE CA  HA   sing N N 242 
PHE C   O    doub N N 243 
PHE C   OXT  sing N N 244 
PHE CB  CG   sing N N 245 
PHE CB  HB2  sing N N 246 
PHE CB  HB3  sing N N 247 
PHE CG  CD1  doub Y N 248 
PHE CG  CD2  sing Y N 249 
PHE CD1 CE1  sing Y N 250 
PHE CD1 HD1  sing N N 251 
PHE CD2 CE2  doub Y N 252 
PHE CD2 HD2  sing N N 253 
PHE CE1 CZ   doub Y N 254 
PHE CE1 HE1  sing N N 255 
PHE CE2 CZ   sing Y N 256 
PHE CE2 HE2  sing N N 257 
PHE CZ  HZ   sing N N 258 
PHE OXT HXT  sing N N 259 
PRO N   CA   sing N N 260 
PRO N   CD   sing N N 261 
PRO N   H    sing N N 262 
PRO CA  C    sing N N 263 
PRO CA  CB   sing N N 264 
PRO CA  HA   sing N N 265 
PRO C   O    doub N N 266 
PRO C   OXT  sing N N 267 
PRO CB  CG   sing N N 268 
PRO CB  HB2  sing N N 269 
PRO CB  HB3  sing N N 270 
PRO CG  CD   sing N N 271 
PRO CG  HG2  sing N N 272 
PRO CG  HG3  sing N N 273 
PRO CD  HD2  sing N N 274 
PRO CD  HD3  sing N N 275 
PRO OXT HXT  sing N N 276 
SER N   CA   sing N N 277 
SER N   H    sing N N 278 
SER N   H2   sing N N 279 
SER CA  C    sing N N 280 
SER CA  CB   sing N N 281 
SER CA  HA   sing N N 282 
SER C   O    doub N N 283 
SER C   OXT  sing N N 284 
SER CB  OG   sing N N 285 
SER CB  HB2  sing N N 286 
SER CB  HB3  sing N N 287 
SER OG  HG   sing N N 288 
SER OXT HXT  sing N N 289 
THR N   CA   sing N N 290 
THR N   H    sing N N 291 
THR N   H2   sing N N 292 
THR CA  C    sing N N 293 
THR CA  CB   sing N N 294 
THR CA  HA   sing N N 295 
THR C   O    doub N N 296 
THR C   OXT  sing N N 297 
THR CB  OG1  sing N N 298 
THR CB  CG2  sing N N 299 
THR CB  HB   sing N N 300 
THR OG1 HG1  sing N N 301 
THR CG2 HG21 sing N N 302 
THR CG2 HG22 sing N N 303 
THR CG2 HG23 sing N N 304 
THR OXT HXT  sing N N 305 
TRP N   CA   sing N N 306 
TRP N   H    sing N N 307 
TRP N   H2   sing N N 308 
TRP CA  C    sing N N 309 
TRP CA  CB   sing N N 310 
TRP CA  HA   sing N N 311 
TRP C   O    doub N N 312 
TRP C   OXT  sing N N 313 
TRP CB  CG   sing N N 314 
TRP CB  HB2  sing N N 315 
TRP CB  HB3  sing N N 316 
TRP CG  CD1  doub Y N 317 
TRP CG  CD2  sing Y N 318 
TRP CD1 NE1  sing Y N 319 
TRP CD1 HD1  sing N N 320 
TRP CD2 CE2  doub Y N 321 
TRP CD2 CE3  sing Y N 322 
TRP NE1 CE2  sing Y N 323 
TRP NE1 HE1  sing N N 324 
TRP CE2 CZ2  sing Y N 325 
TRP CE3 CZ3  doub Y N 326 
TRP CE3 HE3  sing N N 327 
TRP CZ2 CH2  doub Y N 328 
TRP CZ2 HZ2  sing N N 329 
TRP CZ3 CH2  sing Y N 330 
TRP CZ3 HZ3  sing N N 331 
TRP CH2 HH2  sing N N 332 
TRP OXT HXT  sing N N 333 
TYR N   CA   sing N N 334 
TYR N   H    sing N N 335 
TYR N   H2   sing N N 336 
TYR CA  C    sing N N 337 
TYR CA  CB   sing N N 338 
TYR CA  HA   sing N N 339 
TYR C   O    doub N N 340 
TYR C   OXT  sing N N 341 
TYR CB  CG   sing N N 342 
TYR CB  HB2  sing N N 343 
TYR CB  HB3  sing N N 344 
TYR CG  CD1  doub Y N 345 
TYR CG  CD2  sing Y N 346 
TYR CD1 CE1  sing Y N 347 
TYR CD1 HD1  sing N N 348 
TYR CD2 CE2  doub Y N 349 
TYR CD2 HD2  sing N N 350 
TYR CE1 CZ   doub Y N 351 
TYR CE1 HE1  sing N N 352 
TYR CE2 CZ   sing Y N 353 
TYR CE2 HE2  sing N N 354 
TYR CZ  OH   sing N N 355 
TYR OH  HH   sing N N 356 
TYR OXT HXT  sing N N 357 
VAL N   CA   sing N N 358 
VAL N   H    sing N N 359 
VAL N   H2   sing N N 360 
VAL CA  C    sing N N 361 
VAL CA  CB   sing N N 362 
VAL CA  HA   sing N N 363 
VAL C   O    doub N N 364 
VAL C   OXT  sing N N 365 
VAL CB  CG1  sing N N 366 
VAL CB  CG2  sing N N 367 
VAL CB  HB   sing N N 368 
VAL CG1 HG11 sing N N 369 
VAL CG1 HG12 sing N N 370 
VAL CG1 HG13 sing N N 371 
VAL CG2 HG21 sing N N 372 
VAL CG2 HG22 sing N N 373 
VAL CG2 HG23 sing N N 374 
VAL OXT HXT  sing N N 375 
# 
_pdbx_initial_refinement_model.id               1 
_pdbx_initial_refinement_model.entity_id_list   ? 
_pdbx_initial_refinement_model.type             'experimental model' 
_pdbx_initial_refinement_model.source_name      PDB 
_pdbx_initial_refinement_model.accession_code   1HCV 
_pdbx_initial_refinement_model.details          'PDB ENTRY 1HCV' 
# 
_atom_sites.entry_id                    2X6M 
_atom_sites.fract_transf_matrix[1][1]   -0.01064325 
_atom_sites.fract_transf_matrix[1][2]   -0.00635098 
_atom_sites.fract_transf_matrix[1][3]   -0.01107297 
_atom_sites.fract_transf_matrix[2][1]   -0.00420765 
_atom_sites.fract_transf_matrix[2][2]   -0.01114972 
_atom_sites.fract_transf_matrix[2][3]   0.01043936 
_atom_sites.fract_transf_matrix[3][1]   -0.01146301 
_atom_sites.fract_transf_matrix[3][2]   0.00952629 
_atom_sites.fract_transf_matrix[3][3]   0.00555429 
_atom_sites.fract_transf_vector[1]      -0.262876 
_atom_sites.fract_transf_vector[2]      0.243334 
_atom_sites.fract_transf_vector[3]      0.149483 
# 
loop_
_atom_type.symbol 
C 
N 
O 
S 
# 
loop_
_atom_site.group_PDB 
_atom_site.id 
_atom_site.type_symbol 
_atom_site.label_atom_id 
_atom_site.label_alt_id 
_atom_site.label_comp_id 
_atom_site.label_asym_id 
_atom_site.label_entity_id 
_atom_site.label_seq_id 
_atom_site.pdbx_PDB_ins_code 
_atom_site.Cartn_x 
_atom_site.Cartn_y 
_atom_site.Cartn_z 
_atom_site.occupancy 
_atom_site.B_iso_or_equiv 
_atom_site.pdbx_formal_charge 
_atom_site.auth_seq_id 
_atom_site.auth_comp_id 
_atom_site.auth_asym_id 
_atom_site.auth_atom_id 
_atom_site.pdbx_PDB_model_num 
ATOM   1    N N   . GLY A 1 1   ? -0.993  -16.515 7.104   1.00 37.06 ? 2    GLY A N   1 
ATOM   2    C CA  . GLY A 1 1   ? -0.764  -15.193 6.451   1.00 33.78 ? 2    GLY A CA  1 
ATOM   3    C C   . GLY A 1 1   ? -1.755  -14.849 5.346   1.00 34.06 ? 2    GLY A C   1 
ATOM   4    O O   . GLY A 1 1   ? -1.704  -15.430 4.241   1.00 33.64 ? 2    GLY A O   1 
ATOM   5    N N   . GLN A 1 2   ? -2.627  -13.870 5.629   1.00 30.08 ? 3    GLN A N   1 
ATOM   6    C CA  . GLN A 1 2   ? -3.704  -13.447 4.726   1.00 25.60 ? 3    GLN A CA  1 
ATOM   7    C C   . GLN A 1 2   ? -3.774  -11.911 4.876   1.00 21.21 ? 3    GLN A C   1 
ATOM   8    O O   . GLN A 1 2   ? -3.523  -11.349 5.940   1.00 20.86 ? 3    GLN A O   1 
ATOM   9    C CB  . GLN A 1 2   ? -5.068  -14.055 5.108   1.00 29.75 ? 3    GLN A CB  1 
ATOM   10   C CG  . GLN A 1 2   ? -6.187  -13.797 4.074   1.00 35.48 ? 3    GLN A CG  1 
ATOM   11   C CD  . GLN A 1 2   ? -7.621  -13.666 4.656   1.00 46.68 ? 3    GLN A CD  1 
ATOM   12   O OE1 . GLN A 1 2   ? -8.594  -14.043 3.983   1.00 45.46 ? 3    GLN A OE1 1 
ATOM   13   N NE2 . GLN A 1 2   ? -7.760  -13.066 5.868   1.00 44.50 ? 3    GLN A NE2 1 
ATOM   14   N N   . LEU A 1 3   ? -4.033  -11.235 3.770   1.00 15.81 ? 4    LEU A N   1 
ATOM   15   C CA  . LEU A 1 3   ? -4.175  -9.782  3.739   1.00 12.65 ? 4    LEU A CA  1 
ATOM   16   C C   . LEU A 1 3   ? -5.461  -9.523  2.980   1.00 14.96 ? 4    LEU A C   1 
ATOM   17   O O   . LEU A 1 3   ? -5.726  -10.159 1.964   1.00 15.65 ? 4    LEU A O   1 
ATOM   18   C CB  . LEU A 1 3   ? -2.989  -9.149  2.998   1.00 13.17 ? 4    LEU A CB  1 
ATOM   19   C CG  . LEU A 1 3   ? -1.592  -9.442  3.573   1.00 13.02 ? 4    LEU A CG  1 
ATOM   20   C CD1 . LEU A 1 3   ? -0.548  -8.821  2.625   1.00 14.81 ? 4    LEU A CD1 1 
ATOM   21   C CD2 . LEU A 1 3   ? -1.395  -8.856  5.014   1.00 17.14 ? 4    LEU A CD2 1 
ATOM   22   N N   . VAL A 1 4   ? -6.251  -8.583  3.466   1.00 14.20 ? 5    VAL A N   1 
ATOM   23   C CA  . VAL A 1 4   ? -7.500  -8.250  2.835   1.00 15.39 ? 5    VAL A CA  1 
ATOM   24   C C   . VAL A 1 4   ? -7.661  -6.725  2.697   1.00 15.53 ? 5    VAL A C   1 
ATOM   25   O O   . VAL A 1 4   ? -7.654  -6.004  3.689   1.00 15.05 ? 5    VAL A O   1 
ATOM   26   C CB  . VAL A 1 4   ? -8.661  -8.772  3.666   1.00 16.82 ? 5    VAL A CB  1 
ATOM   27   C CG1 . VAL A 1 4   ? -9.973  -8.271  3.071   1.00 18.25 ? 5    VAL A CG1 1 
ATOM   28   C CG2 . VAL A 1 4   ? -8.680  -10.305 3.726   1.00 17.18 ? 5    VAL A CG2 1 
ATOM   29   N N   . GLU A 1 5   ? -7.775  -6.254  1.464   1.00 14.39 ? 6    GLU A N   1 
ATOM   30   C CA  . GLU A 1 5   ? -7.904  -4.826  1.181   1.00 13.56 ? 6    GLU A CA  1 
ATOM   31   C C   . GLU A 1 5   ? -9.361  -4.446  1.224   1.00 14.52 ? 6    GLU A C   1 
ATOM   32   O O   . GLU A 1 5   ? -10.257 -5.195  0.726   1.00 15.81 ? 6    GLU A O   1 
ATOM   33   C CB  . GLU A 1 5   ? -7.382  -4.499  -0.247  1.00 11.71 ? 6    GLU A CB  1 
ATOM   34   C CG  . GLU A 1 5   ? -5.969  -4.901  -0.474  1.00 14.97 ? 6    GLU A CG  1 
ATOM   35   C CD  . GLU A 1 5   ? -5.813  -6.304  -0.998  1.00 15.18 ? 6    GLU A CD  1 
ATOM   36   O OE1 . GLU A 1 5   ? -6.760  -7.123  -0.955  1.00 15.87 ? 6    GLU A OE1 1 
ATOM   37   O OE2 . GLU A 1 5   ? -4.713  -6.567  -1.462  1.00 13.91 ? 6    GLU A OE2 1 
ATOM   38   N N   . SER A 1 6   ? -9.598  -3.226  1.715   1.00 13.78 ? 7    SER A N   1 
ATOM   39   C CA  A SER A 1 6   ? -10.904 -2.608  1.529   0.50 13.35 ? 7    SER A CA  1 
ATOM   40   C CA  B SER A 1 6   ? -10.919 -2.597  1.774   0.50 14.59 ? 7    SER A CA  1 
ATOM   41   C C   . SER A 1 6   ? -10.753 -1.119  1.392   1.00 13.56 ? 7    SER A C   1 
ATOM   42   O O   . SER A 1 6   ? -9.642  -0.571  1.432   1.00 14.13 ? 7    SER A O   1 
ATOM   43   C CB  A SER A 1 6   ? -11.827 -2.887  2.702   0.50 13.32 ? 7    SER A CB  1 
ATOM   44   C CB  B SER A 1 6   ? -11.493 -2.664  3.200   0.50 15.62 ? 7    SER A CB  1 
ATOM   45   O OG  A SER A 1 6   ? -11.199 -2.477  3.908   0.50 12.16 ? 7    SER A OG  1 
ATOM   46   O OG  B SER A 1 6   ? -11.938 -3.971  3.561   0.50 19.59 ? 7    SER A OG  1 
ATOM   47   N N   . GLY A 1 7   ? -11.881 -0.446  1.150   1.00 13.28 ? 8    GLY A N   1 
ATOM   48   C CA  . GLY A 1 7   ? -11.844 1.016   1.016   1.00 15.16 ? 8    GLY A CA  1 
ATOM   49   C C   . GLY A 1 7   ? -11.815 1.493   -0.436  1.00 14.38 ? 8    GLY A C   1 
ATOM   50   O O   . GLY A 1 7   ? -11.824 2.698   -0.693  1.00 16.22 ? 8    GLY A O   1 
ATOM   51   N N   . GLY A 1 8   ? -11.757 0.566   -1.388  1.00 14.69 ? 9    GLY A N   1 
ATOM   52   C CA  . GLY A 1 8   ? -11.760 0.976   -2.800  1.00 14.34 ? 9    GLY A CA  1 
ATOM   53   C C   . GLY A 1 8   ? -13.107 1.557   -3.229  1.00 14.20 ? 9    GLY A C   1 
ATOM   54   O O   . GLY A 1 8   ? -14.127 1.496   -2.517  1.00 16.58 ? 9    GLY A O   1 
ATOM   55   N N   . GLY A 1 9   ? -13.103 2.227   -4.371  1.00 11.62 ? 10   GLY A N   1 
ATOM   56   C CA  . GLY A 1 9   ? -14.346 2.775   -4.847  1.00 12.82 ? 10   GLY A CA  1 
ATOM   57   C C   . GLY A 1 9   ? -14.023 3.606   -6.036  1.00 13.40 ? 10   GLY A C   1 
ATOM   58   O O   . GLY A 1 9   ? -12.911 3.537   -6.586  1.00 12.84 ? 10   GLY A O   1 
ATOM   59   N N   . SER A 1 10  ? -15.003 4.390   -6.431  1.00 11.69 ? 11   SER A N   1 
ATOM   60   C CA  . SER A 1 10  ? -14.974 5.121   -7.673  1.00 12.98 ? 11   SER A CA  1 
ATOM   61   C C   . SER A 1 10  ? -15.223 6.597   -7.387  1.00 13.64 ? 11   SER A C   1 
ATOM   62   O O   . SER A 1 10  ? -16.331 7.004   -6.942  1.00 14.91 ? 11   SER A O   1 
ATOM   63   C CB  . SER A 1 10  ? -16.075 4.507   -8.580  1.00 12.94 ? 11   SER A CB  1 
ATOM   64   O OG  . SER A 1 10  ? -16.046 5.135   -9.868  1.00 16.02 ? 11   SER A OG  1 
ATOM   65   N N   . VAL A 1 11  ? -14.177 7.393   -7.598  1.00 12.65 ? 12   VAL A N   1 
ATOM   66   C CA  . VAL A 1 11  ? -14.130 8.784   -7.142  1.00 12.74 ? 12   VAL A CA  1 
ATOM   67   C C   . VAL A 1 11  ? -13.730 9.685   -8.314  1.00 13.90 ? 12   VAL A C   1 
ATOM   68   O O   . VAL A 1 11  ? -13.496 9.253   -9.453  1.00 12.72 ? 12   VAL A O   1 
ATOM   69   C CB  . VAL A 1 11  ? -13.112 8.936   -5.943  1.00 14.90 ? 12   VAL A CB  1 
ATOM   70   C CG1 . VAL A 1 11  ? -13.577 8.142   -4.723  1.00 18.83 ? 12   VAL A CG1 1 
ATOM   71   C CG2 . VAL A 1 11  ? -11.727 8.497   -6.316  1.00 15.61 ? 12   VAL A CG2 1 
ATOM   72   N N   . GLN A 1 12  ? -13.683 10.969  -8.042  1.00 13.37 ? 13   GLN A N   1 
ATOM   73   C CA  . GLN A 1 12  ? -13.426 11.935  -9.088  1.00 13.16 ? 13   GLN A CA  1 
ATOM   74   C C   . GLN A 1 12  ? -12.061 12.549  -8.945  1.00 10.53 ? 13   GLN A C   1 
ATOM   75   O O   . GLN A 1 12  ? -11.455 12.544  -7.868  1.00 13.09 ? 13   GLN A O   1 
ATOM   76   C CB  . GLN A 1 12  ? -14.519 12.994  -9.069  1.00 15.04 ? 13   GLN A CB  1 
ATOM   77   C CG  . GLN A 1 12  ? -15.813 12.345  -9.617  1.00 23.87 ? 13   GLN A CG  1 
ATOM   78   C CD  . GLN A 1 12  ? -17.043 13.030  -9.133  1.00 31.63 ? 13   GLN A CD  1 
ATOM   79   O OE1 . GLN A 1 12  ? -17.833 12.462  -8.345  1.00 29.19 ? 13   GLN A OE1 1 
ATOM   80   N NE2 . GLN A 1 12  ? -17.234 14.254  -9.593  1.00 26.30 ? 13   GLN A NE2 1 
ATOM   81   N N   . ALA A 1 13  ? -11.538 12.951  -10.088 1.00 11.80 ? 14   ALA A N   1 
ATOM   82   C CA  . ALA A 1 13  ? -10.181 13.505  -10.110 1.00 11.52 ? 14   ALA A CA  1 
ATOM   83   C C   . ALA A 1 13  ? -10.073 14.602  -9.054  1.00 11.99 ? 14   ALA A C   1 
ATOM   84   O O   . ALA A 1 13  ? -11.013 15.416  -8.901  1.00 13.58 ? 14   ALA A O   1 
ATOM   85   C CB  . ALA A 1 13  ? -9.886  14.075  -11.525 1.00 12.04 ? 14   ALA A CB  1 
ATOM   86   N N   . GLY A 1 14  ? -8.918  14.662  -8.376  1.00 11.71 ? 15   GLY A N   1 
ATOM   87   C CA  . GLY A 1 14  ? -8.721  15.649  -7.303  1.00 12.83 ? 15   GLY A CA  1 
ATOM   88   C C   . GLY A 1 14  ? -9.120  15.137  -5.898  1.00 13.02 ? 15   GLY A C   1 
ATOM   89   O O   . GLY A 1 14  ? -8.649  15.657  -4.887  1.00 14.39 ? 15   GLY A O   1 
ATOM   90   N N   . GLY A 1 15  ? -9.970  14.134  -5.848  1.00 14.05 ? 16   GLY A N   1 
ATOM   91   C CA  . GLY A 1 15  ? -10.439 13.586  -4.578  1.00 13.69 ? 16   GLY A CA  1 
ATOM   92   C C   . GLY A 1 15  ? -9.494  12.640  -3.871  1.00 12.96 ? 16   GLY A C   1 
ATOM   93   O O   . GLY A 1 15  ? -8.305  12.523  -4.214  1.00 12.69 ? 16   GLY A O   1 
ATOM   94   N N   . SER A 1 16  ? -10.014 12.000  -2.842  1.00 12.38 ? 17   SER A N   1 
ATOM   95   C CA  . SER A 1 16  ? -9.213  11.155  -1.994  1.00 11.69 ? 17   SER A CA  1 
ATOM   96   C C   . SER A 1 16  ? -9.939  9.851   -1.769  1.00 11.00 ? 17   SER A C   1 
ATOM   97   O O   . SER A 1 16  ? -11.164 9.755   -1.856  1.00 14.23 ? 17   SER A O   1 
ATOM   98   C CB  . SER A 1 16  ? -8.940  11.837  -0.616  1.00 11.96 ? 17   SER A CB  1 
ATOM   99   O OG  . SER A 1 16  ? -8.032  12.945  -0.751  1.00 15.84 ? 17   SER A OG  1 
ATOM   100  N N   . LEU A 1 17  ? -9.167  8.829   -1.384  1.00 11.72 ? 18   LEU A N   1 
ATOM   101  C CA  . LEU A 1 17  ? -9.715  7.569   -0.971  1.00 10.99 ? 18   LEU A CA  1 
ATOM   102  C C   . LEU A 1 17  ? -8.724  7.035   0.030   1.00 11.28 ? 18   LEU A C   1 
ATOM   103  O O   . LEU A 1 17  ? -7.510  7.181   -0.169  1.00 13.05 ? 18   LEU A O   1 
ATOM   104  C CB  . LEU A 1 17  ? -9.761  6.599   -2.161  1.00 15.46 ? 18   LEU A CB  1 
ATOM   105  C CG  . LEU A 1 17  ? -10.794 5.519   -2.260  1.00 21.06 ? 18   LEU A CG  1 
ATOM   106  C CD1 . LEU A 1 17  ? -12.251 6.026   -2.088  1.00 18.84 ? 18   LEU A CD1 1 
ATOM   107  C CD2 . LEU A 1 17  ? -10.566 4.895   -3.670  1.00 21.33 ? 18   LEU A CD2 1 
ATOM   108  N N   . ARG A 1 18  ? -9.219  6.378   1.074   1.00 10.61 ? 19   ARG A N   1 
ATOM   109  C CA  . ARG A 1 18  ? -8.321  5.737   2.046   1.00 11.52 ? 19   ARG A CA  1 
ATOM   110  C C   . ARG A 1 18  ? -8.540  4.241   1.988   1.00 12.38 ? 19   ARG A C   1 
ATOM   111  O O   . ARG A 1 18  ? -9.698  3.743   2.256   1.00 12.69 ? 19   ARG A O   1 
ATOM   112  C CB  . ARG A 1 18  ? -8.615  6.278   3.444   1.00 15.83 ? 19   ARG A CB  1 
ATOM   113  C CG  . ARG A 1 18  ? -7.681  5.721   4.498   1.00 15.86 ? 19   ARG A CG  1 
ATOM   114  C CD  . ARG A 1 18  ? -8.205  6.270   5.799   1.00 18.48 ? 19   ARG A CD  1 
ATOM   115  N NE  . ARG A 1 18  ? -7.446  5.842   6.963   1.00 29.66 ? 19   ARG A NE  1 
ATOM   116  C CZ  . ARG A 1 18  ? -6.313  6.411   7.373   1.00 34.70 ? 19   ARG A CZ  1 
ATOM   117  N NH1 . ARG A 1 18  ? -5.764  7.410   6.686   1.00 32.65 ? 19   ARG A NH1 1 
ATOM   118  N NH2 . ARG A 1 18  ? -5.692  5.937   8.446   1.00 37.49 ? 19   ARG A NH2 1 
ATOM   119  N N   . LEU A 1 19  ? -7.492  3.533   1.571   1.00 11.99 ? 20   LEU A N   1 
ATOM   120  C CA  . LEU A 1 19  ? -7.530  2.046   1.519   1.00 9.71  ? 20   LEU A CA  1 
ATOM   121  C C   . LEU A 1 19  ? -7.034  1.514   2.826   1.00 11.66 ? 20   LEU A C   1 
ATOM   122  O O   . LEU A 1 19  ? -6.180  2.126   3.517   1.00 12.71 ? 20   LEU A O   1 
ATOM   123  C CB  . LEU A 1 19  ? -6.592  1.522   0.421   1.00 9.62  ? 20   LEU A CB  1 
ATOM   124  C CG  . LEU A 1 19  ? -6.828  2.138   -0.957  1.00 11.61 ? 20   LEU A CG  1 
ATOM   125  C CD1 . LEU A 1 19  ? -5.940  1.313   -1.957  1.00 11.35 ? 20   LEU A CD1 1 
ATOM   126  C CD2 . LEU A 1 19  ? -8.263  2.037   -1.383  1.00 13.71 ? 20   LEU A CD2 1 
ATOM   127  N N   . SER A 1 20  ? -7.583  0.369   3.213   1.00 12.10 ? 21   SER A N   1 
ATOM   128  C CA  A SER A 1 20  ? -7.110  -0.362  4.415   0.80 12.97 ? 21   SER A CA  1 
ATOM   129  C CA  B SER A 1 20  ? -7.011  -0.321  4.361   0.20 11.61 ? 21   SER A CA  1 
ATOM   130  C C   . SER A 1 20  ? -6.665  -1.751  4.022   1.00 13.70 ? 21   SER A C   1 
ATOM   131  O O   . SER A 1 20  ? -7.221  -2.367  3.063   1.00 14.86 ? 21   SER A O   1 
ATOM   132  C CB  A SER A 1 20  ? -8.282  -0.508  5.404   0.80 14.98 ? 21   SER A CB  1 
ATOM   133  C CB  B SER A 1 20  ? -7.966  -0.281  5.543   0.20 12.48 ? 21   SER A CB  1 
ATOM   134  O OG  A SER A 1 20  ? -8.705  0.765   5.872   0.80 20.48 ? 21   SER A OG  1 
ATOM   135  O OG  B SER A 1 20  ? -9.140  -0.985  5.213   0.20 5.57  ? 21   SER A OG  1 
ATOM   136  N N   . CYS A 1 21  ? -5.714  -2.290  4.767   1.00 12.85 ? 22   CYS A N   1 
ATOM   137  C CA  A CYS A 1 21  ? -5.249  -3.635  4.532   0.50 13.18 ? 22   CYS A CA  1 
ATOM   138  C CA  B CYS A 1 21  ? -5.306  -3.645  4.537   0.50 13.92 ? 22   CYS A CA  1 
ATOM   139  C C   . CYS A 1 21  ? -5.265  -4.331  5.903   1.00 14.18 ? 22   CYS A C   1 
ATOM   140  O O   . CYS A 1 21  ? -4.442  -4.021  6.758   1.00 14.52 ? 22   CYS A O   1 
ATOM   141  C CB  A CYS A 1 21  ? -3.818  -3.596  4.013   0.50 11.93 ? 22   CYS A CB  1 
ATOM   142  C CB  B CYS A 1 21  ? -3.941  -3.709  3.880   0.50 13.84 ? 22   CYS A CB  1 
ATOM   143  S SG  A CYS A 1 21  ? -3.007  -5.234  4.070   0.50 14.62 ? 22   CYS A SG  1 
ATOM   144  S SG  B CYS A 1 21  ? -3.422  -5.439  3.727   0.50 17.77 ? 22   CYS A SG  1 
ATOM   145  N N   . ALA A 1 22  ? -6.186  -5.253  6.092   1.00 13.35 ? 23   ALA A N   1 
ATOM   146  C CA  . ALA A 1 22  ? -6.277  -5.990  7.372   1.00 14.44 ? 23   ALA A CA  1 
ATOM   147  C C   . ALA A 1 22  ? -5.428  -7.234  7.240   1.00 13.59 ? 23   ALA A C   1 
ATOM   148  O O   . ALA A 1 22  ? -5.696  -8.048  6.373   1.00 13.73 ? 23   ALA A O   1 
ATOM   149  C CB  . ALA A 1 22  ? -7.690  -6.389  7.655   1.00 14.53 ? 23   ALA A CB  1 
ATOM   150  N N   . ALA A 1 23  ? -4.418  -7.378  8.087   1.00 15.22 ? 24   ALA A N   1 
ATOM   151  C CA  . ALA A 1 23  ? -3.620  -8.592  8.125   1.00 16.13 ? 24   ALA A CA  1 
ATOM   152  C C   . ALA A 1 23  ? -4.157  -9.652  9.106   1.00 17.57 ? 24   ALA A C   1 
ATOM   153  O O   . ALA A 1 23  ? -4.810  -9.323  10.099  1.00 18.58 ? 24   ALA A O   1 
ATOM   154  C CB  . ALA A 1 23  ? -2.202  -8.219  8.513   1.00 16.30 ? 24   ALA A CB  1 
ATOM   155  N N   . SER A 1 24  ? -3.972  -10.923 8.747   1.00 18.88 ? 25   SER A N   1 
ATOM   156  C CA  A SER A 1 24  ? -4.333  -12.103 9.583   0.80 18.47 ? 25   SER A CA  1 
ATOM   157  C CA  B SER A 1 24  ? -4.263  -12.029 9.645   0.20 18.14 ? 25   SER A CA  1 
ATOM   158  C C   . SER A 1 24  ? -3.161  -13.063 9.544   1.00 19.48 ? 25   SER A C   1 
ATOM   159  O O   . SER A 1 24  ? -2.398  -13.115 8.548   1.00 21.36 ? 25   SER A O   1 
ATOM   160  C CB  A SER A 1 24  ? -5.558  -12.846 9.036   0.80 19.53 ? 25   SER A CB  1 
ATOM   161  C CB  B SER A 1 24  ? -5.614  -12.656 9.316   0.20 18.10 ? 25   SER A CB  1 
ATOM   162  O OG  A SER A 1 24  ? -6.705  -12.030 8.904   0.80 28.76 ? 25   SER A OG  1 
ATOM   163  O OG  B SER A 1 24  ? -5.891  -13.744 10.173  0.20 15.08 ? 25   SER A OG  1 
ATOM   164  N N   . GLY A 1 25  ? -3.024  -13.865 10.580  1.00 19.49 ? 26   GLY A N   1 
ATOM   165  C CA  . GLY A 1 25  ? -1.909  -14.804 10.640  1.00 20.94 ? 26   GLY A CA  1 
ATOM   166  C C   . GLY A 1 25  ? -0.597  -14.153 11.050  1.00 22.65 ? 26   GLY A C   1 
ATOM   167  O O   . GLY A 1 25  ? 0.004   -14.520 12.081  1.00 27.34 ? 26   GLY A O   1 
ATOM   168  N N   . ILE A 1 26  ? -0.113  -13.222 10.248  1.00 21.77 ? 27   ILE A N   1 
ATOM   169  C CA  . ILE A 1 26  ? 1.054   -12.442 10.616  1.00 22.17 ? 27   ILE A CA  1 
ATOM   170  C C   . ILE A 1 26  ? 0.742   -11.120 11.300  1.00 20.26 ? 27   ILE A C   1 
ATOM   171  O O   . ILE A 1 26  ? -0.355  -10.567 11.206  1.00 19.48 ? 27   ILE A O   1 
ATOM   172  C CB  . ILE A 1 26  ? 1.927   -12.106 9.408   1.00 23.43 ? 27   ILE A CB  1 
ATOM   173  C CG1 . ILE A 1 26  ? 1.138   -11.180 8.478   1.00 25.03 ? 27   ILE A CG1 1 
ATOM   174  C CG2 . ILE A 1 26  ? 2.352   -13.405 8.687   1.00 23.84 ? 27   ILE A CG2 1 
ATOM   175  C CD1 . ILE A 1 26  ? 2.018   -10.645 7.322   1.00 24.32 ? 27   ILE A CD1 1 
ATOM   176  N N   . ASP A 1 27  ? 1.763   -10.632 11.969  1.00 16.59 ? 28   ASP A N   1 
ATOM   177  C CA  . ASP A 1 27  ? 1.700   -9.408  12.712  1.00 16.76 ? 28   ASP A CA  1 
ATOM   178  C C   . ASP A 1 27  ? 2.365   -8.334  11.836  1.00 14.52 ? 28   ASP A C   1 
ATOM   179  O O   . ASP A 1 27  ? 3.618   -8.230  11.765  1.00 16.71 ? 28   ASP A O   1 
ATOM   180  C CB  . ASP A 1 27  ? 2.466   -9.667  13.995  1.00 16.83 ? 28   ASP A CB  1 
ATOM   181  C CG  . ASP A 1 27  ? 2.732   -8.429  14.764  1.00 21.05 ? 28   ASP A CG  1 
ATOM   182  O OD1 . ASP A 1 27  ? 2.279   -7.352  14.372  1.00 16.61 ? 28   ASP A OD1 1 
ATOM   183  O OD2 . ASP A 1 27  ? 3.432   -8.533  15.796  1.00 31.34 ? 28   ASP A OD2 1 
ATOM   184  N N   . SER A 1 28  ? 1.534   -7.499  11.233  1.00 13.57 ? 29   SER A N   1 
ATOM   185  C CA  . SER A 1 28  ? 2.019   -6.525  10.251  1.00 14.75 ? 29   SER A CA  1 
ATOM   186  C C   . SER A 1 28  ? 2.976   -5.501  10.871  1.00 14.07 ? 29   SER A C   1 
ATOM   187  O O   . SER A 1 28  ? 3.776   -4.946  10.145  1.00 15.24 ? 29   SER A O   1 
ATOM   188  C CB  . SER A 1 28  ? 0.864   -5.780  9.557   1.00 13.77 ? 29   SER A CB  1 
ATOM   189  O OG  . SER A 1 28  ? 0.206   -4.895  10.439  1.00 16.06 ? 29   SER A OG  1 
ATOM   190  N N   . SER A 1 29  ? 2.958   -5.324  12.207  1.00 13.55 ? 30   SER A N   1 
ATOM   191  C CA  . SER A 1 29  ? 3.877   -4.348  12.821  1.00 15.03 ? 30   SER A CA  1 
ATOM   192  C C   . SER A 1 29  ? 5.309   -4.811  12.653  1.00 16.82 ? 30   SER A C   1 
ATOM   193  O O   . SER A 1 29  ? 6.223   -3.974  12.664  1.00 18.35 ? 30   SER A O   1 
ATOM   194  C CB  . SER A 1 29  ? 3.579   -4.183  14.324  1.00 15.91 ? 30   SER A CB  1 
ATOM   195  O OG  . SER A 1 29  ? 3.873   -5.361  15.016  1.00 20.88 ? 30   SER A OG  1 
ATOM   196  N N   . SER A 1 30  ? 5.494   -6.129  12.498  1.00 15.58 ? 31   SER A N   1 
ATOM   197  C CA  . SER A 1 30  ? 6.809   -6.763  12.352  1.00 16.34 ? 31   SER A CA  1 
ATOM   198  C C   . SER A 1 30  ? 7.370   -6.783  10.941  1.00 17.30 ? 31   SER A C   1 
ATOM   199  O O   . SER A 1 30  ? 8.554   -6.971  10.777  1.00 14.66 ? 31   SER A O   1 
ATOM   200  C CB  . SER A 1 30  ? 6.801   -8.199  12.898  1.00 20.25 ? 31   SER A CB  1 
ATOM   201  O OG  . SER A 1 30  ? 6.693   -8.155  14.320  1.00 22.07 ? 31   SER A OG  1 
ATOM   202  N N   . TYR A 1 31  ? 6.512   -6.608  9.936   1.00 14.39 ? 32   TYR A N   1 
ATOM   203  C CA  . TYR A 1 31  ? 6.881   -6.932  8.553   1.00 13.35 ? 32   TYR A CA  1 
ATOM   204  C C   . TYR A 1 31  ? 6.958   -5.664  7.738   1.00 12.18 ? 32   TYR A C   1 
ATOM   205  O O   . TYR A 1 31  ? 6.259   -4.666  8.011   1.00 14.64 ? 32   TYR A O   1 
ATOM   206  C CB  . TYR A 1 31  ? 5.803   -7.830  7.873   1.00 14.22 ? 32   TYR A CB  1 
ATOM   207  C CG  . TYR A 1 31  ? 5.810   -9.277  8.335   1.00 16.87 ? 32   TYR A CG  1 
ATOM   208  C CD1 . TYR A 1 31  ? 6.260   -10.297 7.502   1.00 18.29 ? 32   TYR A CD1 1 
ATOM   209  C CD2 . TYR A 1 31  ? 5.421   -9.615  9.621   1.00 15.64 ? 32   TYR A CD2 1 
ATOM   210  C CE1 . TYR A 1 31  ? 6.256   -11.615 7.919   1.00 23.77 ? 32   TYR A CE1 1 
ATOM   211  C CE2 . TYR A 1 31  ? 5.436   -10.929 10.053  1.00 22.40 ? 32   TYR A CE2 1 
ATOM   212  C CZ  . TYR A 1 31  ? 5.843   -11.917 9.208   1.00 22.94 ? 32   TYR A CZ  1 
ATOM   213  O OH  . TYR A 1 31  ? 5.846   -13.219 9.642   1.00 23.58 ? 32   TYR A OH  1 
ATOM   214  N N   . CYS A 1 32  ? 7.796   -5.704  6.713   1.00 11.93 ? 33   CYS A N   1 
ATOM   215  C CA  . CYS A 1 32  ? 7.750   -4.696  5.658   1.00 10.34 ? 33   CYS A CA  1 
ATOM   216  C C   . CYS A 1 32  ? 6.423   -4.917  4.900   1.00 10.98 ? 33   CYS A C   1 
ATOM   217  O O   . CYS A 1 32  ? 6.187   -5.995  4.356   1.00 13.57 ? 33   CYS A O   1 
ATOM   218  C CB  . CYS A 1 32  ? 8.935   -4.863  4.708   1.00 12.94 ? 33   CYS A CB  1 
ATOM   219  S SG  . CYS A 1 32  ? 8.791   -3.820  3.227   1.00 17.53 ? 33   CYS A SG  1 
ATOM   220  N N   . MET A 1 33  ? 5.552   -3.908  4.965   1.00 9.49  ? 34   MET A N   1 
ATOM   221  C CA  . MET A 1 33  ? 4.250   -3.938  4.304   1.00 9.95  ? 34   MET A CA  1 
ATOM   222  C C   . MET A 1 33  ? 4.241   -2.996  3.122   1.00 10.56 ? 34   MET A C   1 
ATOM   223  O O   . MET A 1 33  ? 4.897   -1.952  3.136   1.00 11.49 ? 34   MET A O   1 
ATOM   224  C CB  . MET A 1 33  ? 3.113   -3.516  5.297   1.00 11.83 ? 34   MET A CB  1 
ATOM   225  C CG  . MET A 1 33  ? 3.065   -4.365  6.611   1.00 12.91 ? 34   MET A CG  1 
ATOM   226  S SD  . MET A 1 33  ? 2.717   -6.100  6.252   1.00 13.52 ? 34   MET A SD  1 
ATOM   227  C CE  . MET A 1 33  ? 1.025   -6.002  5.569   1.00 12.57 ? 34   MET A CE  1 
ATOM   228  N N   . GLY A 1 34  ? 3.526   -3.387  2.067   1.00 9.71  ? 35   GLY A N   1 
ATOM   229  C CA  . GLY A 1 34  ? 3.518   -2.533  0.877   1.00 10.23 ? 35   GLY A CA  1 
ATOM   230  C C   . GLY A 1 34  ? 2.146   -2.465  0.231   1.00 10.47 ? 35   GLY A C   1 
ATOM   231  O O   . GLY A 1 34  ? 1.285   -3.303  0.474   1.00 12.18 ? 35   GLY A O   1 
ATOM   232  N N   . TRP A 1 35  ? 2.015   -1.470  -0.622  1.00 10.90 ? 36   TRP A N   1 
ATOM   233  C CA  . TRP A 1 35  ? 0.908   -1.382  -1.545  1.00 11.67 ? 36   TRP A CA  1 
ATOM   234  C C   . TRP A 1 35  ? 1.508   -1.388  -2.936  1.00 10.74 ? 36   TRP A C   1 
ATOM   235  O O   . TRP A 1 35  ? 2.549   -0.744  -3.186  1.00 9.45  ? 36   TRP A O   1 
ATOM   236  C CB  . TRP A 1 35  ? 0.138   -0.055  -1.363  1.00 11.00 ? 36   TRP A CB  1 
ATOM   237  C CG  . TRP A 1 35  ? -0.688  -0.038  -0.129  1.00 9.98  ? 36   TRP A CG  1 
ATOM   238  C CD1 . TRP A 1 35  ? -0.319  0.413   1.094   1.00 13.68 ? 36   TRP A CD1 1 
ATOM   239  C CD2 . TRP A 1 35  ? -2.000  -0.590  0.023   1.00 11.08 ? 36   TRP A CD2 1 
ATOM   240  N NE1 . TRP A 1 35  ? -1.339  0.264   1.984   1.00 12.66 ? 36   TRP A NE1 1 
ATOM   241  C CE2 . TRP A 1 35  ? -2.384  -0.364  1.360   1.00 11.91 ? 36   TRP A CE2 1 
ATOM   242  C CE3 . TRP A 1 35  ? -2.911  -1.198  -0.863  1.00 10.85 ? 36   TRP A CE3 1 
ATOM   243  C CZ2 . TRP A 1 35  ? -3.615  -0.765  1.867   1.00 13.45 ? 36   TRP A CZ2 1 
ATOM   244  C CZ3 . TRP A 1 35  ? -4.181  -1.566  -0.353  1.00 13.83 ? 36   TRP A CZ3 1 
ATOM   245  C CH2 . TRP A 1 35  ? -4.494  -1.339  1.005   1.00 12.65 ? 36   TRP A CH2 1 
ATOM   246  N N   . PHE A 1 36  ? 0.881   -2.194  -3.789  1.00 9.89  ? 37   PHE A N   1 
ATOM   247  C CA  . PHE A 1 36  ? 1.195   -2.253  -5.210  1.00 10.57 ? 37   PHE A CA  1 
ATOM   248  C C   . PHE A 1 36  ? -0.067  -1.963  -5.984  1.00 10.75 ? 37   PHE A C   1 
ATOM   249  O O   . PHE A 1 36  ? -1.129  -1.991  -5.443  1.00 13.33 ? 37   PHE A O   1 
ATOM   250  C CB  . PHE A 1 36  ? 1.629   -3.657  -5.571  1.00 10.33 ? 37   PHE A CB  1 
ATOM   251  C CG  . PHE A 1 36  ? 3.040   -3.985  -5.119  1.00 11.84 ? 37   PHE A CG  1 
ATOM   252  C CD1 . PHE A 1 36  ? 4.074   -4.073  -6.072  1.00 10.31 ? 37   PHE A CD1 1 
ATOM   253  C CD2 . PHE A 1 36  ? 3.307   -4.258  -3.767  1.00 12.00 ? 37   PHE A CD2 1 
ATOM   254  C CE1 . PHE A 1 36  ? 5.389   -4.395  -5.664  1.00 12.72 ? 37   PHE A CE1 1 
ATOM   255  C CE2 . PHE A 1 36  ? 4.650   -4.508  -3.346  1.00 12.80 ? 37   PHE A CE2 1 
ATOM   256  C CZ  . PHE A 1 36  ? 5.671   -4.580  -4.316  1.00 12.06 ? 37   PHE A CZ  1 
ATOM   257  N N   . ARG A 1 37  ? 0.086   -1.699  -7.257  1.00 10.04 ? 38   ARG A N   1 
ATOM   258  C CA  . ARG A 1 37  ? -1.133  -1.545  -8.100  1.00 10.65 ? 38   ARG A CA  1 
ATOM   259  C C   . ARG A 1 37  ? -0.894  -2.131  -9.484  1.00 11.17 ? 38   ARG A C   1 
ATOM   260  O O   . ARG A 1 37  ? 0.243   -2.166  -9.995  1.00 11.09 ? 38   ARG A O   1 
ATOM   261  C CB  . ARG A 1 37  ? -1.584  -0.072  -8.223  1.00 10.90 ? 38   ARG A CB  1 
ATOM   262  C CG  . ARG A 1 37  ? -0.566  0.824   -9.023  1.00 10.07 ? 38   ARG A CG  1 
ATOM   263  C CD  . ARG A 1 37  ? -1.024  2.294   -8.928  1.00 9.26  ? 38   ARG A CD  1 
ATOM   264  N NE  . ARG A 1 37  ? -0.127  3.129   -9.689  1.00 12.80 ? 38   ARG A NE  1 
ATOM   265  C CZ  . ARG A 1 37  ? -0.232  4.464   -9.715  1.00 14.20 ? 38   ARG A CZ  1 
ATOM   266  N NH1 . ARG A 1 37  ? -1.221  5.038   -9.037  1.00 12.45 ? 38   ARG A NH1 1 
ATOM   267  N NH2 . ARG A 1 37  ? 0.588   5.176   -10.495 1.00 14.87 ? 38   ARG A NH2 1 
ATOM   268  N N   . GLN A 1 38  ? -1.989  -2.485  -10.114 1.00 10.60 ? 39   GLN A N   1 
ATOM   269  C CA  . GLN A 1 38  ? -1.946  -2.939  -11.510 1.00 11.45 ? 39   GLN A CA  1 
ATOM   270  C C   . GLN A 1 38  ? -2.930  -2.064  -12.272 1.00 12.15 ? 39   GLN A C   1 
ATOM   271  O O   . GLN A 1 38  ? -4.148  -2.251  -12.196 1.00 11.97 ? 39   GLN A O   1 
ATOM   272  C CB  . GLN A 1 38  ? -2.388  -4.390  -11.599 1.00 13.92 ? 39   GLN A CB  1 
ATOM   273  C CG  . GLN A 1 38  ? -2.057  -4.976  -12.943 1.00 16.14 ? 39   GLN A CG  1 
ATOM   274  C CD  . GLN A 1 38  ? -3.264  -5.258  -13.793 1.00 22.33 ? 39   GLN A CD  1 
ATOM   275  O OE1 . GLN A 1 38  ? -4.272  -5.770  -13.291 1.00 23.10 ? 39   GLN A OE1 1 
ATOM   276  N NE2 . GLN A 1 38  ? -3.146  -5.011  -15.115 1.00 17.93 ? 39   GLN A NE2 1 
ATOM   277  N N   . ARG A 1 39  ? -2.387  -1.123  -13.008 1.00 11.99 ? 40   ARG A N   1 
ATOM   278  C CA  . ARG A 1 39  ? -3.167  -0.205  -13.847 1.00 11.34 ? 40   ARG A CA  1 
ATOM   279  C C   . ARG A 1 39  ? -3.676  -0.955  -15.089 1.00 13.57 ? 40   ARG A C   1 
ATOM   280  O O   . ARG A 1 39  ? -3.104  -1.978  -15.488 1.00 14.33 ? 40   ARG A O   1 
ATOM   281  C CB  . ARG A 1 39  ? -2.289  1.009   -14.276 1.00 11.45 ? 40   ARG A CB  1 
ATOM   282  C CG  . ARG A 1 39  ? -1.981  1.955   -13.090 1.00 10.88 ? 40   ARG A CG  1 
ATOM   283  C CD  . ARG A 1 39  ? -1.047  3.114   -13.535 1.00 13.50 ? 40   ARG A CD  1 
ATOM   284  N NE  . ARG A 1 39  ? 0.288   2.618   -13.729 1.00 18.09 ? 40   ARG A NE  1 
ATOM   285  C CZ  . ARG A 1 39  ? 0.997   2.789   -14.851 1.00 27.55 ? 40   ARG A CZ  1 
ATOM   286  N NH1 . ARG A 1 39  ? 2.180   2.228   -14.956 1.00 27.99 ? 40   ARG A NH1 1 
ATOM   287  N NH2 . ARG A 1 39  ? 0.498   3.444   -15.888 1.00 28.71 ? 40   ARG A NH2 1 
ATOM   288  N N   . PRO A 1 40  ? -4.770  -0.485  -15.688 1.00 13.55 ? 41   PRO A N   1 
ATOM   289  C CA  . PRO A 1 40  ? -5.347  -1.290  -16.789 1.00 16.30 ? 41   PRO A CA  1 
ATOM   290  C C   . PRO A 1 40  ? -4.359  -1.618  -17.905 1.00 15.36 ? 41   PRO A C   1 
ATOM   291  O O   . PRO A 1 40  ? -3.681  -0.723  -18.439 1.00 17.55 ? 41   PRO A O   1 
ATOM   292  C CB  . PRO A 1 40  ? -6.498  -0.407  -17.308 1.00 18.47 ? 41   PRO A CB  1 
ATOM   293  C CG  . PRO A 1 40  ? -6.879  0.403   -16.071 1.00 16.33 ? 41   PRO A CG  1 
ATOM   294  C CD  . PRO A 1 40  ? -5.536  0.753   -15.444 1.00 14.95 ? 41   PRO A CD  1 
ATOM   295  N N   . GLY A 1 41  ? -4.225  -2.923  -18.212 1.00 17.56 ? 42   GLY A N   1 
ATOM   296  C CA  . GLY A 1 41  ? -3.253  -3.359  -19.234 1.00 18.70 ? 42   GLY A CA  1 
ATOM   297  C C   . GLY A 1 41  ? -1.780  -3.112  -18.935 1.00 20.18 ? 42   GLY A C   1 
ATOM   298  O O   . GLY A 1 41  ? -0.938  -3.068  -19.848 1.00 22.11 ? 42   GLY A O   1 
ATOM   299  N N   . LYS A 1 42  ? -1.454  -2.909  -17.653 1.00 16.48 ? 43   LYS A N   1 
ATOM   300  C CA  . LYS A 1 42  ? -0.056  -2.678  -17.271 1.00 16.34 ? 43   LYS A CA  1 
ATOM   301  C C   . LYS A 1 42  ? 0.359   -3.717  -16.243 1.00 15.38 ? 43   LYS A C   1 
ATOM   302  O O   . LYS A 1 42  ? -0.487  -4.257  -15.522 1.00 16.49 ? 43   LYS A O   1 
ATOM   303  C CB  . LYS A 1 42  ? 0.101   -1.301  -16.632 1.00 17.87 ? 43   LYS A CB  1 
ATOM   304  C CG  . LYS A 1 42  ? -0.198  -0.107  -17.543 1.00 22.88 ? 43   LYS A CG  1 
ATOM   305  C CD  . LYS A 1 42  ? 0.877   0.083   -18.579 1.00 35.17 ? 43   LYS A CD  1 
ATOM   306  C CE  . LYS A 1 42  ? 0.841   1.529   -19.074 1.00 37.28 ? 43   LYS A CE  1 
ATOM   307  N NZ  . LYS A 1 42  ? -0.597  1.866   -19.302 1.00 42.54 ? 43   LYS A NZ  1 
ATOM   308  N N   . GLU A 1 43  ? 1.673   -3.958  -16.133 1.00 15.36 ? 44   GLU A N   1 
ATOM   309  C CA  A GLU A 1 43  ? 2.180   -4.870  -15.102 0.60 13.96 ? 44   GLU A CA  1 
ATOM   310  C CA  B GLU A 1 43  ? 2.238   -4.844  -15.103 0.40 15.62 ? 44   GLU A CA  1 
ATOM   311  C C   . GLU A 1 43  ? 2.101   -4.253  -13.704 1.00 14.03 ? 44   GLU A C   1 
ATOM   312  O O   . GLU A 1 43  ? 2.092   -3.041  -13.557 1.00 16.06 ? 44   GLU A O   1 
ATOM   313  C CB  A GLU A 1 43  ? 3.613   -5.341  -15.442 0.60 16.67 ? 44   GLU A CB  1 
ATOM   314  C CB  B GLU A 1 43  ? 3.727   -5.075  -15.384 0.40 17.23 ? 44   GLU A CB  1 
ATOM   315  C CG  A GLU A 1 43  ? 3.696   -5.887  -16.875 0.60 13.12 ? 44   GLU A CG  1 
ATOM   316  C CG  B GLU A 1 43  ? 4.414   -3.884  -16.034 0.40 21.86 ? 44   GLU A CG  1 
ATOM   317  C CD  A GLU A 1 43  ? 4.981   -6.622  -17.211 0.60 25.02 ? 44   GLU A CD  1 
ATOM   318  C CD  B GLU A 1 43  ? 3.849   -3.549  -17.424 0.40 25.06 ? 44   GLU A CD  1 
ATOM   319  O OE1 A GLU A 1 43  ? 5.054   -7.197  -18.330 0.60 29.30 ? 44   GLU A OE1 1 
ATOM   320  O OE1 B GLU A 1 43  ? 3.632   -2.352  -17.711 0.40 25.23 ? 44   GLU A OE1 1 
ATOM   321  O OE2 A GLU A 1 43  ? 5.887   -6.678  -16.362 0.60 29.33 ? 44   GLU A OE2 1 
ATOM   322  O OE2 B GLU A 1 43  ? 3.584   -4.488  -18.203 0.40 30.12 ? 44   GLU A OE2 1 
ATOM   323  N N   . ARG A 1 44  ? 2.020   -5.110  -12.675 1.00 13.70 ? 45   ARG A N   1 
ATOM   324  C CA  . ARG A 1 44  ? 1.951   -4.657  -11.296 1.00 12.35 ? 45   ARG A CA  1 
ATOM   325  C C   . ARG A 1 44  ? 3.207   -3.862  -10.932 1.00 14.78 ? 45   ARG A C   1 
ATOM   326  O O   . ARG A 1 44  ? 4.321   -4.185  -11.422 1.00 16.36 ? 45   ARG A O   1 
ATOM   327  C CB  . ARG A 1 44  ? 1.792   -5.869  -10.360 1.00 14.72 ? 45   ARG A CB  1 
ATOM   328  C CG  . ARG A 1 44  ? 1.373   -5.438  -8.956  1.00 19.28 ? 45   ARG A CG  1 
ATOM   329  C CD  . ARG A 1 44  ? 1.267   -6.629  -8.052  1.00 19.23 ? 45   ARG A CD  1 
ATOM   330  N NE  . ARG A 1 44  ? 0.412   -7.650  -8.624  1.00 21.47 ? 45   ARG A NE  1 
ATOM   331  C CZ  . ARG A 1 44  ? 0.152   -8.819  -8.062  1.00 25.48 ? 45   ARG A CZ  1 
ATOM   332  N NH1 . ARG A 1 44  ? 0.803   -9.202  -6.959  1.00 28.75 ? 45   ARG A NH1 1 
ATOM   333  N NH2 . ARG A 1 44  ? -0.702  -9.631  -8.648  1.00 29.52 ? 45   ARG A NH2 1 
ATOM   334  N N   . GLU A 1 45  ? 3.009   -2.779  -10.183 1.00 11.41 ? 46   GLU A N   1 
ATOM   335  C CA  . GLU A 1 45  ? 4.183   -1.934  -9.800  1.00 12.38 ? 46   GLU A CA  1 
ATOM   336  C C   . GLU A 1 45  ? 4.046   -1.539  -8.355  1.00 13.25 ? 46   GLU A C   1 
ATOM   337  O O   . GLU A 1 45  ? 2.925   -1.446  -7.805  1.00 11.42 ? 46   GLU A O   1 
ATOM   338  C CB  . GLU A 1 45  ? 4.167   -0.669  -10.664 1.00 14.11 ? 46   GLU A CB  1 
ATOM   339  C CG  . GLU A 1 45  ? 2.897   0.116   -10.426 1.00 14.52 ? 46   GLU A CG  1 
ATOM   340  C CD  . GLU A 1 45  ? 2.677   1.222   -11.439 1.00 21.92 ? 46   GLU A CD  1 
ATOM   341  O OE1 . GLU A 1 45  ? 3.648   1.606   -12.126 1.00 32.82 ? 46   GLU A OE1 1 
ATOM   342  O OE2 . GLU A 1 45  ? 1.561   1.720   -11.498 1.00 23.99 ? 46   GLU A OE2 1 
ATOM   343  N N   . GLY A 1 46  ? 5.187   -1.325  -7.700  1.00 12.39 ? 47   GLY A N   1 
ATOM   344  C CA  . GLY A 1 46  ? 5.142   -0.818  -6.347  1.00 10.47 ? 47   GLY A CA  1 
ATOM   345  C C   . GLY A 1 46  ? 4.591   0.595   -6.242  1.00 10.29 ? 47   GLY A C   1 
ATOM   346  O O   . GLY A 1 46  ? 4.765   1.451   -7.139  1.00 13.11 ? 47   GLY A O   1 
ATOM   347  N N   . VAL A 1 47  ? 3.939   0.844   -5.119  1.00 10.17 ? 48   VAL A N   1 
ATOM   348  C CA  . VAL A 1 47  ? 3.307   2.144   -4.872  1.00 9.92  ? 48   VAL A CA  1 
ATOM   349  C C   . VAL A 1 47  ? 3.902   2.694   -3.574  1.00 9.78  ? 48   VAL A C   1 
ATOM   350  O O   . VAL A 1 47  ? 4.387   3.821   -3.577  1.00 11.29 ? 48   VAL A O   1 
ATOM   351  C CB  . VAL A 1 47  ? 1.795   2.022   -4.719  1.00 10.18 ? 48   VAL A CB  1 
ATOM   352  C CG1 . VAL A 1 47  ? 1.183   3.371   -4.316  1.00 12.68 ? 48   VAL A CG1 1 
ATOM   353  C CG2 . VAL A 1 47  ? 1.133   1.569   -6.016  1.00 13.35 ? 48   VAL A CG2 1 
ATOM   354  N N   . ALA A 1 48  ? 3.837   1.949   -2.479  1.00 10.29 ? 49   ALA A N   1 
ATOM   355  C CA  . ALA A 1 48  ? 4.408   2.493   -1.220  1.00 9.82  ? 49   ALA A CA  1 
ATOM   356  C C   . ALA A 1 48  ? 4.822   1.334   -0.367  1.00 11.98 ? 49   ALA A C   1 
ATOM   357  O O   . ALA A 1 48  ? 4.253   0.263   -0.462  1.00 10.58 ? 49   ALA A O   1 
ATOM   358  C CB  . ALA A 1 48  ? 3.303   3.284   -0.447  1.00 9.87  ? 49   ALA A CB  1 
ATOM   359  N N   . ARG A 1 49  ? 5.737   1.575   0.553   1.00 10.05 ? 50   ARG A N   1 
ATOM   360  C CA  . ARG A 1 49  ? 6.084   0.483   1.502   1.00 10.31 ? 50   ARG A CA  1 
ATOM   361  C C   . ARG A 1 49  ? 6.513   1.123   2.816   1.00 11.11 ? 50   ARG A C   1 
ATOM   362  O O   . ARG A 1 49  ? 6.949   2.306   2.834   1.00 11.64 ? 50   ARG A O   1 
ATOM   363  C CB  . ARG A 1 49  ? 7.173   -0.460  0.896   1.00 8.98  ? 50   ARG A CB  1 
ATOM   364  C CG  . ARG A 1 49  ? 8.476   0.290   0.559   1.00 13.70 ? 50   ARG A CG  1 
ATOM   365  C CD  . ARG A 1 49  ? 9.572   -0.663  0.021   1.00 15.76 ? 50   ARG A CD  1 
ATOM   366  N NE  . ARG A 1 49  ? 10.801  0.118   -0.088  1.00 14.07 ? 50   ARG A NE  1 
ATOM   367  C CZ  . ARG A 1 49  ? 11.191  0.743   -1.187  1.00 14.46 ? 50   ARG A CZ  1 
ATOM   368  N NH1 . ARG A 1 49  ? 10.500  0.601   -2.348  1.00 14.93 ? 50   ARG A NH1 1 
ATOM   369  N NH2 . ARG A 1 49  ? 12.290  1.482   -1.168  1.00 14.49 ? 50   ARG A NH2 1 
ATOM   370  N N   . ILE A 1 50  ? 6.415   0.359   3.896   1.00 10.33 ? 51   ILE A N   1 
ATOM   371  C CA  . ILE A 1 50  ? 6.743   0.869   5.227   1.00 10.54 ? 51   ILE A CA  1 
ATOM   372  C C   . ILE A 1 50  ? 7.538   -0.257  5.879   1.00 12.41 ? 51   ILE A C   1 
ATOM   373  O O   . ILE A 1 50  ? 7.195   -1.464  5.726   1.00 11.69 ? 51   ILE A O   1 
ATOM   374  C CB  . ILE A 1 50  ? 5.434   1.224   6.082   1.00 12.37 ? 51   ILE A CB  1 
ATOM   375  C CG1 . ILE A 1 50  ? 5.856   1.778   7.456   1.00 10.01 ? 51   ILE A CG1 1 
ATOM   376  C CG2 . ILE A 1 50  ? 4.444   0.027   6.286   1.00 13.52 ? 51   ILE A CG2 1 
ATOM   377  C CD1 . ILE A 1 50  ? 4.706   2.530   8.185   1.00 15.32 ? 51   ILE A CD1 1 
ATOM   378  N N   . ASN A 1 51  ? 8.582   0.136   6.594   1.00 12.54 ? 52   ASN A N   1 
ATOM   379  C CA  . ASN A 1 51  ? 9.395   -0.857  7.297   1.00 10.61 ? 52   ASN A CA  1 
ATOM   380  C C   . ASN A 1 51  ? 8.645   -1.710  8.286   1.00 9.50  ? 52   ASN A C   1 
ATOM   381  O O   . ASN A 1 51  ? 7.673   -1.255  8.958   1.00 12.19 ? 52   ASN A O   1 
ATOM   382  C CB  . ASN A 1 51  ? 10.524  -0.114  8.076   1.00 12.91 ? 52   ASN A CB  1 
ATOM   383  C CG  . ASN A 1 51  ? 11.756  0.098   7.251   1.00 13.95 ? 52   ASN A CG  1 
ATOM   384  O OD1 . ASN A 1 51  ? 12.072  -0.679  6.335   1.00 13.50 ? 52   ASN A OD1 1 
ATOM   385  N ND2 . ASN A 1 51  ? 12.499  1.172   7.569   1.00 15.08 ? 52   ASN A ND2 1 
ATOM   386  N N   . GLY A 1 52  ? 9.148   -2.915  8.444   1.00 12.14 ? 53   GLY A N   1 
ATOM   387  C CA  . GLY A 1 52  ? 8.781   -3.758  9.618   1.00 13.13 ? 53   GLY A CA  1 
ATOM   388  C C   . GLY A 1 52  ? 9.623   -3.447  10.858  1.00 13.97 ? 53   GLY A C   1 
ATOM   389  O O   . GLY A 1 52  ? 10.131  -2.334  11.013  1.00 13.83 ? 53   GLY A O   1 
ATOM   390  N N   . LEU A 1 53  ? 9.615   -4.381  11.802  1.00 15.31 ? 54   LEU A N   1 
ATOM   391  C CA  . LEU A 1 53  ? 10.179  -4.137  13.162  1.00 15.55 ? 54   LEU A CA  1 
ATOM   392  C C   . LEU A 1 53  ? 9.676   -2.850  13.839  1.00 17.96 ? 54   LEU A C   1 
ATOM   393  O O   . LEU A 1 53  ? 10.461  -2.122  14.488  1.00 17.80 ? 54   LEU A O   1 
ATOM   394  C CB  . LEU A 1 53  ? 11.704  -4.125  13.138  1.00 18.07 ? 54   LEU A CB  1 
ATOM   395  C CG  . LEU A 1 53  ? 12.299  -5.298  12.379  1.00 16.86 ? 54   LEU A CG  1 
ATOM   396  C CD1 . LEU A 1 53  ? 13.824  -5.272  12.558  1.00 16.17 ? 54   LEU A CD1 1 
ATOM   397  C CD2 . LEU A 1 53  ? 11.747  -6.660  12.851  1.00 17.75 ? 54   LEU A CD2 1 
ATOM   398  N N   . GLY A 1 54  ? 8.394   -2.559  13.643  1.00 15.09 ? 55   GLY A N   1 
ATOM   399  C CA  . GLY A 1 54  ? 7.783   -1.390  14.263  1.00 18.20 ? 55   GLY A CA  1 
ATOM   400  C C   . GLY A 1 54  ? 8.308   -0.084  13.690  1.00 18.36 ? 55   GLY A C   1 
ATOM   401  O O   . GLY A 1 54  ? 8.064   0.990   14.263  1.00 21.44 ? 55   GLY A O   1 
ATOM   402  N N   . GLY A 1 55  ? 8.968   -0.159  12.533  1.00 17.49 ? 56   GLY A N   1 
ATOM   403  C CA  . GLY A 1 55  ? 9.528   1.047   11.930  1.00 19.05 ? 56   GLY A CA  1 
ATOM   404  C C   . GLY A 1 55  ? 8.444   2.008   11.453  1.00 16.03 ? 56   GLY A C   1 
ATOM   405  O O   . GLY A 1 55  ? 7.246   1.637   11.368  1.00 18.33 ? 56   GLY A O   1 
ATOM   406  N N   . VAL A 1 56  ? 8.827   3.258   11.256  1.00 15.61 ? 57   VAL A N   1 
ATOM   407  C CA  . VAL A 1 56  ? 7.912   4.277   10.729  1.00 15.91 ? 57   VAL A CA  1 
ATOM   408  C C   . VAL A 1 56  ? 8.345   4.854   9.398   1.00 15.49 ? 57   VAL A C   1 
ATOM   409  O O   . VAL A 1 56  ? 7.595   5.633   8.788   1.00 17.25 ? 57   VAL A O   1 
ATOM   410  C CB  . VAL A 1 56  ? 7.699   5.435   11.755  1.00 17.58 ? 57   VAL A CB  1 
ATOM   411  C CG1 . VAL A 1 56  ? 6.945   4.913   13.011  1.00 19.78 ? 57   VAL A CG1 1 
ATOM   412  C CG2 . VAL A 1 56  ? 9.012   6.116   12.049  1.00 19.93 ? 57   VAL A CG2 1 
ATOM   413  N N   . LYS A 1 57  ? 9.511   4.437   8.894   1.00 13.10 ? 58   LYS A N   1 
ATOM   414  C CA  . LYS A 1 57  ? 10.019  5.042   7.643   1.00 13.67 ? 58   LYS A CA  1 
ATOM   415  C C   . LYS A 1 57  ? 9.351   4.375   6.469   1.00 14.47 ? 58   LYS A C   1 
ATOM   416  O O   . LYS A 1 57  ? 8.973   3.170   6.507   1.00 14.05 ? 58   LYS A O   1 
ATOM   417  C CB  . LYS A 1 57  ? 11.545  4.906   7.572   1.00 14.22 ? 58   LYS A CB  1 
ATOM   418  C CG  . LYS A 1 57  ? 12.218  5.813   8.596   1.00 14.55 ? 58   LYS A CG  1 
ATOM   419  C CD  . LYS A 1 57  ? 13.711  5.840   8.342   1.00 14.96 ? 58   LYS A CD  1 
ATOM   420  C CE  . LYS A 1 57  ? 14.371  6.839   9.287   1.00 19.16 ? 58   LYS A CE  1 
ATOM   421  N NZ  . LYS A 1 57  ? 15.872  6.853   9.072   1.00 21.93 ? 58   LYS A NZ  1 
ATOM   422  N N   . THR A 1 58  ? 9.190   5.169   5.433   1.00 13.12 ? 59   THR A N   1 
ATOM   423  C CA  . THR A 1 58  ? 8.387   4.778   4.283   1.00 13.92 ? 59   THR A CA  1 
ATOM   424  C C   . THR A 1 58  ? 9.129   5.105   2.984   1.00 14.18 ? 59   THR A C   1 
ATOM   425  O O   . THR A 1 58  ? 10.058  5.952   2.927   1.00 15.05 ? 59   THR A O   1 
ATOM   426  C CB  . THR A 1 58  ? 7.025   5.544   4.314   1.00 13.35 ? 59   THR A CB  1 
ATOM   427  O OG1 . THR A 1 58  ? 7.289   6.951   4.302   1.00 12.93 ? 59   THR A OG1 1 
ATOM   428  C CG2 . THR A 1 58  ? 6.167   5.160   5.561   1.00 15.61 ? 59   THR A CG2 1 
ATOM   429  N N   . ALA A 1 59  ? 8.659   4.498   1.894   1.00 12.79 ? 60   ALA A N   1 
ATOM   430  C CA  . ALA A 1 59  ? 9.156   4.836   0.558   1.00 12.06 ? 60   ALA A CA  1 
ATOM   431  C C   . ALA A 1 59  ? 8.014   4.772   -0.415  1.00 11.46 ? 60   ALA A C   1 
ATOM   432  O O   . ALA A 1 59  ? 7.058   4.021   -0.180  1.00 11.53 ? 60   ALA A O   1 
ATOM   433  C CB  . ALA A 1 59  ? 10.222  3.805   0.108   1.00 13.05 ? 60   ALA A CB  1 
ATOM   434  N N   . TYR A 1 60  ? 8.164   5.472   -1.537  1.00 11.87 ? 61   TYR A N   1 
ATOM   435  C CA  . TYR A 1 60  ? 7.042   5.659   -2.478  1.00 11.04 ? 61   TYR A CA  1 
ATOM   436  C C   . TYR A 1 60  ? 7.570   5.576   -3.866  1.00 13.87 ? 61   TYR A C   1 
ATOM   437  O O   . TYR A 1 60  ? 8.695   6.098   -4.141  1.00 14.68 ? 61   TYR A O   1 
ATOM   438  C CB  . TYR A 1 60  ? 6.441   7.062   -2.303  1.00 13.01 ? 61   TYR A CB  1 
ATOM   439  C CG  . TYR A 1 60  ? 5.743   7.180   -0.972  1.00 11.60 ? 61   TYR A CG  1 
ATOM   440  C CD1 . TYR A 1 60  ? 4.454   6.634   -0.773  1.00 12.50 ? 61   TYR A CD1 1 
ATOM   441  C CD2 . TYR A 1 60  ? 6.392   7.802   0.104   1.00 12.88 ? 61   TYR A CD2 1 
ATOM   442  C CE1 . TYR A 1 60  ? 3.860   6.726   0.480   1.00 13.35 ? 61   TYR A CE1 1 
ATOM   443  C CE2 . TYR A 1 60  ? 5.845   7.843   1.345   1.00 12.12 ? 61   TYR A CE2 1 
ATOM   444  C CZ  . TYR A 1 60  ? 4.562   7.329   1.518   1.00 11.57 ? 61   TYR A CZ  1 
ATOM   445  O OH  . TYR A 1 60  ? 4.032   7.431   2.781   1.00 12.74 ? 61   TYR A OH  1 
ATOM   446  N N   . ALA A 1 61  ? 6.720   5.075   -4.759  1.00 13.23 ? 62   ALA A N   1 
ATOM   447  C CA  . ALA A 1 61  ? 6.969   5.236   -6.200  1.00 13.22 ? 62   ALA A CA  1 
ATOM   448  C C   . ALA A 1 61  ? 6.977   6.743   -6.516  1.00 14.17 ? 62   ALA A C   1 
ATOM   449  O O   . ALA A 1 61  ? 6.214   7.518   -5.946  1.00 13.41 ? 62   ALA A O   1 
ATOM   450  C CB  . ALA A 1 61  ? 5.868   4.551   -7.001  1.00 15.31 ? 62   ALA A CB  1 
ATOM   451  N N   . ASP A 1 62  ? 7.865   7.171   -7.408  1.00 16.41 ? 63   ASP A N   1 
ATOM   452  C CA  A ASP A 1 62  ? 7.928   8.578   -7.809  0.50 16.41 ? 63   ASP A CA  1 
ATOM   453  C CA  B ASP A 1 62  ? 7.940   8.570   -7.817  0.50 15.99 ? 63   ASP A CA  1 
ATOM   454  C C   . ASP A 1 62  ? 6.566   9.123   -8.240  1.00 15.32 ? 63   ASP A C   1 
ATOM   455  O O   . ASP A 1 62  ? 6.232   10.300  -7.994  1.00 16.30 ? 63   ASP A O   1 
ATOM   456  C CB  A ASP A 1 62  ? 8.888   8.741   -8.975  0.50 19.64 ? 63   ASP A CB  1 
ATOM   457  C CB  B ASP A 1 62  ? 8.913   8.659   -8.985  0.50 18.64 ? 63   ASP A CB  1 
ATOM   458  C CG  A ASP A 1 62  ? 9.132   10.190  -9.304  0.50 21.35 ? 63   ASP A CG  1 
ATOM   459  C CG  B ASP A 1 62  ? 10.353  8.849   -8.533  0.50 19.01 ? 63   ASP A CG  1 
ATOM   460  O OD1 A ASP A 1 62  ? 9.648   10.915  -8.423  0.50 28.18 ? 63   ASP A OD1 1 
ATOM   461  O OD1 B ASP A 1 62  ? 10.681  8.663   -7.333  0.50 21.57 ? 63   ASP A OD1 1 
ATOM   462  O OD2 A ASP A 1 62  ? 8.764   10.621  -10.416 0.50 30.14 ? 63   ASP A OD2 1 
ATOM   463  O OD2 B ASP A 1 62  ? 11.162  9.265   -9.386  0.50 25.90 ? 63   ASP A OD2 1 
ATOM   464  N N   . SER A 1 63  ? 5.775   8.280   -8.883  1.00 14.26 ? 64   SER A N   1 
ATOM   465  C CA  . SER A 1 63  ? 4.482   8.723   -9.377  1.00 15.33 ? 64   SER A CA  1 
ATOM   466  C C   . SER A 1 63  ? 3.471   9.132   -8.340  1.00 15.12 ? 64   SER A C   1 
ATOM   467  O O   . SER A 1 63  ? 2.474   9.777   -8.685  1.00 15.19 ? 64   SER A O   1 
ATOM   468  C CB  . SER A 1 63  ? 3.840   7.676   -10.279 1.00 17.24 ? 64   SER A CB  1 
ATOM   469  O OG  . SER A 1 63  ? 3.723   6.449   -9.581  1.00 19.16 ? 64   SER A OG  1 
ATOM   470  N N   . VAL A 1 64  ? 3.653   8.658   -7.121  1.00 14.06 ? 65   VAL A N   1 
ATOM   471  C CA  . VAL A 1 64  ? 2.705   8.923   -6.099  1.00 13.82 ? 65   VAL A CA  1 
ATOM   472  C C   . VAL A 1 64  ? 3.317   9.704   -4.944  1.00 13.78 ? 65   VAL A C   1 
ATOM   473  O O   . VAL A 1 64  ? 2.604   10.032  -3.992  1.00 13.72 ? 65   VAL A O   1 
ATOM   474  C CB  . VAL A 1 64  ? 2.035   7.610   -5.538  1.00 12.55 ? 65   VAL A CB  1 
ATOM   475  C CG1 . VAL A 1 64  ? 1.388   6.806   -6.685  1.00 12.49 ? 65   VAL A CG1 1 
ATOM   476  C CG2 . VAL A 1 64  ? 3.028   6.751   -4.715  1.00 12.71 ? 65   VAL A CG2 1 
ATOM   477  N N   . LYS A 1 65  ? 4.592   10.071  -5.013  1.00 15.10 ? 66   LYS A N   1 
ATOM   478  C CA  . LYS A 1 65  ? 5.195   10.690  -3.866  1.00 16.82 ? 66   LYS A CA  1 
ATOM   479  C C   . LYS A 1 65  ? 4.491   12.007  -3.582  1.00 18.14 ? 66   LYS A C   1 
ATOM   480  O O   . LYS A 1 65  ? 4.066   12.722  -4.498  1.00 19.13 ? 66   LYS A O   1 
ATOM   481  C CB  . LYS A 1 65  ? 6.699   10.986  -4.127  1.00 20.07 ? 66   LYS A CB  1 
ATOM   482  C CG  . LYS A 1 65  ? 7.498   10.717  -2.881  1.00 30.36 ? 66   LYS A CG  1 
ATOM   483  C CD  . LYS A 1 65  ? 8.187   11.930  -2.325  1.00 42.16 ? 66   LYS A CD  1 
ATOM   484  C CE  . LYS A 1 65  ? 9.130   11.485  -1.194  1.00 44.71 ? 66   LYS A CE  1 
ATOM   485  N NZ  . LYS A 1 65  ? 9.556   10.057  -1.400  1.00 47.83 ? 66   LYS A NZ  1 
ATOM   486  N N   . ASP A 1 66  ? 4.322   12.274  -2.299  1.00 20.53 ? 67   ASP A N   1 
ATOM   487  C CA  . ASP A 1 66  ? 3.646   13.505  -1.840  1.00 22.94 ? 67   ASP A CA  1 
ATOM   488  C C   . ASP A 1 66  ? 2.140   13.501  -2.028  1.00 21.29 ? 67   ASP A C   1 
ATOM   489  O O   . ASP A 1 66  ? 1.472   14.435  -1.551  1.00 27.96 ? 67   ASP A O   1 
ATOM   490  C CB  . ASP A 1 66  ? 4.207   14.748  -2.548  1.00 24.87 ? 67   ASP A CB  1 
ATOM   491  C CG  . ASP A 1 66  ? 5.687   14.922  -2.313  1.00 28.93 ? 67   ASP A CG  1 
ATOM   492  O OD1 . ASP A 1 66  ? 6.109   14.761  -1.145  1.00 32.36 ? 67   ASP A OD1 1 
ATOM   493  O OD2 . ASP A 1 66  ? 6.408   15.205  -3.296  1.00 35.31 ? 67   ASP A OD2 1 
ATOM   494  N N   . ARG A 1 67  ? 1.591   12.557  -2.786  1.00 15.39 ? 68   ARG A N   1 
ATOM   495  C CA  . ARG A 1 67  ? 0.136   12.494  -2.891  1.00 14.09 ? 68   ARG A CA  1 
ATOM   496  C C   . ARG A 1 67  ? -0.432  11.371  -2.030  1.00 13.18 ? 68   ARG A C   1 
ATOM   497  O O   . ARG A 1 67  ? -1.564  11.492  -1.502  1.00 13.64 ? 68   ARG A O   1 
ATOM   498  C CB  . ARG A 1 67  ? -0.303  12.252  -4.350  1.00 13.32 ? 68   ARG A CB  1 
ATOM   499  C CG  . ARG A 1 67  ? 0.079   13.443  -5.279  1.00 14.59 ? 68   ARG A CG  1 
ATOM   500  C CD  . ARG A 1 67  ? -0.501  13.204  -6.668  1.00 15.06 ? 68   ARG A CD  1 
ATOM   501  N NE  . ARG A 1 67  ? 0.002   11.966  -7.297  1.00 12.71 ? 68   ARG A NE  1 
ATOM   502  C CZ  . ARG A 1 67  ? -0.818  10.963  -7.653  1.00 12.26 ? 68   ARG A CZ  1 
ATOM   503  N NH1 . ARG A 1 67  ? -2.136  11.119  -7.496  1.00 11.34 ? 68   ARG A NH1 1 
ATOM   504  N NH2 . ARG A 1 67  ? -0.361  9.867   -8.248  1.00 11.25 ? 68   ARG A NH2 1 
ATOM   505  N N   . PHE A 1 68  ? 0.304   10.254  -1.945  1.00 11.82 ? 69   PHE A N   1 
ATOM   506  C CA  . PHE A 1 68  ? -0.196  9.093   -1.208  1.00 11.80 ? 69   PHE A CA  1 
ATOM   507  C C   . PHE A 1 68  ? 0.658   8.955   0.049   1.00 12.60 ? 69   PHE A C   1 
ATOM   508  O O   . PHE A 1 68  ? 1.853   9.320   0.038   1.00 14.06 ? 69   PHE A O   1 
ATOM   509  C CB  . PHE A 1 68  ? -0.017  7.790   -2.001  1.00 12.87 ? 69   PHE A CB  1 
ATOM   510  C CG  . PHE A 1 68  ? -0.856  7.681   -3.234  1.00 10.55 ? 69   PHE A CG  1 
ATOM   511  C CD1 . PHE A 1 68  ? -1.724  8.700   -3.671  1.00 11.80 ? 69   PHE A CD1 1 
ATOM   512  C CD2 . PHE A 1 68  ? -0.854  6.484   -3.921  1.00 10.84 ? 69   PHE A CD2 1 
ATOM   513  C CE1 . PHE A 1 68  ? -2.534  8.500   -4.847  1.00 11.12 ? 69   PHE A CE1 1 
ATOM   514  C CE2 . PHE A 1 68  ? -1.659  6.257   -5.022  1.00 11.09 ? 69   PHE A CE2 1 
ATOM   515  C CZ  . PHE A 1 68  ? -2.478  7.289   -5.543  1.00 10.62 ? 69   PHE A CZ  1 
ATOM   516  N N   . THR A 1 69  ? 0.044   8.454   1.134   1.00 11.50 ? 70   THR A N   1 
ATOM   517  C CA  . THR A 1 69  ? 0.783   8.194   2.363   1.00 12.96 ? 70   THR A CA  1 
ATOM   518  C C   . THR A 1 69  ? 0.459   6.824   2.864   1.00 12.52 ? 70   THR A C   1 
ATOM   519  O O   . THR A 1 69  ? -0.726  6.501   3.050   1.00 11.17 ? 70   THR A O   1 
ATOM   520  C CB  . THR A 1 69  ? 0.392   9.201   3.468   1.00 15.27 ? 70   THR A CB  1 
ATOM   521  O OG1 . THR A 1 69  ? 0.656   10.550  3.002   1.00 16.96 ? 70   THR A OG1 1 
ATOM   522  C CG2 . THR A 1 69  ? 1.221   8.923   4.696   1.00 14.68 ? 70   THR A CG2 1 
ATOM   523  N N   . ILE A 1 70  ? 1.464   5.994   3.095   1.00 10.42 ? 71   ILE A N   1 
ATOM   524  C CA  . ILE A 1 70  ? 1.227   4.707   3.723   1.00 11.36 ? 71   ILE A CA  1 
ATOM   525  C C   . ILE A 1 70  ? 1.460   4.884   5.220   1.00 11.64 ? 71   ILE A C   1 
ATOM   526  O O   . ILE A 1 70  ? 2.405   5.589   5.662   1.00 13.40 ? 71   ILE A O   1 
ATOM   527  C CB  . ILE A 1 70  ? 2.194   3.609   3.104   1.00 11.01 ? 71   ILE A CB  1 
ATOM   528  C CG1 . ILE A 1 70  ? 1.868   2.198   3.654   1.00 9.40  ? 71   ILE A CG1 1 
ATOM   529  C CG2 . ILE A 1 70  ? 3.705   3.968   3.362   1.00 11.49 ? 71   ILE A CG2 1 
ATOM   530  C CD1 . ILE A 1 70  ? 2.636   1.066   2.988   1.00 9.90  ? 71   ILE A CD1 1 
ATOM   531  N N   . SER A 1 71  ? 0.663   4.163   5.997   1.00 10.85 ? 72   SER A N   1 
ATOM   532  C CA  . SER A 1 71  ? 0.859   4.200   7.457   1.00 11.41 ? 72   SER A CA  1 
ATOM   533  C C   . SER A 1 71  ? 0.390   2.876   8.021   1.00 12.31 ? 72   SER A C   1 
ATOM   534  O O   . SER A 1 71  ? -0.287  2.096   7.334   1.00 12.64 ? 72   SER A O   1 
ATOM   535  C CB  . SER A 1 71  ? 0.053   5.358   8.063   1.00 13.64 ? 72   SER A CB  1 
ATOM   536  O OG  . SER A 1 71  ? -1.331  5.148   7.866   1.00 13.74 ? 72   SER A OG  1 
ATOM   537  N N   . ARG A 1 72  ? 0.769   2.605   9.269   1.00 12.89 ? 73   ARG A N   1 
ATOM   538  C CA  . ARG A 1 72  ? 0.282   1.356   9.897   1.00 13.97 ? 73   ARG A CA  1 
ATOM   539  C C   . ARG A 1 72  ? -0.228  1.660   11.279  1.00 14.54 ? 73   ARG A C   1 
ATOM   540  O O   . ARG A 1 72  ? 0.436   2.359   12.047  1.00 17.70 ? 73   ARG A O   1 
ATOM   541  C CB  . ARG A 1 72  ? 1.477   0.366   9.982   1.00 12.95 ? 73   ARG A CB  1 
ATOM   542  C CG  . ARG A 1 72  ? 1.092   -1.007  10.645  1.00 15.38 ? 73   ARG A CG  1 
ATOM   543  C CD  . ARG A 1 72  ? 2.229   -2.060  10.556  1.00 14.01 ? 73   ARG A CD  1 
ATOM   544  N NE  . ARG A 1 72  ? 3.457   -1.443  11.015  1.00 16.33 ? 73   ARG A NE  1 
ATOM   545  C CZ  . ARG A 1 72  ? 4.637   -1.493  10.387  1.00 17.52 ? 73   ARG A CZ  1 
ATOM   546  N NH1 . ARG A 1 72  ? 4.871   -2.336  9.363   1.00 13.16 ? 73   ARG A NH1 1 
ATOM   547  N NH2 . ARG A 1 72  ? 5.600   -0.660  10.808  1.00 18.12 ? 73   ARG A NH2 1 
ATOM   548  N N   . ASP A 1 73  ? -1.412  1.115   11.595  1.00 13.62 ? 74   ASP A N   1 
ATOM   549  C CA  . ASP A 1 73  ? -1.920  1.189   12.953  1.00 15.91 ? 74   ASP A CA  1 
ATOM   550  C C   . ASP A 1 73  ? -1.652  -0.164  13.624  1.00 14.05 ? 74   ASP A C   1 
ATOM   551  O O   . ASP A 1 73  ? -2.323  -1.144  13.357  1.00 14.54 ? 74   ASP A O   1 
ATOM   552  C CB  . ASP A 1 73  ? -3.407  1.543   12.949  1.00 17.66 ? 74   ASP A CB  1 
ATOM   553  C CG  . ASP A 1 73  ? -3.991  1.541   14.361  1.00 22.09 ? 74   ASP A CG  1 
ATOM   554  O OD1 . ASP A 1 73  ? -3.325  1.056   15.275  1.00 29.16 ? 74   ASP A OD1 1 
ATOM   555  O OD2 . ASP A 1 73  ? -5.060  2.135   14.573  1.00 31.75 ? 74   ASP A OD2 1 
ATOM   556  N N   . ASN A 1 74  ? -0.639  -0.189  14.478  1.00 16.78 ? 75   ASN A N   1 
ATOM   557  C CA  . ASN A 1 74  ? -0.204  -1.461  15.056  1.00 16.53 ? 75   ASN A CA  1 
ATOM   558  C C   . ASN A 1 74  ? -1.284  -2.074  15.955  1.00 17.40 ? 75   ASN A C   1 
ATOM   559  O O   . ASN A 1 74  ? -1.427  -3.307  16.001  1.00 20.13 ? 75   ASN A O   1 
ATOM   560  C CB  . ASN A 1 74  ? 1.108   -1.239  15.826  1.00 18.36 ? 75   ASN A CB  1 
ATOM   561  C CG  . ASN A 1 74  ? 2.273   -0.853  14.884  1.00 22.51 ? 75   ASN A CG  1 
ATOM   562  O OD1 . ASN A 1 74  ? 2.208   -1.110  13.704  1.00 23.65 ? 75   ASN A OD1 1 
ATOM   563  N ND2 . ASN A 1 74  ? 3.350   -0.332  15.433  1.00 23.34 ? 75   ASN A ND2 1 
ATOM   564  N N   . ALA A 1 75  ? -2.120  -1.242  16.586  1.00 17.72 ? 76   ALA A N   1 
ATOM   565  C CA  . ALA A 1 75  ? -3.160  -1.786  17.427  1.00 17.96 ? 76   ALA A CA  1 
ATOM   566  C C   . ALA A 1 75  ? -4.288  -2.461  16.648  1.00 16.35 ? 76   ALA A C   1 
ATOM   567  O O   . ALA A 1 75  ? -5.015  -3.287  17.176  1.00 16.29 ? 76   ALA A O   1 
ATOM   568  C CB  . ALA A 1 75  ? -3.686  -0.726  18.345  1.00 19.99 ? 76   ALA A CB  1 
ATOM   569  N N   . GLU A 1 76  ? -4.460  -2.075  15.385  1.00 16.38 ? 77   GLU A N   1 
ATOM   570  C CA  . GLU A 1 76  ? -5.472  -2.676  14.517  1.00 17.03 ? 77   GLU A CA  1 
ATOM   571  C C   . GLU A 1 76  ? -4.883  -3.745  13.577  1.00 14.56 ? 77   GLU A C   1 
ATOM   572  O O   . GLU A 1 76  ? -5.607  -4.407  12.837  1.00 14.94 ? 77   GLU A O   1 
ATOM   573  C CB  . GLU A 1 76  ? -6.168  -1.559  13.685  1.00 16.65 ? 77   GLU A CB  1 
ATOM   574  C CG  . GLU A 1 76  ? -7.302  -0.819  14.445  1.00 26.03 ? 77   GLU A CG  1 
ATOM   575  C CD  . GLU A 1 76  ? -8.499  -1.742  14.800  1.00 26.62 ? 77   GLU A CD  1 
ATOM   576  O OE1 . GLU A 1 76  ? -9.128  -2.299  13.846  1.00 26.15 ? 77   GLU A OE1 1 
ATOM   577  O OE2 . GLU A 1 76  ? -8.805  -1.923  16.019  1.00 32.41 ? 77   GLU A OE2 1 
ATOM   578  N N   . ASN A 1 77  ? -3.558  -3.969  13.635  1.00 12.59 ? 78   ASN A N   1 
ATOM   579  C CA  . ASN A 1 77  ? -2.909  -4.892  12.687  1.00 13.57 ? 78   ASN A CA  1 
ATOM   580  C C   . ASN A 1 77  ? -3.327  -4.614  11.235  1.00 12.10 ? 78   ASN A C   1 
ATOM   581  O O   . ASN A 1 77  ? -3.640  -5.535  10.455  1.00 13.27 ? 78   ASN A O   1 
ATOM   582  C CB  . ASN A 1 77  ? -3.091  -6.381  13.078  1.00 15.28 ? 78   ASN A CB  1 
ATOM   583  C CG  . ASN A 1 77  ? -2.087  -7.292  12.379  1.00 15.44 ? 78   ASN A CG  1 
ATOM   584  O OD1 . ASN A 1 77  ? -1.045  -6.825  11.879  1.00 16.14 ? 78   ASN A OD1 1 
ATOM   585  N ND2 . ASN A 1 77  ? -2.391  -8.580  12.322  1.00 16.40 ? 78   ASN A ND2 1 
ATOM   586  N N   . THR A 1 78  ? -3.339  -3.317  10.926  1.00 13.23 ? 79   THR A N   1 
ATOM   587  C CA  . THR A 1 78  ? -3.902  -2.807  9.677   1.00 11.38 ? 79   THR A CA  1 
ATOM   588  C C   . THR A 1 78  ? -2.966  -1.776  9.070   1.00 12.81 ? 79   THR A C   1 
ATOM   589  O O   . THR A 1 78  ? -2.403  -0.949  9.799   1.00 14.92 ? 79   THR A O   1 
ATOM   590  C CB  . THR A 1 78  ? -5.274  -2.204  9.894   1.00 13.47 ? 79   THR A CB  1 
ATOM   591  O OG1 . THR A 1 78  ? -6.167  -3.277  10.259  1.00 16.22 ? 79   THR A OG1 1 
ATOM   592  C CG2 . THR A 1 78  ? -5.868  -1.608  8.583   1.00 13.46 ? 79   THR A CG2 1 
ATOM   593  N N   . VAL A 1 79  ? -2.835  -1.820  7.761   1.00 11.65 ? 80   VAL A N   1 
ATOM   594  C CA  . VAL A 1 79  ? -1.985  -0.846  7.043   1.00 11.87 ? 80   VAL A CA  1 
ATOM   595  C C   . VAL A 1 79  ? -2.914  -0.025  6.159   1.00 12.26 ? 80   VAL A C   1 
ATOM   596  O O   . VAL A 1 79  ? -3.913  -0.532  5.647   1.00 13.18 ? 80   VAL A O   1 
ATOM   597  C CB  . VAL A 1 79  ? -0.917  -1.576  6.201   1.00 13.44 ? 80   VAL A CB  1 
ATOM   598  C CG1 . VAL A 1 79  ? -0.133  -0.608  5.281   1.00 15.59 ? 80   VAL A CG1 1 
ATOM   599  C CG2 . VAL A 1 79  ? 0.122   -2.208  7.185   1.00 13.76 ? 80   VAL A CG2 1 
ATOM   600  N N   . TYR A 1 80  ? -2.628  1.272   6.045   1.00 11.55 ? 81   TYR A N   1 
ATOM   601  C CA  . TYR A 1 80  ? -3.496  2.156   5.296   1.00 10.92 ? 81   TYR A CA  1 
ATOM   602  C C   . TYR A 1 80  ? -2.743  2.753   4.106   1.00 11.22 ? 81   TYR A C   1 
ATOM   603  O O   . TYR A 1 80  ? -1.526  2.895   4.114   1.00 12.43 ? 81   TYR A O   1 
ATOM   604  C CB  . TYR A 1 80  ? -3.938  3.312   6.200   1.00 9.62  ? 81   TYR A CB  1 
ATOM   605  C CG  . TYR A 1 80  ? -4.821  2.850   7.328   1.00 11.94 ? 81   TYR A CG  1 
ATOM   606  C CD1 . TYR A 1 80  ? -6.164  2.561   7.101   1.00 15.81 ? 81   TYR A CD1 1 
ATOM   607  C CD2 . TYR A 1 80  ? -4.275  2.632   8.567   1.00 18.52 ? 81   TYR A CD2 1 
ATOM   608  C CE1 . TYR A 1 80  ? -6.954  2.066   8.157   1.00 17.87 ? 81   TYR A CE1 1 
ATOM   609  C CE2 . TYR A 1 80  ? -5.055  2.194   9.618   1.00 22.22 ? 81   TYR A CE2 1 
ATOM   610  C CZ  . TYR A 1 80  ? -6.358  1.870   9.387   1.00 21.55 ? 81   TYR A CZ  1 
ATOM   611  O OH  . TYR A 1 80  ? -7.117  1.466   10.502  1.00 27.36 ? 81   TYR A OH  1 
ATOM   612  N N   . LEU A 1 81  ? -3.497  3.117   3.079   1.00 10.29 ? 82   LEU A N   1 
ATOM   613  C CA  . LEU A 1 81  ? -2.985  3.978   2.018   1.00 10.82 ? 82   LEU A CA  1 
ATOM   614  C C   . LEU A 1 81  ? -3.928  5.125   1.877   1.00 10.20 ? 82   LEU A C   1 
ATOM   615  O O   . LEU A 1 81  ? -5.069  4.922   1.382   1.00 12.03 ? 82   LEU A O   1 
ATOM   616  C CB  . LEU A 1 81  ? -2.839  3.239   0.692   1.00 10.60 ? 82   LEU A CB  1 
ATOM   617  C CG  . LEU A 1 81  ? -2.074  3.988   -0.427  1.00 9.65  ? 82   LEU A CG  1 
ATOM   618  C CD1 . LEU A 1 81  ? -0.601  4.152   -0.102  1.00 10.91 ? 82   LEU A CD1 1 
ATOM   619  C CD2 . LEU A 1 81  ? -2.180  3.310   -1.790  1.00 12.64 ? 82   LEU A CD2 1 
ATOM   620  N N   . GLN A 1 82  ? -3.448  6.301   2.310   1.00 9.54  ? 83   GLN A N   1 
ATOM   621  C CA  . GLN A 1 82  ? -4.238  7.519   2.188   1.00 9.74  ? 83   GLN A CA  1 
ATOM   622  C C   . GLN A 1 82  ? -3.897  8.120   0.821   1.00 10.25 ? 83   GLN A C   1 
ATOM   623  O O   . GLN A 1 82  ? -2.791  8.587   0.620   1.00 13.28 ? 83   GLN A O   1 
ATOM   624  C CB  . GLN A 1 82  ? -3.934  8.532   3.288   1.00 11.66 ? 83   GLN A CB  1 
ATOM   625  C CG  . GLN A 1 82  ? -4.726  9.870   3.127   1.00 14.62 ? 83   GLN A CG  1 
ATOM   626  C CD  . GLN A 1 82  ? -6.209  9.625   3.248   1.00 13.21 ? 83   GLN A CD  1 
ATOM   627  O OE1 . GLN A 1 82  ? -6.659  8.939   4.180   1.00 15.56 ? 83   GLN A OE1 1 
ATOM   628  N NE2 . GLN A 1 82  ? -6.994  10.105  2.240   1.00 14.81 ? 83   GLN A NE2 1 
ATOM   629  N N   . MET A 1 83  ? -4.852  8.083   -0.099  1.00 9.15  ? 84   MET A N   1 
ATOM   630  C CA  A MET A 1 83  ? -4.626  8.508   -1.493  0.60 9.41  ? 84   MET A CA  1 
ATOM   631  C CA  B MET A 1 83  ? -4.549  8.567   -1.457  0.40 9.13  ? 84   MET A CA  1 
ATOM   632  C C   . MET A 1 83  ? -5.236  9.884   -1.670  1.00 10.26 ? 84   MET A C   1 
ATOM   633  O O   . MET A 1 83  ? -6.468  9.960   -1.719  1.00 12.98 ? 84   MET A O   1 
ATOM   634  C CB  A MET A 1 83  ? -5.348  7.529   -2.424  0.60 10.88 ? 84   MET A CB  1 
ATOM   635  C CB  B MET A 1 83  ? -4.942  7.576   -2.548  0.40 9.70  ? 84   MET A CB  1 
ATOM   636  C CG  A MET A 1 83  ? -4.942  6.047   -2.145  0.60 10.91 ? 84   MET A CG  1 
ATOM   637  C CG  B MET A 1 83  ? -4.192  6.247   -2.467  0.40 6.09  ? 84   MET A CG  1 
ATOM   638  S SD  A MET A 1 83  ? -5.860  4.860   -3.149  0.60 13.50 ? 84   MET A SD  1 
ATOM   639  S SD  B MET A 1 83  ? -4.821  5.134   -3.755  0.40 11.11 ? 84   MET A SD  1 
ATOM   640  C CE  A MET A 1 83  ? -5.103  5.146   -4.752  0.60 12.04 ? 84   MET A CE  1 
ATOM   641  C CE  B MET A 1 83  ? -6.596  5.072   -3.411  0.40 9.68  ? 84   MET A CE  1 
ATOM   642  N N   . ASN A 1 84  ? -4.426  10.931  -1.733  1.00 10.07 ? 85   ASN A N   1 
ATOM   643  C CA  . ASN A 1 84  ? -4.976  12.258  -2.018  1.00 10.34 ? 85   ASN A CA  1 
ATOM   644  C C   . ASN A 1 84  ? -4.610  12.709  -3.412  1.00 12.72 ? 85   ASN A C   1 
ATOM   645  O O   . ASN A 1 84  ? -3.825  12.063  -4.105  1.00 12.35 ? 85   ASN A O   1 
ATOM   646  C CB  . ASN A 1 84  ? -4.383  13.246  -1.023  1.00 11.38 ? 85   ASN A CB  1 
ATOM   647  C CG  . ASN A 1 84  ? -4.789  12.954  0.394   1.00 13.93 ? 85   ASN A CG  1 
ATOM   648  O OD1 . ASN A 1 84  ? -5.908  12.522  0.663   1.00 16.63 ? 85   ASN A OD1 1 
ATOM   649  N ND2 . ASN A 1 84  ? -3.917  13.303  1.327   1.00 18.92 ? 85   ASN A ND2 1 
ATOM   650  N N   . SER A 1 85  ? -5.263  13.794  -3.856  1.00 13.64 ? 86   SER A N   1 
ATOM   651  C CA  A SER A 1 85  ? -4.946  14.372  -5.173  0.50 11.47 ? 86   SER A CA  1 
ATOM   652  C CA  B SER A 1 85  ? -4.992  14.366  -5.181  0.50 13.07 ? 86   SER A CA  1 
ATOM   653  C C   . SER A 1 85  ? -5.034  13.278  -6.253  1.00 12.06 ? 86   SER A C   1 
ATOM   654  O O   . SER A 1 85  ? -4.127  13.142  -7.079  1.00 12.57 ? 86   SER A O   1 
ATOM   655  C CB  A SER A 1 85  ? -3.536  14.988  -5.194  0.50 13.03 ? 86   SER A CB  1 
ATOM   656  C CB  B SER A 1 85  ? -3.639  15.056  -5.218  0.50 14.59 ? 86   SER A CB  1 
ATOM   657  O OG  A SER A 1 85  ? -3.384  16.033  -4.236  0.50 9.62  ? 86   SER A OG  1 
ATOM   658  O OG  B SER A 1 85  ? -3.655  16.081  -6.186  0.50 19.55 ? 86   SER A OG  1 
ATOM   659  N N   . LEU A 1 86  ? -6.051  12.432  -6.169  1.00 11.59 ? 87   LEU A N   1 
ATOM   660  C CA  . LEU A 1 86  ? -6.165  11.356  -7.115  1.00 10.45 ? 87   LEU A CA  1 
ATOM   661  C C   . LEU A 1 86  ? -6.298  11.835  -8.570  1.00 11.04 ? 87   LEU A C   1 
ATOM   662  O O   . LEU A 1 86  ? -6.923  12.841  -8.877  1.00 11.55 ? 87   LEU A O   1 
ATOM   663  C CB  . LEU A 1 86  ? -7.366  10.487  -6.732  1.00 10.99 ? 87   LEU A CB  1 
ATOM   664  C CG  . LEU A 1 86  ? -7.017  9.513   -5.587  1.00 11.23 ? 87   LEU A CG  1 
ATOM   665  C CD1 . LEU A 1 86  ? -8.367  8.972   -4.993  1.00 12.39 ? 87   LEU A CD1 1 
ATOM   666  C CD2 . LEU A 1 86  ? -6.096  8.364   -6.108  1.00 12.15 ? 87   LEU A CD2 1 
ATOM   667  N N   . LYS A 1 87  ? -5.741  11.057  -9.481  1.00 10.06 ? 88   LYS A N   1 
ATOM   668  C CA  . LYS A 1 87  ? -5.748  11.307  -10.920 1.00 10.55 ? 88   LYS A CA  1 
ATOM   669  C C   . LYS A 1 87  ? -6.371  10.113  -11.615 1.00 10.73 ? 88   LYS A C   1 
ATOM   670  O O   . LYS A 1 87  ? -6.210  8.979   -11.134 1.00 11.56 ? 88   LYS A O   1 
ATOM   671  C CB  . LYS A 1 87  ? -4.281  11.395  -11.423 1.00 12.59 ? 88   LYS A CB  1 
ATOM   672  C CG  . LYS A 1 87  ? -3.465  12.474  -10.743 1.00 16.33 ? 88   LYS A CG  1 
ATOM   673  C CD  . LYS A 1 87  ? -2.003  12.315  -11.114 1.00 15.90 ? 88   LYS A CD  1 
ATOM   674  C CE  . LYS A 1 87  ? -1.187  13.423  -10.500 1.00 19.04 ? 88   LYS A CE  1 
ATOM   675  N NZ  . LYS A 1 87  ? 0.217   13.398  -11.078 1.00 22.99 ? 88   LYS A NZ  1 
ATOM   676  N N   . PRO A 1 88  ? -6.982  10.325  -12.799 1.00 11.64 ? 89   PRO A N   1 
ATOM   677  C CA  . PRO A 1 88  ? -7.473  9.139   -13.525 1.00 10.71 ? 89   PRO A CA  1 
ATOM   678  C C   . PRO A 1 88  ? -6.375  8.117   -13.795 1.00 11.91 ? 89   PRO A C   1 
ATOM   679  O O   . PRO A 1 88  ? -6.620  6.880   -13.761 1.00 13.12 ? 89   PRO A O   1 
ATOM   680  C CB  . PRO A 1 88  ? -8.029  9.748   -14.835 1.00 10.73 ? 89   PRO A CB  1 
ATOM   681  C CG  . PRO A 1 88  ? -8.594  11.095  -14.279 1.00 12.56 ? 89   PRO A CG  1 
ATOM   682  C CD  . PRO A 1 88  ? -7.548  11.578  -13.338 1.00 12.32 ? 89   PRO A CD  1 
ATOM   683  N N   . GLU A 1 89  ? -5.147  8.608   -13.925 1.00 11.39 ? 90   GLU A N   1 
ATOM   684  C CA  . GLU A 1 89  ? -4.017  7.700   -14.130 1.00 13.62 ? 90   GLU A CA  1 
ATOM   685  C C   . GLU A 1 89  ? -3.767  6.762   -12.918 1.00 11.94 ? 90   GLU A C   1 
ATOM   686  O O   . GLU A 1 89  ? -3.064  5.755   -13.033 1.00 13.95 ? 90   GLU A O   1 
ATOM   687  C CB  . GLU A 1 89  ? -2.740  8.521   -14.422 1.00 14.98 ? 90   GLU A CB  1 
ATOM   688  C CG  . GLU A 1 89  ? -1.496  7.650   -14.666 1.00 21.24 ? 90   GLU A CG  1 
ATOM   689  C CD  . GLU A 1 89  ? -1.641  6.730   -15.894 1.00 35.28 ? 90   GLU A CD  1 
ATOM   690  O OE1 . GLU A 1 89  ? -2.203  7.173   -16.929 1.00 40.90 ? 90   GLU A OE1 1 
ATOM   691  O OE2 . GLU A 1 89  ? -1.089  5.610   -15.856 1.00 41.07 ? 90   GLU A OE2 1 
ATOM   692  N N   . ASP A 1 90  ? -4.269  7.102   -11.740 1.00 10.20 ? 91   ASP A N   1 
ATOM   693  C CA  . ASP A 1 90  ? -4.157  6.217   -10.563 1.00 9.56  ? 91   ASP A CA  1 
ATOM   694  C C   . ASP A 1 90  ? -5.173  5.060   -10.602 1.00 9.88  ? 91   ASP A C   1 
ATOM   695  O O   . ASP A 1 90  ? -5.157  4.189   -9.734  1.00 11.34 ? 91   ASP A O   1 
ATOM   696  C CB  . ASP A 1 90  ? -4.398  6.991   -9.258  1.00 10.31 ? 91   ASP A CB  1 
ATOM   697  C CG  . ASP A 1 90  ? -3.349  8.072   -9.035  1.00 12.44 ? 91   ASP A CG  1 
ATOM   698  O OD1 . ASP A 1 90  ? -2.162  7.806   -9.285  1.00 11.99 ? 91   ASP A OD1 1 
ATOM   699  O OD2 . ASP A 1 90  ? -3.734  9.190   -8.721  1.00 13.74 ? 91   ASP A OD2 1 
ATOM   700  N N   . THR A 1 91  ? -6.078  5.043   -11.589 1.00 9.13  ? 92   THR A N   1 
ATOM   701  C CA  . THR A 1 91  ? -7.075  3.957   -11.651 1.00 9.43  ? 92   THR A CA  1 
ATOM   702  C C   . THR A 1 91  ? -6.302  2.622   -11.750 1.00 9.35  ? 92   THR A C   1 
ATOM   703  O O   . THR A 1 91  ? -5.464  2.430   -12.657 1.00 10.32 ? 92   THR A O   1 
ATOM   704  C CB  . THR A 1 91  ? -7.956  4.133   -12.874 1.00 11.26 ? 92   THR A CB  1 
ATOM   705  O OG1 . THR A 1 91  ? -8.730  5.326   -12.679 1.00 11.63 ? 92   THR A OG1 1 
ATOM   706  C CG2 . THR A 1 91  ? -8.880  2.911   -13.165 1.00 11.39 ? 92   THR A CG2 1 
ATOM   707  N N   . ALA A 1 92  ? -6.669  1.659   -10.916 1.00 8.47  ? 93   ALA A N   1 
ATOM   708  C CA  . ALA A 1 92  ? -5.899  0.394   -10.883 1.00 9.00  ? 93   ALA A CA  1 
ATOM   709  C C   . ALA A 1 92  ? -6.589  -0.544  -9.908  1.00 9.96  ? 93   ALA A C   1 
ATOM   710  O O   . ALA A 1 92  ? -7.363  -0.095  -9.058  1.00 9.53  ? 93   ALA A O   1 
ATOM   711  C CB  . ALA A 1 92  ? -4.416  0.633   -10.389 1.00 10.15 ? 93   ALA A CB  1 
ATOM   712  N N   . ILE A 1 93  ? -6.207  -1.799  -9.943  1.00 9.80  ? 94   ILE A N   1 
ATOM   713  C CA  . ILE A 1 93  ? -6.425  -2.652  -8.764  1.00 9.21  ? 94   ILE A CA  1 
ATOM   714  C C   . ILE A 1 93  ? -5.251  -2.448  -7.817  1.00 11.57 ? 94   ILE A C   1 
ATOM   715  O O   . ILE A 1 93  ? -4.097  -2.567  -8.228  1.00 11.91 ? 94   ILE A O   1 
ATOM   716  C CB  . ILE A 1 93  ? -6.499  -4.133  -9.160  1.00 9.92  ? 94   ILE A CB  1 
ATOM   717  C CG1 . ILE A 1 93  ? -7.591  -4.323  -10.199 1.00 13.64 ? 94   ILE A CG1 1 
ATOM   718  C CG2 . ILE A 1 93  ? -6.715  -5.007  -7.931  1.00 12.34 ? 94   ILE A CG2 1 
ATOM   719  C CD1 . ILE A 1 93  ? -7.491  -5.730  -10.780 1.00 15.25 ? 94   ILE A CD1 1 
ATOM   720  N N   . TYR A 1 94  ? -5.552  -2.150  -6.560  1.00 9.76  ? 95   TYR A N   1 
ATOM   721  C CA  . TYR A 1 94  ? -4.489  -1.923  -5.556  1.00 9.07  ? 95   TYR A CA  1 
ATOM   722  C C   . TYR A 1 94  ? -4.401  -3.148  -4.666  1.00 9.98  ? 95   TYR A C   1 
ATOM   723  O O   . TYR A 1 94  ? -5.432  -3.669  -4.228  1.00 11.66 ? 95   TYR A O   1 
ATOM   724  C CB  . TYR A 1 94  ? -4.816  -0.702  -4.711  1.00 9.81  ? 95   TYR A CB  1 
ATOM   725  C CG  . TYR A 1 94  ? -4.484  0.560   -5.446  1.00 10.05 ? 95   TYR A CG  1 
ATOM   726  C CD1 . TYR A 1 94  ? -3.313  1.287   -5.147  1.00 8.65  ? 95   TYR A CD1 1 
ATOM   727  C CD2 . TYR A 1 94  ? -5.285  0.994   -6.498  1.00 10.05 ? 95   TYR A CD2 1 
ATOM   728  C CE1 . TYR A 1 94  ? -3.034  2.497   -5.836  1.00 10.44 ? 95   TYR A CE1 1 
ATOM   729  C CE2 . TYR A 1 94  ? -4.994  2.153   -7.206  1.00 7.82  ? 95   TYR A CE2 1 
ATOM   730  C CZ  . TYR A 1 94  ? -3.858  2.873   -6.908  1.00 9.57  ? 95   TYR A CZ  1 
ATOM   731  O OH  . TYR A 1 94  ? -3.549  4.010   -7.619  1.00 9.52  ? 95   TYR A OH  1 
ATOM   732  N N   . TYR A 1 95  ? -3.167  -3.626  -4.454  1.00 10.05 ? 96   TYR A N   1 
ATOM   733  C CA  . TYR A 1 95  ? -2.900  -4.814  -3.652  1.00 11.09 ? 96   TYR A CA  1 
ATOM   734  C C   . TYR A 1 95  ? -2.062  -4.465  -2.447  1.00 10.48 ? 96   TYR A C   1 
ATOM   735  O O   . TYR A 1 95  ? -1.106  -3.712  -2.545  1.00 11.12 ? 96   TYR A O   1 
ATOM   736  C CB  . TYR A 1 95  ? -2.095  -5.837  -4.462  1.00 11.12 ? 96   TYR A CB  1 
ATOM   737  C CG  . TYR A 1 95  ? -2.832  -6.317  -5.688  1.00 10.80 ? 96   TYR A CG  1 
ATOM   738  C CD1 . TYR A 1 95  ? -3.661  -7.447  -5.610  1.00 11.98 ? 96   TYR A CD1 1 
ATOM   739  C CD2 . TYR A 1 95  ? -2.632  -5.700  -6.945  1.00 11.62 ? 96   TYR A CD2 1 
ATOM   740  C CE1 . TYR A 1 95  ? -4.313  -7.919  -6.747  1.00 15.45 ? 96   TYR A CE1 1 
ATOM   741  C CE2 . TYR A 1 95  ? -3.258  -6.205  -8.082  1.00 15.14 ? 96   TYR A CE2 1 
ATOM   742  C CZ  . TYR A 1 95  ? -4.105  -7.303  -7.965  1.00 17.72 ? 96   TYR A CZ  1 
ATOM   743  O OH  . TYR A 1 95  ? -4.738  -7.841  -9.078  1.00 20.49 ? 96   TYR A OH  1 
ATOM   744  N N   . CYS A 1 96  ? -2.410  -5.008  -1.292  1.00 11.93 ? 97   CYS A N   1 
ATOM   745  C CA  A CYS A 1 96  ? -1.580  -5.010  -0.085  0.50 10.77 ? 97   CYS A CA  1 
ATOM   746  C CA  B CYS A 1 96  ? -1.408  -4.911  -0.237  0.50 12.21 ? 97   CYS A CA  1 
ATOM   747  C C   . CYS A 1 96  ? -0.615  -6.190  -0.156  1.00 11.41 ? 97   CYS A C   1 
ATOM   748  O O   . CYS A 1 96  ? -1.032  -7.266  -0.643  1.00 12.97 ? 97   CYS A O   1 
ATOM   749  C CB  A CYS A 1 96  ? -2.523  -5.220  1.097   0.50 10.44 ? 97   CYS A CB  1 
ATOM   750  C CB  B CYS A 1 96  ? -2.002  -4.516  1.108   0.50 14.34 ? 97   CYS A CB  1 
ATOM   751  S SG  A CYS A 1 96  ? -1.680  -5.063  2.674   0.50 12.10 ? 97   CYS A SG  1 
ATOM   752  S SG  B CYS A 1 96  ? -3.191  -5.712  1.687   0.50 19.25 ? 97   CYS A SG  1 
ATOM   753  N N   . ALA A 1 97  ? 0.564   -6.065  0.423   1.00 10.61 ? 98   ALA A N   1 
ATOM   754  C CA  . ALA A 1 97  ? 1.543   -7.156  0.341   1.00 9.73  ? 98   ALA A CA  1 
ATOM   755  C C   . ALA A 1 97  ? 2.507   -7.066  1.516   1.00 9.68  ? 98   ALA A C   1 
ATOM   756  O O   . ALA A 1 97  ? 2.625   -6.030  2.163   1.00 13.56 ? 98   ALA A O   1 
ATOM   757  C CB  . ALA A 1 97  ? 2.385   -7.030  -0.984  1.00 13.29 ? 98   ALA A CB  1 
ATOM   758  N N   . ALA A 1 98  ? 3.076   -8.205  1.874   1.00 11.45 ? 99   ALA A N   1 
ATOM   759  C CA  . ALA A 1 98  ? 4.094   -8.206  2.923   1.00 10.46 ? 99   ALA A CA  1 
ATOM   760  C C   . ALA A 1 98  ? 5.275   -9.017  2.486   1.00 13.63 ? 99   ALA A C   1 
ATOM   761  O O   . ALA A 1 98  ? 5.096   -9.968  1.721   1.00 12.41 ? 99   ALA A O   1 
ATOM   762  C CB  . ALA A 1 98  ? 3.490   -8.851  4.178   1.00 11.86 ? 99   ALA A CB  1 
ATOM   763  N N   . LYS A 1 99  ? 6.466   -8.638  2.959   1.00 14.16 ? 100  LYS A N   1 
ATOM   764  C CA  . LYS A 1 99  ? 7.655   -9.463  2.726   1.00 16.04 ? 100  LYS A CA  1 
ATOM   765  C C   . LYS A 1 99  ? 7.566   -10.714 3.607   1.00 16.22 ? 100  LYS A C   1 
ATOM   766  O O   . LYS A 1 99  ? 6.647   -10.861 4.384   1.00 16.15 ? 100  LYS A O   1 
ATOM   767  C CB  . LYS A 1 99  ? 8.946   -8.659  2.951   1.00 15.44 ? 100  LYS A CB  1 
ATOM   768  C CG  . LYS A 1 99  ? 9.112   -7.552  1.891   1.00 13.93 ? 100  LYS A CG  1 
ATOM   769  C CD  . LYS A 1 99  ? 10.550  -7.090  1.667   1.00 16.41 ? 100  LYS A CD  1 
ATOM   770  C CE  . LYS A 1 99  ? 10.603  -6.035  0.498   1.00 16.74 ? 100  LYS A CE  1 
ATOM   771  N NZ  . LYS A 1 99  ? 12.042  -5.788  0.037   1.00 16.13 ? 100  LYS A NZ  1 
ATOM   772  N N   . PHE A 1 100 ? 8.458   -11.667 3.412   1.00 16.08 ? 101  PHE A N   1 
ATOM   773  C CA  . PHE A 1 100 ? 8.228   -13.018 3.951   1.00 18.48 ? 101  PHE A CA  1 
ATOM   774  C C   . PHE A 1 100 ? 8.414   -13.172 5.435   1.00 18.33 ? 101  PHE A C   1 
ATOM   775  O O   . PHE A 1 100 ? 7.880   -14.125 6.044   1.00 18.62 ? 101  PHE A O   1 
ATOM   776  C CB  . PHE A 1 100 ? 9.093   -14.062 3.216   1.00 18.35 ? 101  PHE A CB  1 
ATOM   777  C CG  . PHE A 1 100 ? 8.556   -14.442 1.851   1.00 19.32 ? 101  PHE A CG  1 
ATOM   778  C CD1 . PHE A 1 100 ? 7.715   -15.529 1.705   1.00 26.26 ? 101  PHE A CD1 1 
ATOM   779  C CD2 . PHE A 1 100 ? 8.902   -13.709 0.727   1.00 21.63 ? 101  PHE A CD2 1 
ATOM   780  C CE1 . PHE A 1 100 ? 7.262   -15.894 0.434   1.00 24.09 ? 101  PHE A CE1 1 
ATOM   781  C CE2 . PHE A 1 100 ? 8.388   -14.020 -0.515  1.00 26.14 ? 101  PHE A CE2 1 
ATOM   782  C CZ  . PHE A 1 100 ? 7.587   -15.147 -0.651  1.00 29.24 ? 101  PHE A CZ  1 
ATOM   783  N N   . SER A 1 101 ? 9.198   -12.269 6.027   1.00 16.00 ? 102  SER A N   1 
ATOM   784  C CA  . SER A 1 101 ? 9.710   -12.457 7.394   1.00 16.85 ? 102  SER A CA  1 
ATOM   785  C C   . SER A 1 101 ? 9.780   -11.097 8.069   1.00 17.89 ? 102  SER A C   1 
ATOM   786  O O   . SER A 1 101 ? 9.942   -10.079 7.381   1.00 19.91 ? 102  SER A O   1 
ATOM   787  C CB  . SER A 1 101 ? 11.159  -12.998 7.313   1.00 17.30 ? 102  SER A CB  1 
ATOM   788  O OG  . SER A 1 101 ? 11.208  -14.144 6.443   1.00 18.92 ? 102  SER A OG  1 
ATOM   789  N N   . PRO A 1 102 ? 9.686   -11.062 9.403   1.00 17.94 ? 103  PRO A N   1 
ATOM   790  C CA  . PRO A 1 102 ? 9.863   -9.770  10.084  1.00 19.08 ? 103  PRO A CA  1 
ATOM   791  C C   . PRO A 1 102 ? 11.170  -9.092  9.662   1.00 19.33 ? 103  PRO A C   1 
ATOM   792  O O   . PRO A 1 102 ? 12.212  -9.748  9.558   1.00 18.65 ? 103  PRO A O   1 
ATOM   793  C CB  . PRO A 1 102 ? 9.946   -10.157 11.569  1.00 21.96 ? 103  PRO A CB  1 
ATOM   794  C CG  . PRO A 1 102 ? 9.167   -11.516 11.646  1.00 23.94 ? 103  PRO A CG  1 
ATOM   795  C CD  . PRO A 1 102 ? 9.539   -12.197 10.340  1.00 18.95 ? 103  PRO A CD  1 
ATOM   796  N N   . GLY A 1 103 ? 11.132  -7.773  9.492   1.00 17.24 ? 104  GLY A N   1 
ATOM   797  C CA  . GLY A 1 103 ? 12.356  -7.074  9.160   1.00 18.99 ? 104  GLY A CA  1 
ATOM   798  C C   . GLY A 1 103 ? 12.087  -5.795  8.422   1.00 18.44 ? 104  GLY A C   1 
ATOM   799  O O   . GLY A 1 103 ? 10.949  -5.413  8.229   1.00 17.27 ? 104  GLY A O   1 
ATOM   800  N N   . TYR A 1 104 ? 13.167  -5.192  7.937   1.00 17.34 ? 105  TYR A N   1 
ATOM   801  C CA  . TYR A 1 104 ? 13.115  -3.936  7.222   1.00 15.24 ? 105  TYR A CA  1 
ATOM   802  C C   . TYR A 1 104 ? 13.002  -4.202  5.730   1.00 16.72 ? 105  TYR A C   1 
ATOM   803  O O   . TYR A 1 104 ? 13.383  -5.297  5.236   1.00 18.10 ? 105  TYR A O   1 
ATOM   804  C CB  . TYR A 1 104 ? 14.434  -3.181  7.562   1.00 16.55 ? 105  TYR A CB  1 
ATOM   805  C CG  . TYR A 1 104 ? 14.551  -2.734  8.984   1.00 16.53 ? 105  TYR A CG  1 
ATOM   806  C CD1 . TYR A 1 104 ? 13.511  -2.000  9.584   1.00 16.14 ? 105  TYR A CD1 1 
ATOM   807  C CD2 . TYR A 1 104 ? 15.727  -2.975  9.713   1.00 20.15 ? 105  TYR A CD2 1 
ATOM   808  C CE1 . TYR A 1 104 ? 13.634  -1.543  10.860  1.00 16.16 ? 105  TYR A CE1 1 
ATOM   809  C CE2 . TYR A 1 104 ? 15.868  -2.502  11.025  1.00 18.15 ? 105  TYR A CE2 1 
ATOM   810  C CZ  . TYR A 1 104 ? 14.811  -1.831  11.590  1.00 16.26 ? 105  TYR A CZ  1 
ATOM   811  O OH  . TYR A 1 104 ? 14.877  -1.401  12.897  1.00 18.34 ? 105  TYR A OH  1 
ATOM   812  N N   . CYS A 1 105 ? 12.560  -3.195  4.989   1.00 15.98 ? 106  CYS A N   1 
ATOM   813  C CA  . CYS A 1 105 ? 12.280  -3.378  3.553   1.00 15.51 ? 106  CYS A CA  1 
ATOM   814  C C   . CYS A 1 105 ? 13.551  -3.455  2.743   1.00 15.11 ? 106  CYS A C   1 
ATOM   815  O O   . CYS A 1 105 ? 13.601  -4.103  1.685   1.00 16.90 ? 106  CYS A O   1 
ATOM   816  C CB  . CYS A 1 105 ? 11.435  -2.225  2.989   1.00 16.42 ? 106  CYS A CB  1 
ATOM   817  S SG  . CYS A 1 105 ? 9.794   -2.075  3.794   1.00 23.31 ? 106  CYS A SG  1 
ATOM   818  N N   . GLY A 1 106 ? 14.598  -2.760  3.191   1.00 16.53 ? 107  GLY A N   1 
ATOM   819  C CA  . GLY A 1 106 ? 15.864  -2.911  2.492   1.00 16.03 ? 107  GLY A CA  1 
ATOM   820  C C   . GLY A 1 106 ? 15.938  -2.149  1.186   1.00 14.87 ? 107  GLY A C   1 
ATOM   821  O O   . GLY A 1 106 ? 16.889  -2.367  0.405   1.00 19.43 ? 107  GLY A O   1 
ATOM   822  N N   . GLY A 1 107 ? 15.022  -1.208  0.952   1.00 12.55 ? 108  GLY A N   1 
ATOM   823  C CA  . GLY A 1 107 ? 15.195  -0.266  -0.165  1.00 14.76 ? 108  GLY A CA  1 
ATOM   824  C C   . GLY A 1 107 ? 14.712  -0.752  -1.519  1.00 14.68 ? 108  GLY A C   1 
ATOM   825  O O   . GLY A 1 107 ? 15.061  -0.135  -2.564  1.00 18.08 ? 108  GLY A O   1 
ATOM   826  N N   . SER A 1 108 ? 13.840  -1.766  -1.504  1.00 15.25 ? 109  SER A N   1 
ATOM   827  C CA  . SER A 1 108 ? 13.408  -2.415  -2.742  1.00 15.17 ? 109  SER A CA  1 
ATOM   828  C C   . SER A 1 108 ? 11.992  -2.927  -2.730  1.00 14.68 ? 109  SER A C   1 
ATOM   829  O O   . SER A 1 108 ? 11.390  -3.178  -1.644  1.00 14.07 ? 109  SER A O   1 
ATOM   830  C CB  . SER A 1 108 ? 14.363  -3.521  -3.173  1.00 18.73 ? 109  SER A CB  1 
ATOM   831  O OG  . SER A 1 108 ? 13.985  -4.773  -2.698  1.00 22.51 ? 109  SER A OG  1 
ATOM   832  N N   . TRP A 1 109 ? 11.480  -3.055  -3.955  1.00 13.64 ? 110  TRP A N   1 
ATOM   833  C CA  . TRP A 1 109 ? 10.173  -3.672  -4.144  1.00 14.41 ? 110  TRP A CA  1 
ATOM   834  C C   . TRP A 1 109 ? 10.257  -5.198  -4.261  1.00 13.55 ? 110  TRP A C   1 
ATOM   835  O O   . TRP A 1 109 ? 9.216   -5.826  -4.508  1.00 15.34 ? 110  TRP A O   1 
ATOM   836  C CB  . TRP A 1 109 ? 9.545   -3.148  -5.450  1.00 13.03 ? 110  TRP A CB  1 
ATOM   837  C CG  . TRP A 1 109 ? 9.353   -1.666  -5.474  1.00 14.52 ? 110  TRP A CG  1 
ATOM   838  C CD1 . TRP A 1 109 ? 9.973   -0.787  -6.312  1.00 18.84 ? 110  TRP A CD1 1 
ATOM   839  C CD2 . TRP A 1 109 ? 8.470   -0.883  -4.647  1.00 13.85 ? 110  TRP A CD2 1 
ATOM   840  N NE1 . TRP A 1 109 ? 9.511   0.496   -6.081  1.00 15.51 ? 110  TRP A NE1 1 
ATOM   841  C CE2 . TRP A 1 109 ? 8.633   0.468   -5.033  1.00 14.22 ? 110  TRP A CE2 1 
ATOM   842  C CE3 . TRP A 1 109 ? 7.566   -1.196  -3.634  1.00 13.56 ? 110  TRP A CE3 1 
ATOM   843  C CZ2 . TRP A 1 109 ? 7.941   1.528   -4.422  1.00 16.71 ? 110  TRP A CZ2 1 
ATOM   844  C CZ3 . TRP A 1 109 ? 6.878   -0.132  -2.976  1.00 15.04 ? 110  TRP A CZ3 1 
ATOM   845  C CH2 . TRP A 1 109 ? 7.049   1.210   -3.436  1.00 15.88 ? 110  TRP A CH2 1 
ATOM   846  N N   . SER A 1 110 ? 11.444  -5.780  -4.130  1.00 14.78 ? 111  SER A N   1 
ATOM   847  C CA  . SER A 1 110 ? 11.608  -7.222  -4.363  1.00 15.99 ? 111  SER A CA  1 
ATOM   848  C C   . SER A 1 110 ? 11.188  -8.019  -3.152  1.00 12.89 ? 111  SER A C   1 
ATOM   849  O O   . SER A 1 110 ? 11.295  -7.548  -2.025  1.00 14.62 ? 111  SER A O   1 
ATOM   850  C CB  . SER A 1 110 ? 13.067  -7.566  -4.681  1.00 18.37 ? 111  SER A CB  1 
ATOM   851  O OG  . SER A 1 110 ? 13.395  -6.973  -5.934  1.00 20.11 ? 111  SER A OG  1 
ATOM   852  N N   . ASN A 1 111 ? 10.853  -9.283  -3.408  1.00 11.96 ? 112  ASN A N   1 
ATOM   853  C CA  . ASN A 1 111 ? 10.660  -10.283 -2.332  1.00 11.62 ? 112  ASN A CA  1 
ATOM   854  C C   . ASN A 1 111 ? 9.458   -10.048 -1.471  1.00 12.64 ? 112  ASN A C   1 
ATOM   855  O O   . ASN A 1 111 ? 9.413   -10.425 -0.302  1.00 13.47 ? 112  ASN A O   1 
ATOM   856  C CB  . ASN A 1 111 ? 11.966  -10.476 -1.521  1.00 11.10 ? 112  ASN A CB  1 
ATOM   857  C CG  . ASN A 1 111 ? 13.192  -10.647 -2.415  1.00 13.02 ? 112  ASN A CG  1 
ATOM   858  O OD1 . ASN A 1 111 ? 14.183  -9.902  -2.290  1.00 17.60 ? 112  ASN A OD1 1 
ATOM   859  N ND2 . ASN A 1 111 ? 13.117  -11.579 -3.357  1.00 11.00 ? 112  ASN A ND2 1 
ATOM   860  N N   . PHE A 1 112 ? 8.432   -9.476  -2.081  1.00 11.92 ? 113  PHE A N   1 
ATOM   861  C CA  . PHE A 1 112 ? 7.168   -9.460  -1.410  1.00 11.90 ? 113  PHE A CA  1 
ATOM   862  C C   . PHE A 1 112 ? 6.513   -10.823 -1.623  1.00 17.35 ? 113  PHE A C   1 
ATOM   863  O O   . PHE A 1 112 ? 6.628   -11.427 -2.706  1.00 20.00 ? 113  PHE A O   1 
ATOM   864  C CB  . PHE A 1 112 ? 6.296   -8.294  -1.913  1.00 12.87 ? 113  PHE A CB  1 
ATOM   865  C CG  . PHE A 1 112 ? 6.560   -6.970  -1.180  1.00 11.86 ? 113  PHE A CG  1 
ATOM   866  C CD1 . PHE A 1 112 ? 5.849   -6.655  -0.050  1.00 12.50 ? 113  PHE A CD1 1 
ATOM   867  C CD2 . PHE A 1 112 ? 7.505   -6.071  -1.681  1.00 14.91 ? 113  PHE A CD2 1 
ATOM   868  C CE1 . PHE A 1 112 ? 6.091   -5.477  0.658   1.00 10.60 ? 113  PHE A CE1 1 
ATOM   869  C CE2 . PHE A 1 112 ? 7.773   -4.883  -1.007  1.00 12.51 ? 113  PHE A CE2 1 
ATOM   870  C CZ  . PHE A 1 112 ? 7.009   -4.566  0.157   1.00 11.03 ? 113  PHE A CZ  1 
ATOM   871  N N   . GLY A 1 113 ? 5.899   -11.328 -0.565  1.00 17.52 ? 114  GLY A N   1 
ATOM   872  C CA  . GLY A 1 113 ? 5.535   -12.751 -0.524  1.00 20.27 ? 114  GLY A CA  1 
ATOM   873  C C   . GLY A 1 113 ? 4.077   -13.049 -0.250  1.00 21.35 ? 114  GLY A C   1 
ATOM   874  O O   . GLY A 1 113 ? 3.548   -14.046 -0.745  1.00 21.85 ? 114  GLY A O   1 
ATOM   875  N N   . TYR A 1 114 ? 3.439   -12.229 0.586   1.00 18.45 ? 115  TYR A N   1 
ATOM   876  C CA  . TYR A 1 114 ? 1.987   -12.397 0.863   1.00 17.97 ? 115  TYR A CA  1 
ATOM   877  C C   . TYR A 1 114 ? 1.259   -11.260 0.169   1.00 19.19 ? 115  TYR A C   1 
ATOM   878  O O   . TYR A 1 114 ? 1.764   -10.102 0.180   1.00 20.00 ? 115  TYR A O   1 
ATOM   879  C CB  . TYR A 1 114 ? 1.754   -12.213 2.361   1.00 19.88 ? 115  TYR A CB  1 
ATOM   880  C CG  . TYR A 1 114 ? 2.475   -13.186 3.225   1.00 20.63 ? 115  TYR A CG  1 
ATOM   881  C CD1 . TYR A 1 114 ? 1.877   -14.389 3.544   1.00 29.48 ? 115  TYR A CD1 1 
ATOM   882  C CD2 . TYR A 1 114 ? 3.670   -12.852 3.862   1.00 15.69 ? 115  TYR A CD2 1 
ATOM   883  C CE1 . TYR A 1 114 ? 2.458   -15.256 4.450   1.00 31.10 ? 115  TYR A CE1 1 
ATOM   884  C CE2 . TYR A 1 114 ? 4.272   -13.709 4.768   1.00 23.81 ? 115  TYR A CE2 1 
ATOM   885  C CZ  . TYR A 1 114 ? 3.661   -14.930 5.043   1.00 33.09 ? 115  TYR A CZ  1 
ATOM   886  O OH  . TYR A 1 114 ? 4.232   -15.857 5.905   1.00 35.31 ? 115  TYR A OH  1 
ATOM   887  N N   . TRP A 1 115 ? 0.101   -11.567 -0.438  1.00 16.82 ? 116  TRP A N   1 
ATOM   888  C CA  . TRP A 1 115 ? -0.612  -10.626 -1.299  1.00 16.87 ? 116  TRP A CA  1 
ATOM   889  C C   . TRP A 1 115 ? -2.095  -10.716 -0.981  1.00 16.63 ? 116  TRP A C   1 
ATOM   890  O O   . TRP A 1 115 ? -2.638  -11.837 -0.850  1.00 19.25 ? 116  TRP A O   1 
ATOM   891  C CB  . TRP A 1 115 ? -0.467  -11.013 -2.757  1.00 16.78 ? 116  TRP A CB  1 
ATOM   892  C CG  . TRP A 1 115 ? 0.896   -10.815 -3.256  1.00 21.03 ? 116  TRP A CG  1 
ATOM   893  C CD1 . TRP A 1 115 ? 1.921   -11.754 -3.328  1.00 24.81 ? 116  TRP A CD1 1 
ATOM   894  C CD2 . TRP A 1 115 ? 1.414   -9.606  -3.801  1.00 17.78 ? 116  TRP A CD2 1 
ATOM   895  N NE1 . TRP A 1 115 ? 3.044   -11.168 -3.869  1.00 22.99 ? 116  TRP A NE1 1 
ATOM   896  C CE2 . TRP A 1 115 ? 2.776   -9.843  -4.131  1.00 19.72 ? 116  TRP A CE2 1 
ATOM   897  C CE3 . TRP A 1 115 ? 0.880   -8.348  -4.009  1.00 15.70 ? 116  TRP A CE3 1 
ATOM   898  C CZ2 . TRP A 1 115 ? 3.602   -8.845  -4.649  1.00 19.10 ? 116  TRP A CZ2 1 
ATOM   899  C CZ3 . TRP A 1 115 ? 1.725   -7.346  -4.496  1.00 16.54 ? 116  TRP A CZ3 1 
ATOM   900  C CH2 . TRP A 1 115 ? 3.044   -7.614  -4.835  1.00 15.47 ? 116  TRP A CH2 1 
ATOM   901  N N   . GLY A 1 116 ? -2.771  -9.571  -0.889  1.00 13.80 ? 117  GLY A N   1 
ATOM   902  C CA  . GLY A 1 116 ? -4.243  -9.569  -0.893  1.00 14.68 ? 117  GLY A CA  1 
ATOM   903  C C   . GLY A 1 116 ? -4.864  -9.825  -2.260  1.00 14.95 ? 117  GLY A C   1 
ATOM   904  O O   . GLY A 1 116 ? -4.161  -9.930  -3.280  1.00 16.99 ? 117  GLY A O   1 
ATOM   905  N N   . GLN A 1 117 ? -6.198  -9.972  -2.303  1.00 14.85 ? 118  GLN A N   1 
ATOM   906  C CA  . GLN A 1 117 ? -6.882  -10.225 -3.550  1.00 16.34 ? 118  GLN A CA  1 
ATOM   907  C C   . GLN A 1 117 ? -7.034  -8.950  -4.409  1.00 15.44 ? 118  GLN A C   1 
ATOM   908  O O   . GLN A 1 117 ? -7.426  -9.009  -5.593  1.00 18.18 ? 118  GLN A O   1 
ATOM   909  C CB  . GLN A 1 117 ? -8.268  -10.832 -3.279  1.00 20.42 ? 118  GLN A CB  1 
ATOM   910  C CG  . GLN A 1 117 ? -8.204  -12.308 -2.849  1.00 29.42 ? 118  GLN A CG  1 
ATOM   911  C CD  . GLN A 1 117 ? -7.306  -13.208 -3.727  1.00 42.68 ? 118  GLN A CD  1 
ATOM   912  O OE1 . GLN A 1 117 ? -7.630  -13.515 -4.889  1.00 46.58 ? 118  GLN A OE1 1 
ATOM   913  N NE2 . GLN A 1 117 ? -6.208  -13.692 -3.141  1.00 43.28 ? 118  GLN A NE2 1 
ATOM   914  N N   . GLY A 1 118 ? -6.914  -7.814  -3.747  1.00 13.43 ? 119  GLY A N   1 
ATOM   915  C CA  . GLY A 1 118 ? -6.879  -6.522  -4.397  1.00 13.47 ? 119  GLY A CA  1 
ATOM   916  C C   . GLY A 1 118 ? -8.198  -5.774  -4.238  1.00 14.07 ? 119  GLY A C   1 
ATOM   917  O O   . GLY A 1 118 ? -9.250  -6.397  -4.060  1.00 16.06 ? 119  GLY A O   1 
ATOM   918  N N   . THR A 1 119 ? -8.142  -4.461  -4.431  1.00 12.87 ? 120  THR A N   1 
ATOM   919  C CA  . THR A 1 119 ? -9.353  -3.614  -4.384  1.00 13.09 ? 120  THR A CA  1 
ATOM   920  C C   . THR A 1 119 ? -9.302  -2.611  -5.518  1.00 12.37 ? 120  THR A C   1 
ATOM   921  O O   . THR A 1 119 ? -8.263  -2.007  -5.797  1.00 12.21 ? 120  THR A O   1 
ATOM   922  C CB  . THR A 1 119 ? -9.542  -2.862  -2.997  1.00 14.13 ? 120  THR A CB  1 
ATOM   923  O OG1 . THR A 1 119 ? -10.851 -2.245  -2.927  1.00 19.09 ? 120  THR A OG1 1 
ATOM   924  C CG2 . THR A 1 119 ? -8.459  -1.866  -2.676  1.00 16.07 ? 120  THR A CG2 1 
ATOM   925  N N   . GLN A 1 120 ? -10.422 -2.464  -6.212  1.00 12.09 ? 121  GLN A N   1 
ATOM   926  C CA  . GLN A 1 120 ? -10.477 -1.536  -7.333  1.00 10.09 ? 121  GLN A CA  1 
ATOM   927  C C   . GLN A 1 120 ? -10.562 -0.088  -6.901  1.00 11.17 ? 121  GLN A C   1 
ATOM   928  O O   . GLN A 1 120 ? -11.412 0.284   -6.083  1.00 12.00 ? 121  GLN A O   1 
ATOM   929  C CB  . GLN A 1 120 ? -11.687 -1.914  -8.203  1.00 10.36 ? 121  GLN A CB  1 
ATOM   930  C CG  . GLN A 1 120 ? -11.844 -0.941  -9.395  1.00 9.99  ? 121  GLN A CG  1 
ATOM   931  C CD  . GLN A 1 120 ? -10.675 -0.989  -10.403 1.00 11.53 ? 121  GLN A CD  1 
ATOM   932  O OE1 . GLN A 1 120 ? -10.081 -2.034  -10.634 1.00 14.05 ? 121  GLN A OE1 1 
ATOM   933  N NE2 . GLN A 1 120 ? -10.422 0.136   -11.075 1.00 14.32 ? 121  GLN A NE2 1 
ATOM   934  N N   . VAL A 1 121 ? -9.726  0.731   -7.536  1.00 9.40  ? 122  VAL A N   1 
ATOM   935  C CA  . VAL A 1 121 ? -9.758  2.180   -7.368  1.00 9.35  ? 122  VAL A CA  1 
ATOM   936  C C   . VAL A 1 121 ? -9.947  2.821   -8.722  1.00 9.62  ? 122  VAL A C   1 
ATOM   937  O O   . VAL A 1 121 ? -9.148  2.559   -9.650  1.00 11.74 ? 122  VAL A O   1 
ATOM   938  C CB  . VAL A 1 121 ? -8.480  2.704   -6.748  1.00 10.39 ? 122  VAL A CB  1 
ATOM   939  C CG1 . VAL A 1 121 ? -8.475  4.250   -6.803  1.00 11.10 ? 122  VAL A CG1 1 
ATOM   940  C CG2 . VAL A 1 121 ? -8.362  2.220   -5.258  1.00 12.29 ? 122  VAL A CG2 1 
ATOM   941  N N   . THR A 1 122 ? -11.103 3.466   -8.914  1.00 8.96  ? 123  THR A N   1 
ATOM   942  C CA  . THR A 1 122 ? -11.377 4.158   -10.183 1.00 8.94  ? 123  THR A CA  1 
ATOM   943  C C   . THR A 1 122 ? -11.439 5.636   -9.964  1.00 10.97 ? 123  THR A C   1 
ATOM   944  O O   . THR A 1 122 ? -12.052 6.092   -8.965  1.00 11.44 ? 123  THR A O   1 
ATOM   945  C CB  . THR A 1 122 ? -12.728 3.654   -10.743 1.00 10.13 ? 123  THR A CB  1 
ATOM   946  O OG1 . THR A 1 122 ? -12.650 2.225   -10.908 1.00 11.85 ? 123  THR A OG1 1 
ATOM   947  C CG2 . THR A 1 122 ? -13.053 4.320   -12.084 1.00 11.13 ? 123  THR A CG2 1 
ATOM   948  N N   . VAL A 1 123 ? -10.771 6.384   -10.819 1.00 10.12 ? 124  VAL A N   1 
ATOM   949  C CA  . VAL A 1 123 ? -10.749 7.854   -10.689 1.00 11.38 ? 124  VAL A CA  1 
ATOM   950  C C   . VAL A 1 123 ? -11.135 8.385   -12.056 1.00 11.23 ? 124  VAL A C   1 
ATOM   951  O O   . VAL A 1 123 ? -10.487 8.042   -13.068 1.00 12.01 ? 124  VAL A O   1 
ATOM   952  C CB  . VAL A 1 123 ? -9.343  8.405   -10.284 1.00 10.11 ? 124  VAL A CB  1 
ATOM   953  C CG1 . VAL A 1 123 ? -9.431  9.918   -10.081 1.00 10.85 ? 124  VAL A CG1 1 
ATOM   954  C CG2 . VAL A 1 123 ? -8.800  7.689   -9.041  1.00 11.84 ? 124  VAL A CG2 1 
ATOM   955  N N   . SER A 1 124 ? -12.187 9.245   -12.102 1.00 10.82 ? 125  SER A N   1 
ATOM   956  C CA  . SER A 1 124 ? -12.731 9.736   -13.344 1.00 10.76 ? 125  SER A CA  1 
ATOM   957  C C   . SER A 1 124 ? -12.574 11.235  -13.501 1.00 12.68 ? 125  SER A C   1 
ATOM   958  O O   . SER A 1 124 ? -12.634 11.959  -12.488 1.00 15.81 ? 125  SER A O   1 
ATOM   959  C CB  . SER A 1 124 ? -14.247 9.358   -13.417 1.00 12.31 ? 125  SER A CB  1 
ATOM   960  O OG  . SER A 1 124 ? -14.409 7.953   -13.414 1.00 12.40 ? 125  SER A OG  1 
ATOM   961  N N   . SER A 1 125 ? -12.442 11.679  -14.741 1.00 14.26 ? 126  SER A N   1 
ATOM   962  C CA  . SER A 1 125 ? -12.478 13.114  -15.118 1.00 16.10 ? 126  SER A CA  1 
ATOM   963  C C   . SER A 1 125 ? -13.822 13.419  -15.820 1.00 21.45 ? 126  SER A C   1 
ATOM   964  O O   . SER A 1 125 ? -14.724 12.558  -15.813 1.00 19.38 ? 126  SER A O   1 
ATOM   965  C CB  . SER A 1 125 ? -11.248 13.458  -16.004 1.00 17.11 ? 126  SER A CB  1 
ATOM   966  O OG  . SER A 1 125 ? -11.172 12.583  -17.112 1.00 23.51 ? 126  SER A OG  1 
ATOM   967  N N   . HIS A 1 126 ? -13.981 14.649  -16.326 1.00 19.68 ? 127  HIS A N   1 
ATOM   968  C CA  . HIS A 1 126 ? -15.276 15.123  -16.865 1.00 26.92 ? 127  HIS A CA  1 
ATOM   969  C C   . HIS A 1 126 ? -15.333 14.519  -18.262 1.00 30.51 ? 127  HIS A C   1 
ATOM   970  O O   . HIS A 1 126 ? -15.945 13.496  -18.447 1.00 34.60 ? 127  HIS A O   1 
ATOM   971  C CB  . HIS A 1 126 ? -15.250 16.632  -17.072 1.00 27.11 ? 127  HIS A CB  1 
ATOM   972  C CG  . HIS A 1 126 ? -16.565 17.200  -17.500 1.00 27.29 ? 127  HIS A CG  1 
ATOM   973  N ND1 . HIS A 1 126 ? -17.415 17.825  -16.615 1.00 26.06 ? 127  HIS A ND1 1 
ATOM   974  C CD2 . HIS A 1 126 ? -17.206 17.181  -18.691 1.00 31.36 ? 127  HIS A CD2 1 
ATOM   975  C CE1 . HIS A 1 126 ? -18.554 18.102  -17.227 1.00 27.74 ? 127  HIS A CE1 1 
ATOM   976  N NE2 . HIS A 1 126 ? -18.450 17.729  -18.488 1.00 23.51 ? 127  HIS A NE2 1 
ATOM   977  N N   . ASP B 2 4   ? 17.119  4.435   18.480  1.00 36.58 ? 135  ASP B N   1 
ATOM   978  C CA  . ASP B 2 4   ? 16.432  4.210   17.185  1.00 37.28 ? 135  ASP B CA  1 
ATOM   979  C C   . ASP B 2 4   ? 17.269  4.727   15.993  1.00 34.01 ? 135  ASP B C   1 
ATOM   980  O O   . ASP B 2 4   ? 17.293  5.929   15.698  1.00 37.29 ? 135  ASP B O   1 
ATOM   981  C CB  . ASP B 2 4   ? 15.049  4.879   17.201  1.00 38.83 ? 135  ASP B CB  1 
ATOM   982  C CG  . ASP B 2 4   ? 14.251  4.612   15.920  1.00 44.23 ? 135  ASP B CG  1 
ATOM   983  O OD1 . ASP B 2 4   ? 14.222  3.440   15.463  1.00 41.19 ? 135  ASP B OD1 1 
ATOM   984  O OD2 . ASP B 2 4   ? 13.666  5.582   15.371  1.00 49.44 ? 135  ASP B OD2 1 
ATOM   985  N N   . TYR B 2 5   ? 17.948  3.812   15.315  1.00 26.32 ? 136  TYR B N   1 
ATOM   986  C CA  . TYR B 2 5   ? 18.503  4.116   14.017  1.00 22.42 ? 136  TYR B CA  1 
ATOM   987  C C   . TYR B 2 5   ? 17.877  3.264   12.971  1.00 22.23 ? 136  TYR B C   1 
ATOM   988  O O   . TYR B 2 5   ? 18.437  2.258   12.552  1.00 24.10 ? 136  TYR B O   1 
ATOM   989  C CB  . TYR B 2 5   ? 19.969  3.820   14.046  1.00 19.45 ? 136  TYR B CB  1 
ATOM   990  C CG  . TYR B 2 5   ? 20.683  4.745   15.005  1.00 15.32 ? 136  TYR B CG  1 
ATOM   991  C CD1 . TYR B 2 5   ? 20.644  6.148   14.851  1.00 18.49 ? 136  TYR B CD1 1 
ATOM   992  C CD2 . TYR B 2 5   ? 21.482  4.213   16.026  1.00 14.55 ? 136  TYR B CD2 1 
ATOM   993  C CE1 . TYR B 2 5   ? 21.419  6.983   15.685  1.00 17.90 ? 136  TYR B CE1 1 
ATOM   994  C CE2 . TYR B 2 5   ? 22.207  5.029   16.859  1.00 13.07 ? 136  TYR B CE2 1 
ATOM   995  C CZ  . TYR B 2 5   ? 22.211  6.404   16.673  1.00 15.67 ? 136  TYR B CZ  1 
ATOM   996  O OH  . TYR B 2 5   ? 22.934  7.220   17.486  1.00 15.32 ? 136  TYR B OH  1 
ATOM   997  N N   . GLU B 2 6   ? 16.718  3.691   12.520  1.00 19.05 ? 137  GLU B N   1 
ATOM   998  C CA  . GLU B 2 6   ? 15.995  2.905   11.545  1.00 17.35 ? 137  GLU B CA  1 
ATOM   999  C C   . GLU B 2 6   ? 16.523  3.194   10.125  1.00 17.61 ? 137  GLU B C   1 
ATOM   1000 O O   . GLU B 2 6   ? 16.669  4.355   9.755   1.00 18.66 ? 137  GLU B O   1 
ATOM   1001 C CB  . GLU B 2 6   ? 14.526  3.329   11.615  1.00 18.04 ? 137  GLU B CB  1 
ATOM   1002 C CG  . GLU B 2 6   ? 13.645  2.463   10.742  1.00 15.54 ? 137  GLU B CG  1 
ATOM   1003 C CD  . GLU B 2 6   ? 12.187  2.919   10.772  1.00 15.60 ? 137  GLU B CD  1 
ATOM   1004 O OE1 . GLU B 2 6   ? 11.790  3.643   11.727  1.00 18.63 ? 137  GLU B OE1 1 
ATOM   1005 O OE2 . GLU B 2 6   ? 11.470  2.554   9.825   1.00 16.09 ? 137  GLU B OE2 1 
ATOM   1006 N N   . PRO B 2 7   ? 16.784  2.147   9.311   1.00 16.89 ? 138  PRO B N   1 
ATOM   1007 C CA  . PRO B 2 7   ? 17.200  2.381   7.924   1.00 17.53 ? 138  PRO B CA  1 
ATOM   1008 C C   . PRO B 2 7   ? 16.050  2.941   7.086   1.00 16.18 ? 138  PRO B C   1 
ATOM   1009 O O   . PRO B 2 7   ? 14.870  2.698   7.384   1.00 15.80 ? 138  PRO B O   1 
ATOM   1010 C CB  . PRO B 2 7   ? 17.562  0.976   7.411   1.00 16.48 ? 138  PRO B CB  1 
ATOM   1011 C CG  . PRO B 2 7   ? 16.696  0.016   8.272   1.00 17.78 ? 138  PRO B CG  1 
ATOM   1012 C CD  . PRO B 2 7   ? 16.630  0.714   9.632   1.00 17.79 ? 138  PRO B CD  1 
ATOM   1013 N N   . GLU B 2 8   ? 16.416  3.634   6.029   1.00 18.61 ? 139  GLU B N   1 
ATOM   1014 C CA  . GLU B 2 8   ? 15.423  4.032   5.043   1.00 18.29 ? 139  GLU B CA  1 
ATOM   1015 C C   . GLU B 2 8   ? 14.720  2.797   4.488   1.00 18.24 ? 139  GLU B C   1 
ATOM   1016 O O   . GLU B 2 8   ? 15.314  1.712   4.304   1.00 18.84 ? 139  GLU B O   1 
ATOM   1017 C CB  . GLU B 2 8   ? 16.068  4.890   3.947   1.00 20.66 ? 139  GLU B CB  1 
ATOM   1018 C CG  . GLU B 2 8   ? 16.791  6.125   4.515   1.00 25.98 ? 139  GLU B CG  1 
ATOM   1019 C CD  . GLU B 2 8   ? 15.850  7.073   5.268   1.00 26.03 ? 139  GLU B CD  1 
ATOM   1020 O OE1 . GLU B 2 8   ? 14.763  7.359   4.748   1.00 28.23 ? 139  GLU B OE1 1 
ATOM   1021 O OE2 . GLU B 2 8   ? 16.187  7.482   6.409   1.00 30.93 ? 139  GLU B OE2 1 
ATOM   1022 N N   . ALA B 2 9   ? 13.448  2.975   4.176   1.00 17.91 ? 140  ALA B N   1 
ATOM   1023 C CA  . ALA B 2 9   ? 12.634  1.851   3.737   1.00 17.23 ? 140  ALA B CA  1 
ATOM   1024 C C   . ALA B 2 9   ? 12.930  1.484   2.286   1.00 18.72 ? 140  ALA B C   1 
ATOM   1025 O O   . ALA B 2 9   ? 13.366  2.342   1.490   1.00 21.33 ? 140  ALA B O   1 
ATOM   1026 C CB  . ALA B 2 9   ? 11.148  2.123   3.934   1.00 16.99 ? 140  ALA B CB  1 
ATOM   1027 O OXT . ALA B 2 9   ? 12.769  0.299   1.944   1.00 18.51 ? 140  ALA B OXT 1 
HETATM 1028 O O   . HOH C 3 .   ? -2.422  -15.122 1.490   1.00 31.71 ? 2001 HOH A O   1 
HETATM 1029 O O   . HOH C 3 .   ? -7.479  -10.903 -0.010  1.00 21.45 ? 2002 HOH A O   1 
HETATM 1030 O O   . HOH C 3 .   ? -6.865  -12.837 0.817   1.00 38.74 ? 2003 HOH A O   1 
HETATM 1031 O O   . HOH C 3 .   ? -11.147 -6.545  6.051   1.00 25.61 ? 2004 HOH A O   1 
HETATM 1032 O O   . HOH C 3 .   ? -14.685 3.351   2.254   1.00 32.49 ? 2005 HOH A O   1 
HETATM 1033 O O   . HOH C 3 .   ? -0.873  9.398   8.563   1.00 26.44 ? 2006 HOH A O   1 
HETATM 1034 O O   . HOH C 3 .   ? -17.289 -1.289  -3.057  1.00 50.53 ? 2007 HOH A O   1 
HETATM 1035 O O   . HOH C 3 .   ? -9.937  -7.196  -1.065  1.00 19.38 ? 2008 HOH A O   1 
HETATM 1036 O O   . HOH C 3 .   ? -12.923 -6.095  1.401   1.00 27.47 ? 2009 HOH A O   1 
HETATM 1037 O O   . HOH C 3 .   ? -17.795 15.056  -13.668 1.00 33.59 ? 2010 HOH A O   1 
HETATM 1038 O O   . HOH C 3 .   ? -9.692  -4.612  4.990   1.00 17.24 ? 2011 HOH A O   1 
HETATM 1039 O O   . HOH C 3 .   ? -13.093 -6.724  4.044   1.00 40.87 ? 2012 HOH A O   1 
HETATM 1040 O O   . HOH C 3 .   ? -11.933 0.241   4.662   1.00 40.19 ? 2013 HOH A O   1 
HETATM 1041 O O   . HOH C 3 .   ? -12.277 4.573   1.273   1.00 13.48 ? 2014 HOH A O   1 
HETATM 1042 O O   . HOH C 3 .   ? -14.306 -1.666  0.819   1.00 31.96 ? 2015 HOH A O   1 
HETATM 1043 O O   . HOH C 3 .   ? -0.831  7.442   11.042  1.00 29.97 ? 2016 HOH A O   1 
HETATM 1044 O O   . HOH C 3 .   ? -2.198  9.189   6.344   1.00 19.48 ? 2017 HOH A O   1 
HETATM 1045 O O   . HOH C 3 .   ? -15.161 1.249   0.077   1.00 23.48 ? 2018 HOH A O   1 
HETATM 1046 O O   . HOH C 3 .   ? 12.531  5.736   4.188   1.00 13.21 ? 2019 HOH A O   1 
HETATM 1047 O O   . HOH C 3 .   ? 4.214   8.258   12.629  0.50 41.85 ? 2020 HOH A O   1 
HETATM 1048 O O   . HOH C 3 .   ? -17.448 9.233   -8.327  1.00 28.90 ? 2021 HOH A O   1 
HETATM 1049 O O   . HOH C 3 .   ? -17.589 3.359   -5.428  1.00 15.02 ? 2022 HOH A O   1 
HETATM 1050 O O   . HOH C 3 .   ? -18.230 4.108   -10.979 1.00 11.33 ? 2023 HOH A O   1 
HETATM 1051 O O   . HOH C 3 .   ? -10.296 -9.267  6.610   1.00 29.02 ? 2024 HOH A O   1 
HETATM 1052 O O   . HOH C 3 .   ? -19.056 15.673  -11.003 1.00 30.91 ? 2025 HOH A O   1 
HETATM 1053 O O   . HOH C 3 .   ? -15.468 16.310  -10.035 1.00 25.43 ? 2026 HOH A O   1 
HETATM 1054 O O   . HOH C 3 .   ? -12.891 16.433  -7.256  1.00 18.13 ? 2027 HOH A O   1 
HETATM 1055 O O   . HOH C 3 .   ? -5.279  -10.037 -12.609 1.00 17.50 ? 2028 HOH A O   1 
HETATM 1056 O O   . HOH C 3 .   ? -8.929  -7.092  -13.682 1.00 20.90 ? 2029 HOH A O   1 
HETATM 1057 O O   . HOH C 3 .   ? -7.501  14.993  -2.446  1.00 10.99 ? 2030 HOH A O   1 
HETATM 1058 O O   . HOH C 3 .   ? -12.892 11.629  -2.874  1.00 12.80 ? 2031 HOH A O   1 
HETATM 1059 O O   . HOH C 3 .   ? -5.208  9.734   6.744   1.00 49.90 ? 2032 HOH A O   1 
HETATM 1060 O O   . HOH C 3 .   ? -10.451 2.258   4.367   1.00 20.96 ? 2033 HOH A O   1 
HETATM 1061 O O   . HOH C 3 .   ? -3.228  6.386   9.396   1.00 36.02 ? 2034 HOH A O   1 
HETATM 1062 O O   . HOH C 3 .   ? -9.139  5.051   8.537   1.00 40.61 ? 2035 HOH A O   1 
HETATM 1063 O O   . HOH C 3 .   ? 0.112   -13.951 -7.029  1.00 44.31 ? 2036 HOH A O   1 
HETATM 1064 O O   . HOH C 3 .   ? 7.308   -0.834  -12.437 1.00 42.12 ? 2037 HOH A O   1 
HETATM 1065 O O   . HOH C 3 .   ? 8.376   2.335   -12.386 1.00 53.34 ? 2038 HOH A O   1 
HETATM 1066 O O   . HOH C 3 .   ? -9.637  -2.965  7.104   1.00 23.92 ? 2039 HOH A O   1 
HETATM 1067 O O   . HOH C 3 .   ? -10.365 0.682   8.086   1.00 27.94 ? 2040 HOH A O   1 
HETATM 1068 O O   . HOH C 3 .   ? 10.162  9.244   9.864   1.00 35.23 ? 2041 HOH A O   1 
HETATM 1069 O O   . HOH C 3 .   ? 6.510   10.215  8.303   1.00 41.13 ? 2042 HOH A O   1 
HETATM 1070 O O   . HOH C 3 .   ? 5.074   8.242   11.090  0.50 28.26 ? 2043 HOH A O   1 
HETATM 1071 O O   . HOH C 3 .   ? 19.029  7.886   12.131  1.00 35.46 ? 2044 HOH A O   1 
HETATM 1072 O O   . HOH C 3 .   ? -6.144  -7.086  11.023  1.00 15.58 ? 2045 HOH A O   1 
HETATM 1073 O O   . HOH C 3 .   ? 12.767  5.887   -2.351  1.00 30.00 ? 2046 HOH A O   1 
HETATM 1074 O O   . HOH C 3 .   ? 4.718   9.268   7.194   1.00 34.94 ? 2047 HOH A O   1 
HETATM 1075 O O   . HOH C 3 .   ? -5.047  -15.836 7.999   1.00 28.30 ? 2048 HOH A O   1 
HETATM 1076 O O   . HOH C 3 .   ? -7.249  -10.333 6.981   1.00 19.55 ? 2049 HOH A O   1 
HETATM 1077 O O   . HOH C 3 .   ? -6.393  -16.957 10.809  1.00 25.11 ? 2050 HOH A O   1 
HETATM 1078 O O   . HOH C 3 .   ? 6.998   7.376   -12.698 1.00 37.29 ? 2051 HOH A O   1 
HETATM 1079 O O   . HOH C 3 .   ? 3.321   16.855  -9.025  1.00 33.25 ? 2052 HOH A O   1 
HETATM 1080 O O   . HOH C 3 .   ? 4.680   -8.303  17.993  1.00 37.16 ? 2053 HOH A O   1 
HETATM 1081 O O   . HOH C 3 .   ? 3.679   -12.779 12.749  1.00 29.60 ? 2054 HOH A O   1 
HETATM 1082 O O   . HOH C 3 .   ? 1.475   8.666   9.058   1.00 27.71 ? 2055 HOH A O   1 
HETATM 1083 O O   . HOH C 3 .   ? 1.452   6.479   11.680  1.00 28.21 ? 2056 HOH A O   1 
HETATM 1084 O O   . HOH C 3 .   ? 0.472   0.502   18.888  1.00 41.60 ? 2057 HOH A O   1 
HETATM 1085 O O   . HOH C 3 .   ? 6.065   -11.477 14.136  1.00 30.86 ? 2058 HOH A O   1 
HETATM 1086 O O   . HOH C 3 .   ? 5.990   -13.515 12.240  1.00 43.66 ? 2059 HOH A O   1 
HETATM 1087 O O   . HOH C 3 .   ? -6.986  15.891  2.584   1.00 32.31 ? 2060 HOH A O   1 
HETATM 1088 O O   . HOH C 3 .   ? -2.081  11.348  5.434   1.00 31.86 ? 2061 HOH A O   1 
HETATM 1089 O O   . HOH C 3 .   ? -8.521  -8.961  -11.991 1.00 35.46 ? 2062 HOH A O   1 
HETATM 1090 O O   . HOH C 3 .   ? 0.019   7.843   -11.090 1.00 12.79 ? 2063 HOH A O   1 
HETATM 1091 O O   . HOH C 3 .   ? 3.032   4.627   -11.979 1.00 22.43 ? 2064 HOH A O   1 
HETATM 1092 O O   . HOH C 3 .   ? 12.968  -9.398  2.883   1.00 16.73 ? 2065 HOH A O   1 
HETATM 1093 O O   . HOH C 3 .   ? -6.439  -2.524  -13.667 1.00 16.06 ? 2066 HOH A O   1 
HETATM 1094 O O   . HOH C 3 .   ? -6.687  -5.187  -14.139 1.00 31.78 ? 2067 HOH A O   1 
HETATM 1095 O O   . HOH C 3 .   ? -3.779  -7.754  -11.676 1.00 21.47 ? 2068 HOH A O   1 
HETATM 1096 O O   . HOH C 3 .   ? 13.986  -10.928 4.799   1.00 23.60 ? 2069 HOH A O   1 
HETATM 1097 O O   . HOH C 3 .   ? 2.998   3.206   -18.070 1.00 50.08 ? 2070 HOH A O   1 
HETATM 1098 O O   . HOH C 3 .   ? -3.298  1.968   -18.515 1.00 27.87 ? 2071 HOH A O   1 
HETATM 1099 O O   . HOH C 3 .   ? -1.262  -2.634  -22.371 1.00 29.91 ? 2072 HOH A O   1 
HETATM 1100 O O   . HOH C 3 .   ? -6.192  -5.073  -16.776 1.00 25.38 ? 2073 HOH A O   1 
HETATM 1101 O O   . HOH C 3 .   ? -0.938  4.868   -20.774 1.00 39.55 ? 2074 HOH A O   1 
HETATM 1102 O O   . HOH C 3 .   ? 0.485   -0.830  -13.111 1.00 10.65 ? 2075 HOH A O   1 
HETATM 1103 O O   . HOH C 3 .   ? 2.105   -3.170  -20.409 1.00 29.24 ? 2076 HOH A O   1 
HETATM 1104 O O   . HOH C 3 .   ? 3.649   -0.928  -14.594 1.00 26.12 ? 2077 HOH A O   1 
HETATM 1105 O O   . HOH C 3 .   ? -15.038 -3.119  -7.409  0.50 20.16 ? 2078 HOH A O   1 
HETATM 1106 O O   . HOH C 3 .   ? -13.966 -3.649  -10.079 1.00 17.72 ? 2079 HOH A O   1 
HETATM 1107 O O   . HOH C 3 .   ? 5.348   -6.784  -11.913 1.00 28.32 ? 2080 HOH A O   1 
HETATM 1108 O O   . HOH C 3 .   ? -1.225  -7.741  -11.079 1.00 19.90 ? 2081 HOH A O   1 
HETATM 1109 O O   . HOH C 3 .   ? 6.052   -2.958  -13.238 1.00 32.49 ? 2082 HOH A O   1 
HETATM 1110 O O   . HOH C 3 .   ? -3.398  -11.405 -7.773  1.00 39.30 ? 2083 HOH A O   1 
HETATM 1111 O O   . HOH C 3 .   ? -0.312  -11.815 -6.624  1.00 44.69 ? 2084 HOH A O   1 
HETATM 1112 O O   . HOH C 3 .   ? -11.182 7.890   -18.671 0.50 18.57 ? 2085 HOH A O   1 
HETATM 1113 O O   . HOH C 3 .   ? 6.157   3.578   -10.699 1.00 33.54 ? 2086 HOH A O   1 
HETATM 1114 O O   . HOH C 3 .   ? 6.074   1.445   -13.130 1.00 35.05 ? 2087 HOH A O   1 
HETATM 1115 O O   . HOH C 3 .   ? 7.900   -3.041  -8.717  1.00 33.13 ? 2088 HOH A O   1 
HETATM 1116 O O   . HOH C 3 .   ? 7.686   -1.395  -9.412  1.00 19.74 ? 2089 HOH A O   1 
HETATM 1117 O O   . HOH C 3 .   ? 6.977   1.488   -8.777  1.00 15.24 ? 2090 HOH A O   1 
HETATM 1118 O O   . HOH C 3 .   ? 11.892  2.300   -4.232  1.00 17.00 ? 2091 HOH A O   1 
HETATM 1119 O O   . HOH C 3 .   ? 6.203   0.978   16.499  1.00 30.23 ? 2092 HOH A O   1 
HETATM 1120 O O   . HOH C 3 .   ? 9.608   2.926   15.097  1.00 34.19 ? 2093 HOH A O   1 
HETATM 1121 O O   . HOH C 3 .   ? 7.748   -0.596  17.464  1.00 28.95 ? 2094 HOH A O   1 
HETATM 1122 O O   . HOH C 3 .   ? 8.270   8.583   8.284   1.00 44.01 ? 2095 HOH A O   1 
HETATM 1123 O O   . HOH C 3 .   ? 4.918   5.971   9.376   1.00 13.60 ? 2096 HOH A O   1 
HETATM 1124 O O   . HOH C 3 .   ? -12.782 -4.025  -5.457  1.00 23.49 ? 2097 HOH A O   1 
HETATM 1125 O O   . HOH C 3 .   ? 16.592  9.084   10.706  1.00 27.87 ? 2098 HOH A O   1 
HETATM 1126 O O   . HOH C 3 .   ? 10.240  7.970   5.873   1.00 19.01 ? 2099 HOH A O   1 
HETATM 1127 O O   . HOH C 3 .   ? -16.912 1.574   -3.052  1.00 29.37 ? 2100 HOH A O   1 
HETATM 1128 O O   . HOH C 3 .   ? 9.196   8.761   3.235   1.00 19.99 ? 2101 HOH A O   1 
HETATM 1129 O O   . HOH C 3 .   ? 11.175  8.097   1.513   1.00 40.94 ? 2102 HOH A O   1 
HETATM 1130 O O   . HOH C 3 .   ? 9.493   8.739   -4.675  1.00 20.05 ? 2103 HOH A O   1 
HETATM 1131 O O   . HOH C 3 .   ? 11.206  5.135   -4.446  1.00 31.09 ? 2104 HOH A O   1 
HETATM 1132 O O   . HOH C 3 .   ? 5.177   8.710   4.683   1.00 16.12 ? 2105 HOH A O   1 
HETATM 1133 O O   . HOH C 3 .   ? 4.816   12.518  -8.990  1.00 19.00 ? 2106 HOH A O   1 
HETATM 1134 O O   . HOH C 3 .   ? 6.687   10.319  -11.713 1.00 31.27 ? 2107 HOH A O   1 
HETATM 1135 O O   . HOH C 3 .   ? 9.713   5.090   -8.546  1.00 19.65 ? 2108 HOH A O   1 
HETATM 1136 O O   . HOH C 3 .   ? 1.908   11.080  -10.940 1.00 21.76 ? 2109 HOH A O   1 
HETATM 1137 O O   . HOH C 3 .   ? 6.858   5.810   -10.503 1.00 16.66 ? 2110 HOH A O   1 
HETATM 1138 O O   . HOH C 3 .   ? 6.808   11.395  0.494   1.00 29.74 ? 2111 HOH A O   1 
HETATM 1139 O O   . HOH C 3 .   ? 10.382  7.523   -1.180  1.00 16.05 ? 2112 HOH A O   1 
HETATM 1140 O O   . HOH C 3 .   ? 2.978   15.331  -6.633  1.00 25.66 ? 2113 HOH A O   1 
HETATM 1141 O O   . HOH C 3 .   ? 2.949   12.540  -7.007  1.00 16.90 ? 2114 HOH A O   1 
HETATM 1142 O O   . HOH C 3 .   ? 0.317   16.795  -3.357  1.00 43.12 ? 2115 HOH A O   1 
HETATM 1143 O O   . HOH C 3 .   ? 4.438   10.522  -0.052  1.00 19.08 ? 2116 HOH A O   1 
HETATM 1144 O O   . HOH C 3 .   ? 6.649   18.250  -2.450  1.00 42.48 ? 2117 HOH A O   1 
HETATM 1145 O O   . HOH C 3 .   ? 5.215   16.189  -5.442  1.00 36.66 ? 2118 HOH A O   1 
HETATM 1146 O O   . HOH C 3 .   ? 3.136   11.296  2.256   1.00 30.58 ? 2119 HOH A O   1 
HETATM 1147 O O   . HOH C 3 .   ? -1.376  11.267  1.529   1.00 17.21 ? 2120 HOH A O   1 
HETATM 1148 O O   . HOH C 3 .   ? 3.463   7.354   7.326   1.00 15.82 ? 2121 HOH A O   1 
HETATM 1149 O O   . HOH C 3 .   ? -1.923  6.523   5.650   1.00 12.31 ? 2122 HOH A O   1 
HETATM 1150 O O   . HOH C 3 .   ? 2.771   4.405   10.412  1.00 13.41 ? 2123 HOH A O   1 
HETATM 1151 O O   . HOH C 3 .   ? 3.129   2.989   12.757  1.00 33.68 ? 2124 HOH A O   1 
HETATM 1152 O O   . HOH C 3 .   ? -1.436  1.777   17.156  1.00 31.76 ? 2125 HOH A O   1 
HETATM 1153 O O   . HOH C 3 .   ? -5.880  2.034   16.968  1.00 28.05 ? 2126 HOH A O   1 
HETATM 1154 O O   . HOH C 3 .   ? -1.900  3.922   15.750  1.00 33.24 ? 2127 HOH A O   1 
HETATM 1155 O O   . HOH C 3 .   ? 3.095   0.328   18.369  1.00 29.79 ? 2128 HOH A O   1 
HETATM 1156 O O   . HOH C 3 .   ? 0.721   2.289   15.284  1.00 20.83 ? 2129 HOH A O   1 
HETATM 1157 O O   . HOH C 3 .   ? 0.031   -5.405  14.776  1.00 25.37 ? 2130 HOH A O   1 
HETATM 1158 O O   . HOH C 3 .   ? 4.854   0.938   13.209  1.00 20.54 ? 2131 HOH A O   1 
HETATM 1159 O O   . HOH C 3 .   ? -11.046 -3.355  16.544  1.00 20.03 ? 2132 HOH A O   1 
HETATM 1160 O O   . HOH C 3 .   ? -8.143  0.056   17.737  1.00 33.22 ? 2133 HOH A O   1 
HETATM 1161 O O   . HOH C 3 .   ? -9.820  -1.732  11.432  1.00 30.42 ? 2134 HOH A O   1 
HETATM 1162 O O   . HOH C 3 .   ? -4.946  -9.612  12.947  1.00 11.27 ? 2135 HOH A O   1 
HETATM 1163 O O   . HOH C 3 .   ? -8.783  -3.379  9.610   1.00 21.95 ? 2136 HOH A O   1 
HETATM 1164 O O   . HOH C 3 .   ? -9.270  0.593   10.355  1.00 31.33 ? 2137 HOH A O   1 
HETATM 1165 O O   . HOH C 3 .   ? -9.342  9.730   5.382   1.00 20.91 ? 2138 HOH A O   1 
HETATM 1166 O O   . HOH C 3 .   ? -1.350  14.240  0.458   1.00 29.45 ? 2139 HOH A O   1 
HETATM 1167 O O   . HOH C 3 .   ? -4.221  13.151  4.342   1.00 19.32 ? 2140 HOH A O   1 
HETATM 1168 O O   . HOH C 3 .   ? -7.704  13.483  2.811   1.00 22.57 ? 2141 HOH A O   1 
HETATM 1169 O O   . HOH C 3 .   ? -1.969  15.800  -2.147  1.00 25.25 ? 2142 HOH A O   1 
HETATM 1170 O O   . HOH C 3 .   ? -0.997  16.138  -8.142  1.00 28.68 ? 2143 HOH A O   1 
HETATM 1171 O O   . HOH C 3 .   ? -1.069  17.399  -6.273  1.00 36.63 ? 2144 HOH A O   1 
HETATM 1172 O O   . HOH C 3 .   ? 1.099   15.692  -9.903  1.00 31.02 ? 2145 HOH A O   1 
HETATM 1173 O O   . HOH C 3 .   ? -6.134  4.826   -16.638 1.00 19.07 ? 2146 HOH A O   1 
HETATM 1174 O O   . HOH C 3 .   ? -2.599  3.704   -16.679 1.00 30.22 ? 2147 HOH A O   1 
HETATM 1175 O O   . HOH C 3 .   ? -5.269  7.324   -17.412 1.00 32.05 ? 2148 HOH A O   1 
HETATM 1176 O O   . HOH C 3 .   ? -4.388  3.899   -14.748 1.00 9.77  ? 2149 HOH A O   1 
HETATM 1177 O O   . HOH C 3 .   ? -6.884  -8.971  -9.415  1.00 29.04 ? 2150 HOH A O   1 
HETATM 1178 O O   . HOH C 3 .   ? -5.457  -10.576 -8.905  1.00 38.90 ? 2151 HOH A O   1 
HETATM 1179 O O   . HOH C 3 .   ? 13.946  -8.096  0.173   1.00 16.80 ? 2152 HOH A O   1 
HETATM 1180 O O   . HOH C 3 .   ? 6.172   -15.209 7.555   1.00 28.84 ? 2153 HOH A O   1 
HETATM 1181 O O   . HOH C 3 .   ? 9.522   -7.780  6.273   1.00 17.43 ? 2154 HOH A O   1 
HETATM 1182 O O   . HOH C 3 .   ? 12.865  -9.655  6.484   1.00 25.24 ? 2155 HOH A O   1 
HETATM 1183 O O   . HOH C 3 .   ? 13.072  -13.656 4.658   1.00 13.53 ? 2156 HOH A O   1 
HETATM 1184 O O   . HOH C 3 .   ? 17.263  -0.394  13.295  1.00 19.07 ? 2157 HOH A O   1 
HETATM 1185 O O   . HOH C 3 .   ? 15.509  -6.590  8.626   1.00 20.69 ? 2158 HOH A O   1 
HETATM 1186 O O   . HOH C 3 .   ? 12.603  -0.327  13.800  1.00 17.39 ? 2159 HOH A O   1 
HETATM 1187 O O   . HOH C 3 .   ? 12.037  -7.580  4.930   1.00 16.73 ? 2160 HOH A O   1 
HETATM 1188 O O   . HOH C 3 .   ? 15.706  -7.640  7.622   1.00 12.64 ? 2161 HOH A O   1 
HETATM 1189 O O   . HOH C 3 .   ? 19.276  -3.366  1.288   1.00 28.87 ? 2162 HOH A O   1 
HETATM 1190 O O   . HOH C 3 .   ? 15.945  -6.406  -1.689  1.00 31.33 ? 2163 HOH A O   1 
HETATM 1191 O O   . HOH C 3 .   ? 9.558   2.958   -7.831  1.00 21.33 ? 2164 HOH A O   1 
HETATM 1192 O O   . HOH C 3 .   ? 13.151  -2.164  -6.191  1.00 17.06 ? 2165 HOH A O   1 
HETATM 1193 O O   . HOH C 3 .   ? 13.155  0.441   -6.289  1.00 33.94 ? 2166 HOH A O   1 
HETATM 1194 O O   . HOH C 3 .   ? 13.649  -8.939  -7.992  1.00 38.29 ? 2167 HOH A O   1 
HETATM 1195 O O   . HOH C 3 .   ? 11.147  -10.181 -6.215  1.00 15.19 ? 2168 HOH A O   1 
HETATM 1196 O O   . HOH C 3 .   ? 10.954  -11.101 1.907   1.00 12.58 ? 2169 HOH A O   1 
HETATM 1197 O O   . HOH C 3 .   ? 11.343  -13.342 -4.017  1.00 14.98 ? 2170 HOH A O   1 
HETATM 1198 O O   . HOH C 3 .   ? 5.214   -13.026 -4.485  1.00 17.06 ? 2171 HOH A O   1 
HETATM 1199 O O   . HOH C 3 .   ? 8.782   -13.097 -3.710  1.00 23.04 ? 2172 HOH A O   1 
HETATM 1200 O O   . HOH C 3 .   ? 4.143   -15.207 -3.060  1.00 29.88 ? 2173 HOH A O   1 
HETATM 1201 O O   . HOH C 3 .   ? 1.894   -16.897 6.970   0.50 22.71 ? 2174 HOH A O   1 
HETATM 1202 O O   . HOH C 3 .   ? 6.301   -16.005 4.632   1.00 35.68 ? 2175 HOH A O   1 
HETATM 1203 O O   . HOH C 3 .   ? -3.634  -12.808 1.320   1.00 30.31 ? 2176 HOH A O   1 
HETATM 1204 O O   . HOH C 3 .   ? -0.499  -14.459 -0.290  1.00 26.17 ? 2177 HOH A O   1 
HETATM 1205 O O   . HOH C 3 .   ? -3.319  -11.321 -5.371  1.00 25.71 ? 2178 HOH A O   1 
HETATM 1206 O O   . HOH C 3 .   ? -9.235  -7.986  -7.659  1.00 32.94 ? 2179 HOH A O   1 
HETATM 1207 O O   . HOH C 3 .   ? -6.961  -11.388 -7.073  1.00 29.01 ? 2180 HOH A O   1 
HETATM 1208 O O   . HOH C 3 .   ? -12.822 -2.476  -1.175  1.00 26.15 ? 2181 HOH A O   1 
HETATM 1209 O O   . HOH C 3 .   ? -11.272 -4.563  -10.587 1.00 14.39 ? 2182 HOH A O   1 
HETATM 1210 O O   . HOH C 3 .   ? -10.594 -5.649  -7.936  1.00 28.02 ? 2183 HOH A O   1 
HETATM 1211 O O   . HOH C 3 .   ? -13.617 -0.984  -5.029  1.00 18.65 ? 2184 HOH A O   1 
HETATM 1212 O O   . HOH C 3 .   ? 17.011  6.833   11.981  1.00 29.79 ? 2185 HOH A O   1 
HETATM 1213 O O   . HOH C 3 .   ? -13.902 1.566   -8.466  1.00 24.28 ? 2186 HOH A O   1 
HETATM 1214 O O   . HOH C 3 .   ? -10.355 6.718   -15.375 1.00 18.05 ? 2187 HOH A O   1 
HETATM 1215 O O   . HOH C 3 .   ? -14.591 7.182   -11.008 1.00 12.45 ? 2188 HOH A O   1 
HETATM 1216 O O   . HOH C 3 .   ? -14.328 7.260   -16.153 1.00 14.13 ? 2189 HOH A O   1 
HETATM 1217 O O   . HOH C 3 .   ? -16.754 10.914  -15.660 1.00 21.97 ? 2190 HOH A O   1 
HETATM 1218 O O   . HOH C 3 .   ? -9.204  11.013  -17.815 1.00 18.38 ? 2191 HOH A O   1 
HETATM 1219 O O   . HOH C 3 .   ? -12.238 9.525   -16.732 1.00 23.66 ? 2192 HOH A O   1 
HETATM 1220 O O   . HOH C 3 .   ? -14.018 10.576  -18.805 1.00 33.31 ? 2193 HOH A O   1 
HETATM 1221 O O   . HOH C 3 .   ? -18.968 19.182  -14.218 1.00 38.52 ? 2194 HOH A O   1 
HETATM 1222 O O   . HOH D 3 .   ? 11.598  8.465   11.798  1.00 31.05 ? 2001 HOH B O   1 
HETATM 1223 O O   . HOH D 3 .   ? 12.070  2.523   14.215  1.00 19.85 ? 2002 HOH B O   1 
HETATM 1224 O O   . HOH D 3 .   ? 18.992  6.858   18.525  1.00 35.16 ? 2003 HOH B O   1 
HETATM 1225 O O   . HOH D 3 .   ? 17.875  2.172   0.825   1.00 31.66 ? 2004 HOH B O   1 
HETATM 1226 O O   . HOH D 3 .   ? 19.757  3.996   2.875   1.00 30.29 ? 2005 HOH B O   1 
HETATM 1227 O O   . HOH D 3 .   ? 12.442  6.081   12.680  1.00 18.46 ? 2006 HOH B O   1 
HETATM 1228 O O   . HOH D 3 .   ? 15.405  6.336   13.017  1.00 23.55 ? 2007 HOH B O   1 
HETATM 1229 O O   . HOH D 3 .   ? 19.587  5.639   10.715  1.00 33.50 ? 2008 HOH B O   1 
HETATM 1230 O O   . HOH D 3 .   ? 17.516  0.898   2.968   1.00 33.96 ? 2009 HOH B O   1 
HETATM 1231 O O   . HOH D 3 .   ? 19.170  3.580   5.238   1.00 22.15 ? 2010 HOH B O   1 
HETATM 1232 O O   . HOH D 3 .   ? 12.726  8.805   6.346   1.00 29.08 ? 2011 HOH B O   1 
HETATM 1233 O O   . HOH D 3 .   ? 14.939  -0.606  5.121   1.00 20.06 ? 2012 HOH B O   1 
HETATM 1234 O O   . HOH D 3 .   ? 13.581  5.032   1.258   1.00 22.01 ? 2013 HOH B O   1 
HETATM 1235 O O   . HOH D 3 .   ? 15.953  3.373   0.240   1.00 37.68 ? 2014 HOH B O   1 
# 
